data_3F0U
# 
_entry.id   3F0U 
# 
_audit_conform.dict_name       mmcif_pdbx.dic 
_audit_conform.dict_version    5.389 
_audit_conform.dict_location   http://mmcif.pdb.org/dictionaries/ascii/mmcif_pdbx.dic 
# 
loop_
_database_2.database_id 
_database_2.database_code 
_database_2.pdbx_database_accession 
_database_2.pdbx_DOI 
PDB   3F0U         pdb_00003f0u 10.2210/pdb3f0u/pdb 
RCSB  RCSB050004   ?            ?                   
WWPDB D_1000050004 ?            ?                   
# 
loop_
_pdbx_audit_revision_history.ordinal 
_pdbx_audit_revision_history.data_content_type 
_pdbx_audit_revision_history.major_revision 
_pdbx_audit_revision_history.minor_revision 
_pdbx_audit_revision_history.revision_date 
1 'Structure model' 1 0 2009-03-24 
2 'Structure model' 1 1 2011-07-13 
3 'Structure model' 1 2 2013-11-27 
4 'Structure model' 1 3 2017-10-25 
5 'Structure model' 1 4 2021-10-20 
6 'Structure model' 1 5 2023-12-27 
7 'Structure model' 1 6 2024-04-03 
# 
_pdbx_audit_revision_details.ordinal             1 
_pdbx_audit_revision_details.revision_ordinal    1 
_pdbx_audit_revision_details.data_content_type   'Structure model' 
_pdbx_audit_revision_details.provider            repository 
_pdbx_audit_revision_details.type                'Initial release' 
_pdbx_audit_revision_details.description         ? 
_pdbx_audit_revision_details.details             ? 
# 
loop_
_pdbx_audit_revision_group.ordinal 
_pdbx_audit_revision_group.revision_ordinal 
_pdbx_audit_revision_group.data_content_type 
_pdbx_audit_revision_group.group 
1 2 'Structure model' 'Version format compliance' 
2 3 'Structure model' 'Non-polymer description'   
3 4 'Structure model' 'Refinement description'    
4 5 'Structure model' 'Database references'       
5 5 'Structure model' 'Derived calculations'      
6 6 'Structure model' 'Data collection'           
7 7 'Structure model' 'Refinement description'    
# 
loop_
_pdbx_audit_revision_category.ordinal 
_pdbx_audit_revision_category.revision_ordinal 
_pdbx_audit_revision_category.data_content_type 
_pdbx_audit_revision_category.category 
1 4 'Structure model' software                      
2 5 'Structure model' database_2                    
3 5 'Structure model' struct_ref_seq_dif            
4 5 'Structure model' struct_site                   
5 6 'Structure model' chem_comp_atom                
6 6 'Structure model' chem_comp_bond                
7 7 'Structure model' pdbx_initial_refinement_model 
# 
loop_
_pdbx_audit_revision_item.ordinal 
_pdbx_audit_revision_item.revision_ordinal 
_pdbx_audit_revision_item.data_content_type 
_pdbx_audit_revision_item.item 
1  4 'Structure model' '_software.classification'            
2  4 'Structure model' '_software.contact_author'            
3  4 'Structure model' '_software.contact_author_email'      
4  4 'Structure model' '_software.date'                      
5  4 'Structure model' '_software.language'                  
6  4 'Structure model' '_software.location'                  
7  4 'Structure model' '_software.name'                      
8  4 'Structure model' '_software.type'                      
9  4 'Structure model' '_software.version'                   
10 5 'Structure model' '_database_2.pdbx_DOI'                
11 5 'Structure model' '_database_2.pdbx_database_accession' 
12 5 'Structure model' '_struct_ref_seq_dif.details'         
13 5 'Structure model' '_struct_site.pdbx_auth_asym_id'      
14 5 'Structure model' '_struct_site.pdbx_auth_comp_id'      
15 5 'Structure model' '_struct_site.pdbx_auth_seq_id'       
# 
_pdbx_database_status.entry_id                        3F0U 
_pdbx_database_status.deposit_site                    RCSB 
_pdbx_database_status.process_site                    RCSB 
_pdbx_database_status.recvd_initial_deposition_date   2008-10-26 
_pdbx_database_status.status_code                     REL 
_pdbx_database_status.status_code_sf                  REL 
_pdbx_database_status.status_code_mr                  ? 
_pdbx_database_status.SG_entry                        ? 
_pdbx_database_status.status_code_cs                  ? 
_pdbx_database_status.methods_development_category    ? 
_pdbx_database_status.pdb_format_compatible           Y 
_pdbx_database_status.status_code_nmr_data            ? 
# 
loop_
_pdbx_database_related.db_name 
_pdbx_database_related.db_id 
_pdbx_database_related.details 
_pdbx_database_related.content_type 
PDB 3F0B 
;Staphylococcus aureus dihydrofolate reductase complexed with NADPH and 2,4-Diamino-5-[3-(3-methoxy-5-phenylphenyl)but-1-ynyl]-6-methylpyrimidine
;
unspecified 
PDB 3F0Q 
;Staphylococcus aureus dihydrofolate reductase complexed with NADPH and 2,4-Diamino-5-[3-(3-methoxy-5-(2,6-dimethylphenyl)phenyl)but-1-ynyl]-6-methylpyrimidine
;
unspecified 
PDB 3F0S 
;Staphylococcus aureus dihydrofolate reductase complexed with NADPH and 2,4-Diamino-5-[3-(3-methoxy-5-(3,5-dimethylphenyl)phenyl)but-1-ynyl]-6-methylpyrimidine
;
unspecified 
PDB 3F0V 
;Staphylococcus aureus F98Y mutant dihydrofolate reductase complexed with NADPH and 2,4-Diamino-5-[3-(3-methoxy-5-(2,6-dimethylphenyl)phenyl)but-1-ynyl]-6-methylpyrimidine
;
unspecified 
PDB 3F0X 
;Staphylococcus aureus F98Y mutant dihydrofolate reductase complexed with NADPH and 2,4-Diamino-5-[3-(3-methoxy-5-(3,5-dimethylphenyl)phenyl)but-1-ynyl]-6-methylpyrimidine
;
unspecified 
# 
loop_
_audit_author.name 
_audit_author.pdbx_ordinal 
'Anderson, A.C.' 1 
'Frey, K.M.'     2 
'Liu, J.'        3 
'Lombardo, M.N.' 4 
# 
_citation.id                        primary 
_citation.title                     
;Crystal structures of wild-type and mutant methicillin-resistant Staphylococcus aureus dihydrofolate reductase reveal an alternate conformation of NADPH that may be linked to trimethoprim resistance.
;
_citation.journal_abbrev            J.Mol.Biol. 
_citation.journal_volume            387 
_citation.page_first                1298 
_citation.page_last                 1308 
_citation.year                      2009 
_citation.journal_id_ASTM           JMOBAK 
_citation.country                   UK 
_citation.journal_id_ISSN           0022-2836 
_citation.journal_id_CSD            0070 
_citation.book_publisher            ? 
_citation.pdbx_database_id_PubMed   19249312 
_citation.pdbx_database_id_DOI      10.1016/j.jmb.2009.02.045 
# 
loop_
_citation_author.citation_id 
_citation_author.name 
_citation_author.ordinal 
_citation_author.identifier_ORCID 
primary 'Frey, K.M.'     1 ? 
primary 'Liu, J.'        2 ? 
primary 'Lombardo, M.N.' 3 ? 
primary 'Bolstad, D.B.'  4 ? 
primary 'Wright, D.L.'   5 ? 
primary 'Anderson, A.C.' 6 ? 
# 
loop_
_entity.id 
_entity.type 
_entity.src_method 
_entity.pdbx_description 
_entity.formula_weight 
_entity.pdbx_number_of_molecules 
_entity.pdbx_ec 
_entity.pdbx_mutation 
_entity.pdbx_fragment 
_entity.details 
1 polymer     man 'Trimethoprim-sensitive dihydrofolate reductase'                                  18031.557 1   1.5.1.3 F98Y ? ? 
2 non-polymer syn 'NADPH DIHYDRO-NICOTINAMIDE-ADENINE-DINUCLEOTIDE PHOSPHATE'                       745.421   1   ?       ?    ? ? 
3 non-polymer syn '5-[(3R)-3-(5-methoxybiphenyl-3-yl)but-1-yn-1-yl]-6-methylpyrimidine-2,4-diamine' 358.436   1   ?       ?    ? ? 
4 water       nat water                                                                             18.015    159 ?       ?    ? ? 
# 
_entity_poly.entity_id                      1 
_entity_poly.type                           'polypeptide(L)' 
_entity_poly.nstd_linkage                   no 
_entity_poly.nstd_monomer                   no 
_entity_poly.pdbx_seq_one_letter_code       
;TLSILVAHDLQRVIGFENQLPWHLPNDLKHVKKLSTGHTLVMGRKTFESIGKPLPNRRNVVLTSDTSFNVEGVDVIHSIE
DIYQLPGHVFIFGGQTLYEEMIDKVDDMYITVIEGKFRGDTFFPPYTFEDWEVASSVEGKLDEKNTIPHTFLHLIRK
;
_entity_poly.pdbx_seq_one_letter_code_can   
;TLSILVAHDLQRVIGFENQLPWHLPNDLKHVKKLSTGHTLVMGRKTFESIGKPLPNRRNVVLTSDTSFNVEGVDVIHSIE
DIYQLPGHVFIFGGQTLYEEMIDKVDDMYITVIEGKFRGDTFFPPYTFEDWEVASSVEGKLDEKNTIPHTFLHLIRK
;
_entity_poly.pdbx_strand_id                 X 
_entity_poly.pdbx_target_identifier         ? 
# 
loop_
_pdbx_entity_nonpoly.entity_id 
_pdbx_entity_nonpoly.name 
_pdbx_entity_nonpoly.comp_id 
2 'NADPH DIHYDRO-NICOTINAMIDE-ADENINE-DINUCLEOTIDE PHOSPHATE'                       NDP 
3 '5-[(3R)-3-(5-methoxybiphenyl-3-yl)but-1-yn-1-yl]-6-methylpyrimidine-2,4-diamine' 53R 
4 water                                                                             HOH 
# 
loop_
_entity_poly_seq.entity_id 
_entity_poly_seq.num 
_entity_poly_seq.mon_id 
_entity_poly_seq.hetero 
1 1   THR n 
1 2   LEU n 
1 3   SER n 
1 4   ILE n 
1 5   LEU n 
1 6   VAL n 
1 7   ALA n 
1 8   HIS n 
1 9   ASP n 
1 10  LEU n 
1 11  GLN n 
1 12  ARG n 
1 13  VAL n 
1 14  ILE n 
1 15  GLY n 
1 16  PHE n 
1 17  GLU n 
1 18  ASN n 
1 19  GLN n 
1 20  LEU n 
1 21  PRO n 
1 22  TRP n 
1 23  HIS n 
1 24  LEU n 
1 25  PRO n 
1 26  ASN n 
1 27  ASP n 
1 28  LEU n 
1 29  LYS n 
1 30  HIS n 
1 31  VAL n 
1 32  LYS n 
1 33  LYS n 
1 34  LEU n 
1 35  SER n 
1 36  THR n 
1 37  GLY n 
1 38  HIS n 
1 39  THR n 
1 40  LEU n 
1 41  VAL n 
1 42  MET n 
1 43  GLY n 
1 44  ARG n 
1 45  LYS n 
1 46  THR n 
1 47  PHE n 
1 48  GLU n 
1 49  SER n 
1 50  ILE n 
1 51  GLY n 
1 52  LYS n 
1 53  PRO n 
1 54  LEU n 
1 55  PRO n 
1 56  ASN n 
1 57  ARG n 
1 58  ARG n 
1 59  ASN n 
1 60  VAL n 
1 61  VAL n 
1 62  LEU n 
1 63  THR n 
1 64  SER n 
1 65  ASP n 
1 66  THR n 
1 67  SER n 
1 68  PHE n 
1 69  ASN n 
1 70  VAL n 
1 71  GLU n 
1 72  GLY n 
1 73  VAL n 
1 74  ASP n 
1 75  VAL n 
1 76  ILE n 
1 77  HIS n 
1 78  SER n 
1 79  ILE n 
1 80  GLU n 
1 81  ASP n 
1 82  ILE n 
1 83  TYR n 
1 84  GLN n 
1 85  LEU n 
1 86  PRO n 
1 87  GLY n 
1 88  HIS n 
1 89  VAL n 
1 90  PHE n 
1 91  ILE n 
1 92  PHE n 
1 93  GLY n 
1 94  GLY n 
1 95  GLN n 
1 96  THR n 
1 97  LEU n 
1 98  TYR n 
1 99  GLU n 
1 100 GLU n 
1 101 MET n 
1 102 ILE n 
1 103 ASP n 
1 104 LYS n 
1 105 VAL n 
1 106 ASP n 
1 107 ASP n 
1 108 MET n 
1 109 TYR n 
1 110 ILE n 
1 111 THR n 
1 112 VAL n 
1 113 ILE n 
1 114 GLU n 
1 115 GLY n 
1 116 LYS n 
1 117 PHE n 
1 118 ARG n 
1 119 GLY n 
1 120 ASP n 
1 121 THR n 
1 122 PHE n 
1 123 PHE n 
1 124 PRO n 
1 125 PRO n 
1 126 TYR n 
1 127 THR n 
1 128 PHE n 
1 129 GLU n 
1 130 ASP n 
1 131 TRP n 
1 132 GLU n 
1 133 VAL n 
1 134 ALA n 
1 135 SER n 
1 136 SER n 
1 137 VAL n 
1 138 GLU n 
1 139 GLY n 
1 140 LYS n 
1 141 LEU n 
1 142 ASP n 
1 143 GLU n 
1 144 LYS n 
1 145 ASN n 
1 146 THR n 
1 147 ILE n 
1 148 PRO n 
1 149 HIS n 
1 150 THR n 
1 151 PHE n 
1 152 LEU n 
1 153 HIS n 
1 154 LEU n 
1 155 ILE n 
1 156 ARG n 
1 157 LYS n 
# 
_entity_src_gen.entity_id                          1 
_entity_src_gen.pdbx_src_id                        1 
_entity_src_gen.pdbx_alt_source_flag               sample 
_entity_src_gen.pdbx_seq_type                      ? 
_entity_src_gen.pdbx_beg_seq_num                   ? 
_entity_src_gen.pdbx_end_seq_num                   ? 
_entity_src_gen.gene_src_common_name               ? 
_entity_src_gen.gene_src_genus                     ? 
_entity_src_gen.pdbx_gene_src_gene                 dfrB 
_entity_src_gen.gene_src_species                   ? 
_entity_src_gen.gene_src_strain                    ? 
_entity_src_gen.gene_src_tissue                    ? 
_entity_src_gen.gene_src_tissue_fraction           ? 
_entity_src_gen.gene_src_details                   ? 
_entity_src_gen.pdbx_gene_src_fragment             ? 
_entity_src_gen.pdbx_gene_src_scientific_name      'Staphylococcus aureus RF122' 
_entity_src_gen.pdbx_gene_src_ncbi_taxonomy_id     273036 
_entity_src_gen.pdbx_gene_src_variant              ? 
_entity_src_gen.pdbx_gene_src_cell_line            ? 
_entity_src_gen.pdbx_gene_src_atcc                 ? 
_entity_src_gen.pdbx_gene_src_organ                ? 
_entity_src_gen.pdbx_gene_src_organelle            ? 
_entity_src_gen.pdbx_gene_src_cell                 ? 
_entity_src_gen.pdbx_gene_src_cellular_location    ? 
_entity_src_gen.host_org_common_name               ? 
_entity_src_gen.pdbx_host_org_scientific_name      'Escherichia coli' 
_entity_src_gen.pdbx_host_org_ncbi_taxonomy_id     562 
_entity_src_gen.host_org_genus                     ? 
_entity_src_gen.pdbx_host_org_gene                 ? 
_entity_src_gen.pdbx_host_org_organ                ? 
_entity_src_gen.host_org_species                   ? 
_entity_src_gen.pdbx_host_org_tissue               ? 
_entity_src_gen.pdbx_host_org_tissue_fraction      ? 
_entity_src_gen.pdbx_host_org_strain               'BL21(DE3)' 
_entity_src_gen.pdbx_host_org_variant              ? 
_entity_src_gen.pdbx_host_org_cell_line            ? 
_entity_src_gen.pdbx_host_org_atcc                 ? 
_entity_src_gen.pdbx_host_org_culture_collection   ? 
_entity_src_gen.pdbx_host_org_cell                 ? 
_entity_src_gen.pdbx_host_org_organelle            ? 
_entity_src_gen.pdbx_host_org_cellular_location    ? 
_entity_src_gen.pdbx_host_org_vector_type          Plasmid 
_entity_src_gen.pdbx_host_org_vector               ? 
_entity_src_gen.host_org_details                   ? 
_entity_src_gen.expression_system_id               ? 
_entity_src_gen.plasmid_name                       pET41 
_entity_src_gen.plasmid_details                    ? 
_entity_src_gen.pdbx_description                   ? 
# 
loop_
_chem_comp.id 
_chem_comp.type 
_chem_comp.mon_nstd_flag 
_chem_comp.name 
_chem_comp.pdbx_synonyms 
_chem_comp.formula 
_chem_comp.formula_weight 
53R non-polymer         . '5-[(3R)-3-(5-methoxybiphenyl-3-yl)but-1-yn-1-yl]-6-methylpyrimidine-2,4-diamine' ? 'C22 H22 N4 O'      
358.436 
ALA 'L-peptide linking' y ALANINE                                                                           ? 'C3 H7 N O2'        
89.093  
ARG 'L-peptide linking' y ARGININE                                                                          ? 'C6 H15 N4 O2 1'    
175.209 
ASN 'L-peptide linking' y ASPARAGINE                                                                        ? 'C4 H8 N2 O3'       
132.118 
ASP 'L-peptide linking' y 'ASPARTIC ACID'                                                                   ? 'C4 H7 N O4'        
133.103 
GLN 'L-peptide linking' y GLUTAMINE                                                                         ? 'C5 H10 N2 O3'      
146.144 
GLU 'L-peptide linking' y 'GLUTAMIC ACID'                                                                   ? 'C5 H9 N O4'        
147.129 
GLY 'peptide linking'   y GLYCINE                                                                           ? 'C2 H5 N O2'        
75.067  
HIS 'L-peptide linking' y HISTIDINE                                                                         ? 'C6 H10 N3 O2 1'    
156.162 
HOH non-polymer         . WATER                                                                             ? 'H2 O'              
18.015  
ILE 'L-peptide linking' y ISOLEUCINE                                                                        ? 'C6 H13 N O2'       
131.173 
LEU 'L-peptide linking' y LEUCINE                                                                           ? 'C6 H13 N O2'       
131.173 
LYS 'L-peptide linking' y LYSINE                                                                            ? 'C6 H15 N2 O2 1'    
147.195 
MET 'L-peptide linking' y METHIONINE                                                                        ? 'C5 H11 N O2 S'     
149.211 
NDP non-polymer         . 'NADPH DIHYDRO-NICOTINAMIDE-ADENINE-DINUCLEOTIDE PHOSPHATE'                       ? 'C21 H30 N7 O17 P3' 
745.421 
PHE 'L-peptide linking' y PHENYLALANINE                                                                     ? 'C9 H11 N O2'       
165.189 
PRO 'L-peptide linking' y PROLINE                                                                           ? 'C5 H9 N O2'        
115.130 
SER 'L-peptide linking' y SERINE                                                                            ? 'C3 H7 N O3'        
105.093 
THR 'L-peptide linking' y THREONINE                                                                         ? 'C4 H9 N O3'        
119.119 
TRP 'L-peptide linking' y TRYPTOPHAN                                                                        ? 'C11 H12 N2 O2'     
204.225 
TYR 'L-peptide linking' y TYROSINE                                                                          ? 'C9 H11 N O3'       
181.189 
VAL 'L-peptide linking' y VALINE                                                                            ? 'C5 H11 N O2'       
117.146 
# 
loop_
_pdbx_poly_seq_scheme.asym_id 
_pdbx_poly_seq_scheme.entity_id 
_pdbx_poly_seq_scheme.seq_id 
_pdbx_poly_seq_scheme.mon_id 
_pdbx_poly_seq_scheme.ndb_seq_num 
_pdbx_poly_seq_scheme.pdb_seq_num 
_pdbx_poly_seq_scheme.auth_seq_num 
_pdbx_poly_seq_scheme.pdb_mon_id 
_pdbx_poly_seq_scheme.auth_mon_id 
_pdbx_poly_seq_scheme.pdb_strand_id 
_pdbx_poly_seq_scheme.pdb_ins_code 
_pdbx_poly_seq_scheme.hetero 
A 1 1   THR 1   1   1   THR THR X . n 
A 1 2   LEU 2   2   2   LEU LEU X . n 
A 1 3   SER 3   3   3   SER SER X . n 
A 1 4   ILE 4   4   4   ILE ILE X . n 
A 1 5   LEU 5   5   5   LEU LEU X . n 
A 1 6   VAL 6   6   6   VAL VAL X . n 
A 1 7   ALA 7   7   7   ALA ALA X . n 
A 1 8   HIS 8   8   8   HIS HIS X . n 
A 1 9   ASP 9   9   9   ASP ASP X . n 
A 1 10  LEU 10  10  10  LEU LEU X . n 
A 1 11  GLN 11  11  11  GLN GLN X . n 
A 1 12  ARG 12  12  12  ARG ARG X . n 
A 1 13  VAL 13  13  13  VAL VAL X . n 
A 1 14  ILE 14  14  14  ILE ILE X . n 
A 1 15  GLY 15  15  15  GLY GLY X . n 
A 1 16  PHE 16  16  16  PHE PHE X . n 
A 1 17  GLU 17  17  17  GLU GLU X . n 
A 1 18  ASN 18  18  18  ASN ASN X . n 
A 1 19  GLN 19  19  19  GLN GLN X . n 
A 1 20  LEU 20  20  20  LEU LEU X . n 
A 1 21  PRO 21  21  21  PRO PRO X . n 
A 1 22  TRP 22  22  22  TRP TRP X . n 
A 1 23  HIS 23  23  23  HIS HIS X . n 
A 1 24  LEU 24  24  24  LEU LEU X . n 
A 1 25  PRO 25  25  25  PRO PRO X . n 
A 1 26  ASN 26  26  26  ASN ASN X . n 
A 1 27  ASP 27  27  27  ASP ASP X . n 
A 1 28  LEU 28  28  28  LEU LEU X . n 
A 1 29  LYS 29  29  29  LYS LYS X . n 
A 1 30  HIS 30  30  30  HIS HIS X . n 
A 1 31  VAL 31  31  31  VAL VAL X . n 
A 1 32  LYS 32  32  32  LYS LYS X . n 
A 1 33  LYS 33  33  33  LYS LYS X . n 
A 1 34  LEU 34  34  34  LEU LEU X . n 
A 1 35  SER 35  35  35  SER SER X . n 
A 1 36  THR 36  36  36  THR THR X . n 
A 1 37  GLY 37  37  37  GLY GLY X . n 
A 1 38  HIS 38  38  38  HIS HIS X . n 
A 1 39  THR 39  39  39  THR THR X . n 
A 1 40  LEU 40  40  40  LEU LEU X . n 
A 1 41  VAL 41  41  41  VAL VAL X . n 
A 1 42  MET 42  42  42  MET MET X . n 
A 1 43  GLY 43  43  43  GLY GLY X . n 
A 1 44  ARG 44  44  44  ARG ARG X . n 
A 1 45  LYS 45  45  45  LYS LYS X . n 
A 1 46  THR 46  46  46  THR THR X . n 
A 1 47  PHE 47  47  47  PHE PHE X . n 
A 1 48  GLU 48  48  48  GLU GLU X . n 
A 1 49  SER 49  49  49  SER SER X . n 
A 1 50  ILE 50  50  50  ILE ILE X . n 
A 1 51  GLY 51  51  51  GLY GLY X . n 
A 1 52  LYS 52  52  52  LYS LYS X . n 
A 1 53  PRO 53  53  53  PRO PRO X . n 
A 1 54  LEU 54  54  54  LEU LEU X . n 
A 1 55  PRO 55  55  55  PRO PRO X . n 
A 1 56  ASN 56  56  56  ASN ASN X . n 
A 1 57  ARG 57  57  57  ARG ARG X . n 
A 1 58  ARG 58  58  58  ARG ARG X . n 
A 1 59  ASN 59  59  59  ASN ASN X . n 
A 1 60  VAL 60  60  60  VAL VAL X . n 
A 1 61  VAL 61  61  61  VAL VAL X . n 
A 1 62  LEU 62  62  62  LEU LEU X . n 
A 1 63  THR 63  63  63  THR THR X . n 
A 1 64  SER 64  64  64  SER SER X . n 
A 1 65  ASP 65  65  65  ASP ASP X . n 
A 1 66  THR 66  66  66  THR THR X . n 
A 1 67  SER 67  67  67  SER SER X . n 
A 1 68  PHE 68  68  68  PHE PHE X . n 
A 1 69  ASN 69  69  69  ASN ASN X . n 
A 1 70  VAL 70  70  70  VAL VAL X . n 
A 1 71  GLU 71  71  71  GLU GLU X . n 
A 1 72  GLY 72  72  72  GLY GLY X . n 
A 1 73  VAL 73  73  73  VAL VAL X . n 
A 1 74  ASP 74  74  74  ASP ASP X . n 
A 1 75  VAL 75  75  75  VAL VAL X . n 
A 1 76  ILE 76  76  76  ILE ILE X . n 
A 1 77  HIS 77  77  77  HIS HIS X . n 
A 1 78  SER 78  78  78  SER SER X . n 
A 1 79  ILE 79  79  79  ILE ILE X . n 
A 1 80  GLU 80  80  80  GLU GLU X . n 
A 1 81  ASP 81  81  81  ASP ASP X . n 
A 1 82  ILE 82  82  82  ILE ILE X . n 
A 1 83  TYR 83  83  83  TYR TYR X . n 
A 1 84  GLN 84  84  84  GLN GLN X . n 
A 1 85  LEU 85  85  85  LEU LEU X . n 
A 1 86  PRO 86  86  86  PRO PRO X . n 
A 1 87  GLY 87  87  87  GLY GLY X . n 
A 1 88  HIS 88  88  88  HIS HIS X . n 
A 1 89  VAL 89  89  89  VAL VAL X . n 
A 1 90  PHE 90  90  90  PHE PHE X . n 
A 1 91  ILE 91  91  91  ILE ILE X . n 
A 1 92  PHE 92  92  92  PHE PHE X . n 
A 1 93  GLY 93  93  93  GLY GLY X . n 
A 1 94  GLY 94  94  94  GLY GLY X . n 
A 1 95  GLN 95  95  95  GLN GLN X . n 
A 1 96  THR 96  96  96  THR THR X . n 
A 1 97  LEU 97  97  97  LEU LEU X . n 
A 1 98  TYR 98  98  98  TYR TYR X . n 
A 1 99  GLU 99  99  99  GLU GLU X . n 
A 1 100 GLU 100 100 100 GLU GLU X . n 
A 1 101 MET 101 101 101 MET MET X . n 
A 1 102 ILE 102 102 102 ILE ILE X . n 
A 1 103 ASP 103 103 103 ASP ASP X . n 
A 1 104 LYS 104 104 104 LYS LYS X . n 
A 1 105 VAL 105 105 105 VAL VAL X . n 
A 1 106 ASP 106 106 106 ASP ASP X . n 
A 1 107 ASP 107 107 107 ASP ASP X . n 
A 1 108 MET 108 108 108 MET MET X . n 
A 1 109 TYR 109 109 109 TYR TYR X . n 
A 1 110 ILE 110 110 110 ILE ILE X . n 
A 1 111 THR 111 111 111 THR THR X . n 
A 1 112 VAL 112 112 112 VAL VAL X . n 
A 1 113 ILE 113 113 113 ILE ILE X . n 
A 1 114 GLU 114 114 114 GLU GLU X . n 
A 1 115 GLY 115 115 115 GLY GLY X . n 
A 1 116 LYS 116 116 116 LYS LYS X . n 
A 1 117 PHE 117 117 117 PHE PHE X . n 
A 1 118 ARG 118 118 118 ARG ARG X . n 
A 1 119 GLY 119 119 119 GLY GLY X . n 
A 1 120 ASP 120 120 120 ASP ASP X . n 
A 1 121 THR 121 121 121 THR THR X . n 
A 1 122 PHE 122 122 122 PHE PHE X . n 
A 1 123 PHE 123 123 123 PHE PHE X . n 
A 1 124 PRO 124 124 124 PRO PRO X . n 
A 1 125 PRO 125 125 125 PRO PRO X . n 
A 1 126 TYR 126 126 126 TYR TYR X . n 
A 1 127 THR 127 127 127 THR THR X . n 
A 1 128 PHE 128 128 128 PHE PHE X . n 
A 1 129 GLU 129 129 129 GLU GLU X . n 
A 1 130 ASP 130 130 130 ASP ASP X . n 
A 1 131 TRP 131 131 131 TRP TRP X . n 
A 1 132 GLU 132 132 132 GLU GLU X . n 
A 1 133 VAL 133 133 133 VAL VAL X . n 
A 1 134 ALA 134 134 134 ALA ALA X . n 
A 1 135 SER 135 135 135 SER SER X . n 
A 1 136 SER 136 136 136 SER SER X . n 
A 1 137 VAL 137 137 137 VAL VAL X . n 
A 1 138 GLU 138 138 138 GLU GLU X . n 
A 1 139 GLY 139 139 139 GLY GLY X . n 
A 1 140 LYS 140 140 140 LYS LYS X . n 
A 1 141 LEU 141 141 141 LEU LEU X . n 
A 1 142 ASP 142 142 142 ASP ASP X . n 
A 1 143 GLU 143 143 143 GLU GLU X . n 
A 1 144 LYS 144 144 144 LYS LYS X . n 
A 1 145 ASN 145 145 145 ASN ASN X . n 
A 1 146 THR 146 146 146 THR THR X . n 
A 1 147 ILE 147 147 147 ILE ILE X . n 
A 1 148 PRO 148 148 148 PRO PRO X . n 
A 1 149 HIS 149 149 149 HIS HIS X . n 
A 1 150 THR 150 150 150 THR THR X . n 
A 1 151 PHE 151 151 151 PHE PHE X . n 
A 1 152 LEU 152 152 152 LEU LEU X . n 
A 1 153 HIS 153 153 153 HIS HIS X . n 
A 1 154 LEU 154 154 154 LEU LEU X . n 
A 1 155 ILE 155 155 155 ILE ILE X . n 
A 1 156 ARG 156 156 156 ARG ARG X . n 
A 1 157 LYS 157 157 157 LYS LYS X . n 
# 
loop_
_pdbx_nonpoly_scheme.asym_id 
_pdbx_nonpoly_scheme.entity_id 
_pdbx_nonpoly_scheme.mon_id 
_pdbx_nonpoly_scheme.ndb_seq_num 
_pdbx_nonpoly_scheme.pdb_seq_num 
_pdbx_nonpoly_scheme.auth_seq_num 
_pdbx_nonpoly_scheme.pdb_mon_id 
_pdbx_nonpoly_scheme.auth_mon_id 
_pdbx_nonpoly_scheme.pdb_strand_id 
_pdbx_nonpoly_scheme.pdb_ins_code 
B 2 NDP 1   207 207 NDP NAP X . 
C 3 53R 1   158 1   53R 53R X . 
D 4 HOH 1   159 159 HOH HOH X . 
D 4 HOH 2   160 160 HOH HOH X . 
D 4 HOH 3   161 161 HOH HOH X . 
D 4 HOH 4   162 162 HOH HOH X . 
D 4 HOH 5   163 1   HOH HOH X . 
D 4 HOH 6   164 2   HOH HOH X . 
D 4 HOH 7   165 3   HOH HOH X . 
D 4 HOH 8   166 4   HOH HOH X . 
D 4 HOH 9   167 5   HOH HOH X . 
D 4 HOH 10  168 6   HOH HOH X . 
D 4 HOH 11  169 7   HOH HOH X . 
D 4 HOH 12  170 8   HOH HOH X . 
D 4 HOH 13  171 9   HOH HOH X . 
D 4 HOH 14  172 10  HOH HOH X . 
D 4 HOH 15  173 11  HOH HOH X . 
D 4 HOH 16  174 12  HOH HOH X . 
D 4 HOH 17  175 13  HOH HOH X . 
D 4 HOH 18  176 14  HOH HOH X . 
D 4 HOH 19  177 15  HOH HOH X . 
D 4 HOH 20  178 16  HOH HOH X . 
D 4 HOH 21  179 17  HOH HOH X . 
D 4 HOH 22  180 18  HOH HOH X . 
D 4 HOH 23  181 19  HOH HOH X . 
D 4 HOH 24  182 20  HOH HOH X . 
D 4 HOH 25  183 21  HOH HOH X . 
D 4 HOH 26  184 22  HOH HOH X . 
D 4 HOH 27  185 23  HOH HOH X . 
D 4 HOH 28  186 24  HOH HOH X . 
D 4 HOH 29  187 25  HOH HOH X . 
D 4 HOH 30  188 26  HOH HOH X . 
D 4 HOH 31  189 27  HOH HOH X . 
D 4 HOH 32  190 28  HOH HOH X . 
D 4 HOH 33  191 29  HOH HOH X . 
D 4 HOH 34  192 31  HOH HOH X . 
D 4 HOH 35  193 32  HOH HOH X . 
D 4 HOH 36  194 33  HOH HOH X . 
D 4 HOH 37  195 34  HOH HOH X . 
D 4 HOH 38  196 35  HOH HOH X . 
D 4 HOH 39  197 36  HOH HOH X . 
D 4 HOH 40  198 37  HOH HOH X . 
D 4 HOH 41  199 38  HOH HOH X . 
D 4 HOH 42  200 39  HOH HOH X . 
D 4 HOH 43  201 40  HOH HOH X . 
D 4 HOH 44  202 42  HOH HOH X . 
D 4 HOH 45  203 44  HOH HOH X . 
D 4 HOH 46  204 45  HOH HOH X . 
D 4 HOH 47  205 46  HOH HOH X . 
D 4 HOH 48  206 48  HOH HOH X . 
D 4 HOH 49  208 49  HOH HOH X . 
D 4 HOH 50  209 50  HOH HOH X . 
D 4 HOH 51  210 51  HOH HOH X . 
D 4 HOH 52  211 53  HOH HOH X . 
D 4 HOH 53  212 54  HOH HOH X . 
D 4 HOH 54  213 55  HOH HOH X . 
D 4 HOH 55  214 56  HOH HOH X . 
D 4 HOH 56  215 57  HOH HOH X . 
D 4 HOH 57  216 58  HOH HOH X . 
D 4 HOH 58  217 59  HOH HOH X . 
D 4 HOH 59  218 60  HOH HOH X . 
D 4 HOH 60  219 61  HOH HOH X . 
D 4 HOH 61  220 62  HOH HOH X . 
D 4 HOH 62  221 63  HOH HOH X . 
D 4 HOH 63  222 64  HOH HOH X . 
D 4 HOH 64  223 66  HOH HOH X . 
D 4 HOH 65  224 67  HOH HOH X . 
D 4 HOH 66  225 68  HOH HOH X . 
D 4 HOH 67  226 69  HOH HOH X . 
D 4 HOH 68  227 70  HOH HOH X . 
D 4 HOH 69  228 71  HOH HOH X . 
D 4 HOH 70  229 72  HOH HOH X . 
D 4 HOH 71  230 73  HOH HOH X . 
D 4 HOH 72  231 74  HOH HOH X . 
D 4 HOH 73  232 75  HOH HOH X . 
D 4 HOH 74  233 76  HOH HOH X . 
D 4 HOH 75  234 77  HOH HOH X . 
D 4 HOH 76  235 78  HOH HOH X . 
D 4 HOH 77  236 79  HOH HOH X . 
D 4 HOH 78  237 80  HOH HOH X . 
D 4 HOH 79  238 81  HOH HOH X . 
D 4 HOH 80  239 82  HOH HOH X . 
D 4 HOH 81  240 83  HOH HOH X . 
D 4 HOH 82  241 85  HOH HOH X . 
D 4 HOH 83  242 86  HOH HOH X . 
D 4 HOH 84  243 87  HOH HOH X . 
D 4 HOH 85  244 88  HOH HOH X . 
D 4 HOH 86  245 89  HOH HOH X . 
D 4 HOH 87  246 90  HOH HOH X . 
D 4 HOH 88  247 91  HOH HOH X . 
D 4 HOH 89  248 92  HOH HOH X . 
D 4 HOH 90  249 93  HOH HOH X . 
D 4 HOH 91  250 94  HOH HOH X . 
D 4 HOH 92  251 95  HOH HOH X . 
D 4 HOH 93  252 96  HOH HOH X . 
D 4 HOH 94  253 97  HOH HOH X . 
D 4 HOH 95  254 98  HOH HOH X . 
D 4 HOH 96  255 100 HOH HOH X . 
D 4 HOH 97  256 101 HOH HOH X . 
D 4 HOH 98  257 102 HOH HOH X . 
D 4 HOH 99  258 103 HOH HOH X . 
D 4 HOH 100 259 104 HOH HOH X . 
D 4 HOH 101 260 105 HOH HOH X . 
D 4 HOH 102 261 106 HOH HOH X . 
D 4 HOH 103 262 107 HOH HOH X . 
D 4 HOH 104 263 108 HOH HOH X . 
D 4 HOH 105 264 109 HOH HOH X . 
D 4 HOH 106 265 110 HOH HOH X . 
D 4 HOH 107 266 111 HOH HOH X . 
D 4 HOH 108 267 112 HOH HOH X . 
D 4 HOH 109 268 113 HOH HOH X . 
D 4 HOH 110 269 114 HOH HOH X . 
D 4 HOH 111 270 116 HOH HOH X . 
D 4 HOH 112 271 117 HOH HOH X . 
D 4 HOH 113 272 118 HOH HOH X . 
D 4 HOH 114 273 119 HOH HOH X . 
D 4 HOH 115 274 120 HOH HOH X . 
D 4 HOH 116 275 121 HOH HOH X . 
D 4 HOH 117 276 122 HOH HOH X . 
D 4 HOH 118 277 123 HOH HOH X . 
D 4 HOH 119 278 125 HOH HOH X . 
D 4 HOH 120 279 126 HOH HOH X . 
D 4 HOH 121 280 127 HOH HOH X . 
D 4 HOH 122 281 128 HOH HOH X . 
D 4 HOH 123 282 129 HOH HOH X . 
D 4 HOH 124 283 130 HOH HOH X . 
D 4 HOH 125 284 131 HOH HOH X . 
D 4 HOH 126 285 133 HOH HOH X . 
D 4 HOH 127 286 135 HOH HOH X . 
D 4 HOH 128 287 136 HOH HOH X . 
D 4 HOH 129 288 138 HOH HOH X . 
D 4 HOH 130 289 139 HOH HOH X . 
D 4 HOH 131 290 140 HOH HOH X . 
D 4 HOH 132 291 141 HOH HOH X . 
D 4 HOH 133 292 142 HOH HOH X . 
D 4 HOH 134 293 143 HOH HOH X . 
D 4 HOH 135 294 144 HOH HOH X . 
D 4 HOH 136 295 145 HOH HOH X . 
D 4 HOH 137 296 147 HOH HOH X . 
D 4 HOH 138 297 148 HOH HOH X . 
D 4 HOH 139 298 149 HOH HOH X . 
D 4 HOH 140 299 150 HOH HOH X . 
D 4 HOH 141 300 152 HOH HOH X . 
D 4 HOH 142 301 153 HOH HOH X . 
D 4 HOH 143 302 154 HOH HOH X . 
D 4 HOH 144 303 155 HOH HOH X . 
D 4 HOH 145 304 156 HOH HOH X . 
D 4 HOH 146 305 157 HOH HOH X . 
D 4 HOH 147 306 158 HOH HOH X . 
D 4 HOH 148 307 1   HOH HOH X . 
D 4 HOH 149 308 2   HOH HOH X . 
D 4 HOH 150 309 3   HOH HOH X . 
D 4 HOH 151 310 4   HOH HOH X . 
D 4 HOH 152 311 5   HOH HOH X . 
D 4 HOH 153 312 6   HOH HOH X . 
D 4 HOH 154 313 7   HOH HOH X . 
D 4 HOH 155 314 8   HOH HOH X . 
D 4 HOH 156 315 9   HOH HOH X . 
D 4 HOH 157 316 10  HOH HOH X . 
D 4 HOH 158 317 1   HOH HOH X . 
D 4 HOH 159 318 318 HOH HOH X . 
# 
loop_
_software.name 
_software.version 
_software.date 
_software.type 
_software.contact_author 
_software.contact_author_email 
_software.classification 
_software.location 
_software.language 
_software.citation_id 
_software.pdbx_ordinal 
DENZO       .        ?               package 'Zbyszek Otwinowski' hkl@hkl-xray.com      'data reduction'  http://www.hkl-xray.com/ 
?          ? 1 
SCALEPACK   .        ?               package 'Zbyszek Otwinowski' hkl@hkl-xray.com      'data scaling'    http://www.hkl-xray.com/ 
?          ? 2 
REFMAC      5.2.0019 ?               program 'Garib N. Murshudov' garib@ysbl.york.ac.uk refinement        
http://www.ccp4.ac.uk/dist/html/refmac5.html Fortran_77 ? 3 
PDB_EXTRACT 3.006    'June 11, 2008' package PDB                  help@deposit.rcsb.org 'data extraction' 
http://sw-tools.pdb.org/apps/PDB_EXTRACT/    C++        ? 4 
CBASS       .        ?               ?       ?                    ?                     'data collection' ? ?          ? 5 
HKL-2000    .        ?               ?       ?                    ?                     'data reduction'  ? ?          ? 6 
Coot        .        ?               ?       ?                    ?                     'model building'  ? ?          ? 7 
# 
_cell.entry_id           3F0U 
_cell.length_a           79.134 
_cell.length_b           79.134 
_cell.length_c           109.169 
_cell.angle_alpha        90.00 
_cell.angle_beta         90.00 
_cell.angle_gamma        120.00 
_cell.Z_PDB              12 
_cell.pdbx_unique_axis   ? 
_cell.length_a_esd       ? 
_cell.length_b_esd       ? 
_cell.length_c_esd       ? 
_cell.angle_alpha_esd    ? 
_cell.angle_beta_esd     ? 
_cell.angle_gamma_esd    ? 
# 
_symmetry.entry_id                         3F0U 
_symmetry.space_group_name_H-M             'P 61 2 2' 
_symmetry.pdbx_full_space_group_name_H-M   ? 
_symmetry.cell_setting                     ? 
_symmetry.Int_Tables_number                178 
_symmetry.space_group_name_Hall            ? 
# 
_exptl.crystals_number   1 
_exptl.entry_id          3F0U 
_exptl.method            'X-RAY DIFFRACTION' 
# 
_exptl_crystal.id                    1 
_exptl_crystal.density_Matthews      2.74 
_exptl_crystal.density_meas          ? 
_exptl_crystal.density_percent_sol   55.05 
_exptl_crystal.description           ? 
_exptl_crystal.F_000                 ? 
_exptl_crystal.preparation           ? 
# 
_exptl_crystal_grow.crystal_id      1 
_exptl_crystal_grow.method          'VAPOR DIFFUSION, HANGING DROP' 
_exptl_crystal_grow.pH              6.5 
_exptl_crystal_grow.temp            277 
_exptl_crystal_grow.temp_details    ? 
_exptl_crystal_grow.pdbx_details    
'15 % PEG 10000, 150 mM Sodium acetate, 100 mM MES pH 6.5, 5 % Butyrlactone, VAPOR DIFFUSION, HANGING DROP, temperature 277K' 
_exptl_crystal_grow.pdbx_pH_range   ? 
# 
_diffrn.id                     1 
_diffrn.ambient_temp           77.2 
_diffrn.ambient_temp_details   ? 
_diffrn.crystal_id             1 
# 
_diffrn_detector.diffrn_id              1 
_diffrn_detector.detector               CCD 
_diffrn_detector.type                   'ADSC QUANTUM 315' 
_diffrn_detector.pdbx_collection_date   2008-02-27 
_diffrn_detector.details                ? 
# 
_diffrn_radiation.diffrn_id                        1 
_diffrn_radiation.wavelength_id                    1 
_diffrn_radiation.pdbx_diffrn_protocol             'SINGLE WAVELENGTH' 
_diffrn_radiation.monochromator                    ? 
_diffrn_radiation.pdbx_monochromatic_or_laue_m_l   M 
_diffrn_radiation.pdbx_scattering_type             x-ray 
# 
_diffrn_radiation_wavelength.id           1 
_diffrn_radiation_wavelength.wavelength   1.080900 
_diffrn_radiation_wavelength.wt           1.0 
# 
_diffrn_source.diffrn_id                   1 
_diffrn_source.source                      SYNCHROTRON 
_diffrn_source.type                        'NSLS BEAMLINE X29A' 
_diffrn_source.pdbx_wavelength             ? 
_diffrn_source.pdbx_wavelength_list        1.080900 
_diffrn_source.pdbx_synchrotron_site       NSLS 
_diffrn_source.pdbx_synchrotron_beamline   X29A 
# 
_reflns.entry_id                     3F0U 
_reflns.d_resolution_high            1.60 
_reflns.d_resolution_low             32.14 
_reflns.number_obs                   22505 
_reflns.pdbx_Rmerge_I_obs            0.038 
_reflns.pdbx_netI_over_sigmaI        8.5 
_reflns.pdbx_chi_squared             0.955 
_reflns.pdbx_redundancy              8.900 
_reflns.percent_possible_obs         96.5 
_reflns.observed_criterion_sigma_F   ? 
_reflns.observed_criterion_sigma_I   -3.00 
_reflns.number_all                   22505 
_reflns.pdbx_Rsym_value              0.038 
_reflns.B_iso_Wilson_estimate        ? 
_reflns.R_free_details               ? 
_reflns.limit_h_max                  ? 
_reflns.limit_h_min                  ? 
_reflns.limit_k_max                  ? 
_reflns.limit_k_min                  ? 
_reflns.limit_l_max                  ? 
_reflns.limit_l_min                  ? 
_reflns.observed_criterion_F_max     ? 
_reflns.observed_criterion_F_min     ? 
_reflns.pdbx_scaling_rejects         ? 
_reflns.pdbx_ordinal                 1 
_reflns.pdbx_diffrn_id               1 
# 
_reflns_shell.d_res_high             1.60 
_reflns_shell.d_res_low              1.66 
_reflns_shell.number_measured_obs    ? 
_reflns_shell.number_measured_all    ? 
_reflns_shell.number_unique_obs      ? 
_reflns_shell.Rmerge_I_obs           0.212 
_reflns_shell.meanI_over_sigI_obs    2.5 
_reflns_shell.pdbx_Rsym_value        0.212 
_reflns_shell.pdbx_chi_squared       0.376 
_reflns_shell.pdbx_redundancy        1.50 
_reflns_shell.percent_possible_obs   ? 
_reflns_shell.number_unique_all      1393 
_reflns_shell.percent_possible_all   87.2 
_reflns_shell.pdbx_ordinal           1 
_reflns_shell.pdbx_diffrn_id         1 
# 
_refine.entry_id                                 3F0U 
_refine.ls_d_res_high                            1.600 
_refine.ls_d_res_low                             32.140 
_refine.pdbx_ls_sigma_F                          0.00 
_refine.ls_percent_reflns_obs                    96.740 
_refine.ls_number_reflns_obs                     22505 
_refine.pdbx_ls_cross_valid_method               THROUGHOUT 
_refine.pdbx_R_Free_selection_details            RANDOM 
_refine.details                                  'HYDROGENS HAVE BEEN ADDED IN THE RIDING POSITIONS' 
_refine.ls_R_factor_obs                          0.213 
_refine.ls_R_factor_R_work                       0.212 
_refine.ls_R_factor_R_free                       0.244 
_refine.ls_percent_reflns_R_free                 5.100 
_refine.ls_number_reflns_R_free                  1210 
_refine.B_iso_mean                               23.345 
_refine.aniso_B[1][1]                            0.000 
_refine.aniso_B[2][2]                            0.000 
_refine.aniso_B[3][3]                            -0.000 
_refine.aniso_B[1][2]                            0.000 
_refine.aniso_B[1][3]                            0.000 
_refine.aniso_B[2][3]                            0.000 
_refine.correlation_coeff_Fo_to_Fc               0.953 
_refine.correlation_coeff_Fo_to_Fc_free          0.938 
_refine.pdbx_overall_ESU_R                       0.110 
_refine.pdbx_overall_ESU_R_Free                  0.108 
_refine.overall_SU_ML                            0.069 
_refine.overall_SU_B                             1.995 
_refine.solvent_model_details                    MASK 
_refine.pdbx_solvent_vdw_probe_radii             1.200 
_refine.pdbx_solvent_ion_probe_radii             0.800 
_refine.pdbx_solvent_shrinkage_radii             0.800 
_refine.pdbx_method_to_determine_struct          'FOURIER SYNTHESIS' 
_refine.pdbx_stereochemistry_target_values       'MAXIMUM LIKELIHOOD' 
_refine.B_iso_max                                91.03 
_refine.B_iso_min                                10.80 
_refine.occupancy_max                            1.00 
_refine.occupancy_min                            0.50 
_refine.pdbx_ls_sigma_I                          ? 
_refine.ls_number_reflns_all                     22505 
_refine.ls_R_factor_all                          0.213 
_refine.ls_redundancy_reflns_obs                 ? 
_refine.pdbx_data_cutoff_high_absF               ? 
_refine.pdbx_data_cutoff_low_absF                ? 
_refine.ls_number_parameters                     ? 
_refine.ls_number_restraints                     ? 
_refine.ls_R_factor_R_free_error                 ? 
_refine.ls_R_factor_R_free_error_details         ? 
_refine.pdbx_starting_model                      
'Sa F98Y DHFR bound to Folate and NADPH (Dale et al., J.Mol.Biol. 1997, structure not deposited in the PDB).' 
_refine.pdbx_stereochem_target_val_spec_case     ? 
_refine.solvent_model_param_bsol                 ? 
_refine.solvent_model_param_ksol                 ? 
_refine.pdbx_isotropic_thermal_model             ? 
_refine.overall_SU_R_Cruickshank_DPI             ? 
_refine.overall_SU_R_free                        ? 
_refine.pdbx_data_cutoff_high_rms_absF           ? 
_refine.ls_wR_factor_R_free                      ? 
_refine.ls_wR_factor_R_work                      ? 
_refine.overall_FOM_free_R_set                   ? 
_refine.overall_FOM_work_R_set                   ? 
_refine.pdbx_overall_phase_error                 ? 
_refine.pdbx_refine_id                           'X-RAY DIFFRACTION' 
_refine.pdbx_diffrn_id                           1 
_refine.pdbx_TLS_residual_ADP_flag               ? 
_refine.pdbx_overall_SU_R_free_Cruickshank_DPI   ? 
_refine.pdbx_overall_SU_R_Blow_DPI               ? 
_refine.pdbx_overall_SU_R_free_Blow_DPI          ? 
# 
_refine_hist.pdbx_refine_id                   'X-RAY DIFFRACTION' 
_refine_hist.cycle_id                         LAST 
_refine_hist.pdbx_number_atoms_protein        1274 
_refine_hist.pdbx_number_atoms_nucleic_acid   0 
_refine_hist.pdbx_number_atoms_ligand         75 
_refine_hist.number_atoms_solvent             159 
_refine_hist.number_atoms_total               1508 
_refine_hist.d_res_high                       1.600 
_refine_hist.d_res_low                        32.140 
# 
loop_
_refine_ls_restr.type 
_refine_ls_restr.number 
_refine_ls_restr.dev_ideal 
_refine_ls_restr.dev_ideal_target 
_refine_ls_restr.weight 
_refine_ls_restr.pdbx_refine_id 
_refine_ls_restr.pdbx_restraint_function 
r_bond_refined_d         1388 0.010  0.022  ? 'X-RAY DIFFRACTION' ? 
r_angle_refined_deg      1894 1.517  2.018  ? 'X-RAY DIFFRACTION' ? 
r_dihedral_angle_1_deg   156  6.083  5.000  ? 'X-RAY DIFFRACTION' ? 
r_dihedral_angle_2_deg   62   35.860 24.194 ? 'X-RAY DIFFRACTION' ? 
r_dihedral_angle_3_deg   226  13.947 15.000 ? 'X-RAY DIFFRACTION' ? 
r_dihedral_angle_4_deg   6    20.897 15.000 ? 'X-RAY DIFFRACTION' ? 
r_chiral_restr           208  0.100  0.200  ? 'X-RAY DIFFRACTION' ? 
r_gen_planes_refined     1038 0.005  0.020  ? 'X-RAY DIFFRACTION' ? 
r_nbd_refined            601  0.196  0.200  ? 'X-RAY DIFFRACTION' ? 
r_nbtor_refined          946  0.307  0.200  ? 'X-RAY DIFFRACTION' ? 
r_xyhbond_nbd_refined    137  0.145  0.200  ? 'X-RAY DIFFRACTION' ? 
r_symmetry_vdw_refined   20   0.251  0.200  ? 'X-RAY DIFFRACTION' ? 
r_symmetry_hbond_refined 22   0.145  0.200  ? 'X-RAY DIFFRACTION' ? 
r_mcbond_it              804  0.872  1.500  ? 'X-RAY DIFFRACTION' ? 
r_mcangle_it             1282 1.436  2.000  ? 'X-RAY DIFFRACTION' ? 
r_scbond_it              683  2.014  3.000  ? 'X-RAY DIFFRACTION' ? 
r_scangle_it             612  2.877  4.500  ? 'X-RAY DIFFRACTION' ? 
# 
_refine_ls_shell.d_res_high                       1.600 
_refine_ls_shell.d_res_low                        1.660 
_refine_ls_shell.pdbx_total_number_of_bins_used   20 
_refine_ls_shell.percent_reflns_obs               84.490 
_refine_ls_shell.number_reflns_R_work             1393 
_refine_ls_shell.R_factor_all                     ? 
_refine_ls_shell.R_factor_R_work                  0.305 
_refine_ls_shell.R_factor_R_free                  0.353 
_refine_ls_shell.percent_reflns_R_free            ? 
_refine_ls_shell.number_reflns_R_free             94 
_refine_ls_shell.R_factor_R_free_error            ? 
_refine_ls_shell.number_reflns_all                1487 
_refine_ls_shell.number_reflns_obs                22505 
_refine_ls_shell.redundancy_reflns_obs            ? 
_refine_ls_shell.pdbx_refine_id                   'X-RAY DIFFRACTION' 
# 
_struct.entry_id                  3F0U 
_struct.title                     
;Staphylococcus aureus F98Y mutant dihydrofolate reductase complexed with NADPH and 2,4-Diamino-5-[3-(3-methoxy-5-phenylphenyl)but-1-ynyl]-6-methylpyrimidine
;
_struct.pdbx_model_details        ? 
_struct.pdbx_CASP_flag            ? 
_struct.pdbx_model_type_details   ? 
# 
_struct_keywords.entry_id        3F0U 
_struct_keywords.pdbx_keywords   OXIDOREDUCTASE 
_struct_keywords.text            oxidoreductase 
# 
loop_
_struct_asym.id 
_struct_asym.pdbx_blank_PDB_chainid_flag 
_struct_asym.pdbx_modified 
_struct_asym.entity_id 
_struct_asym.details 
A N N 1 ? 
B N N 2 ? 
C N N 3 ? 
D N N 4 ? 
# 
_struct_ref.id                         1 
_struct_ref.db_name                    UNP 
_struct_ref.db_code                    Q2YY41_STAAB 
_struct_ref.pdbx_db_accession          Q2YY41 
_struct_ref.entity_id                  1 
_struct_ref.pdbx_seq_one_letter_code   
;TLSILVAHDLQRVIGFENQLPWHLPNDLKHVKKLSTGHTLVMGRKTFESIGKPLPNRRNVVLTSDTSFNVEGVDVIHSIE
DIYQLPGHVFIFGGQTLFEEMIDKVDDMYITVIEGKFRGDTFFPPYTFEDWEVASSVEGKLDEKNTIPHTFLHLIRK
;
_struct_ref.pdbx_align_begin           2 
_struct_ref.pdbx_db_isoform            ? 
# 
_struct_ref_seq.align_id                      1 
_struct_ref_seq.ref_id                        1 
_struct_ref_seq.pdbx_PDB_id_code              3F0U 
_struct_ref_seq.pdbx_strand_id                X 
_struct_ref_seq.seq_align_beg                 1 
_struct_ref_seq.pdbx_seq_align_beg_ins_code   ? 
_struct_ref_seq.seq_align_end                 157 
_struct_ref_seq.pdbx_seq_align_end_ins_code   ? 
_struct_ref_seq.pdbx_db_accession             Q2YY41 
_struct_ref_seq.db_align_beg                  2 
_struct_ref_seq.pdbx_db_align_beg_ins_code    ? 
_struct_ref_seq.db_align_end                  158 
_struct_ref_seq.pdbx_db_align_end_ins_code    ? 
_struct_ref_seq.pdbx_auth_seq_align_beg       1 
_struct_ref_seq.pdbx_auth_seq_align_end       157 
# 
_struct_ref_seq_dif.align_id                     1 
_struct_ref_seq_dif.pdbx_pdb_id_code             3F0U 
_struct_ref_seq_dif.mon_id                       TYR 
_struct_ref_seq_dif.pdbx_pdb_strand_id           X 
_struct_ref_seq_dif.seq_num                      98 
_struct_ref_seq_dif.pdbx_pdb_ins_code            ? 
_struct_ref_seq_dif.pdbx_seq_db_name             UNP 
_struct_ref_seq_dif.pdbx_seq_db_accession_code   Q2YY41 
_struct_ref_seq_dif.db_mon_id                    PHE 
_struct_ref_seq_dif.pdbx_seq_db_seq_num          99 
_struct_ref_seq_dif.details                      'engineered mutation' 
_struct_ref_seq_dif.pdbx_auth_seq_num            98 
_struct_ref_seq_dif.pdbx_ordinal                 1 
# 
_pdbx_struct_assembly.id                   1 
_pdbx_struct_assembly.details              author_and_software_defined_assembly 
_pdbx_struct_assembly.method_details       PISA 
_pdbx_struct_assembly.oligomeric_details   monomeric 
_pdbx_struct_assembly.oligomeric_count     1 
# 
_pdbx_struct_assembly_gen.assembly_id       1 
_pdbx_struct_assembly_gen.oper_expression   1 
_pdbx_struct_assembly_gen.asym_id_list      A,B,C,D 
# 
_pdbx_struct_oper_list.id                   1 
_pdbx_struct_oper_list.type                 'identity operation' 
_pdbx_struct_oper_list.name                 1_555 
_pdbx_struct_oper_list.symmetry_operation   x,y,z 
_pdbx_struct_oper_list.matrix[1][1]         1.0000000000 
_pdbx_struct_oper_list.matrix[1][2]         0.0000000000 
_pdbx_struct_oper_list.matrix[1][3]         0.0000000000 
_pdbx_struct_oper_list.vector[1]            0.0000000000 
_pdbx_struct_oper_list.matrix[2][1]         0.0000000000 
_pdbx_struct_oper_list.matrix[2][2]         1.0000000000 
_pdbx_struct_oper_list.matrix[2][3]         0.0000000000 
_pdbx_struct_oper_list.vector[2]            0.0000000000 
_pdbx_struct_oper_list.matrix[3][1]         0.0000000000 
_pdbx_struct_oper_list.matrix[3][2]         0.0000000000 
_pdbx_struct_oper_list.matrix[3][3]         1.0000000000 
_pdbx_struct_oper_list.vector[3]            0.0000000000 
# 
_struct_biol.id        1 
_struct_biol.details   ? 
# 
loop_
_struct_conf.conf_type_id 
_struct_conf.id 
_struct_conf.pdbx_PDB_helix_id 
_struct_conf.beg_label_comp_id 
_struct_conf.beg_label_asym_id 
_struct_conf.beg_label_seq_id 
_struct_conf.pdbx_beg_PDB_ins_code 
_struct_conf.end_label_comp_id 
_struct_conf.end_label_asym_id 
_struct_conf.end_label_seq_id 
_struct_conf.pdbx_end_PDB_ins_code 
_struct_conf.beg_auth_comp_id 
_struct_conf.beg_auth_asym_id 
_struct_conf.beg_auth_seq_id 
_struct_conf.end_auth_comp_id 
_struct_conf.end_auth_asym_id 
_struct_conf.end_auth_seq_id 
_struct_conf.pdbx_PDB_helix_class 
_struct_conf.details 
_struct_conf.pdbx_PDB_helix_length 
HELX_P HELX_P1 1 LEU A 24 ? THR A 36  ? LEU X 24 THR X 36  1 ? 13 
HELX_P HELX_P2 2 ARG A 44 ? GLY A 51  ? ARG X 44 GLY X 51  1 ? 8  
HELX_P HELX_P3 3 SER A 78 ? LEU A 85  ? SER X 78 LEU X 85  5 ? 8  
HELX_P HELX_P4 4 GLY A 94 ? ILE A 102 ? GLY X 94 ILE X 102 1 ? 9  
# 
_struct_conf_type.id          HELX_P 
_struct_conf_type.criteria    ? 
_struct_conf_type.reference   ? 
# 
_struct_mon_prot_cis.pdbx_id                1 
_struct_mon_prot_cis.label_comp_id          GLY 
_struct_mon_prot_cis.label_seq_id           93 
_struct_mon_prot_cis.label_asym_id          A 
_struct_mon_prot_cis.label_alt_id           . 
_struct_mon_prot_cis.pdbx_PDB_ins_code      ? 
_struct_mon_prot_cis.auth_comp_id           GLY 
_struct_mon_prot_cis.auth_seq_id            93 
_struct_mon_prot_cis.auth_asym_id           X 
_struct_mon_prot_cis.pdbx_label_comp_id_2   GLY 
_struct_mon_prot_cis.pdbx_label_seq_id_2    94 
_struct_mon_prot_cis.pdbx_label_asym_id_2   A 
_struct_mon_prot_cis.pdbx_PDB_ins_code_2    ? 
_struct_mon_prot_cis.pdbx_auth_comp_id_2    GLY 
_struct_mon_prot_cis.pdbx_auth_seq_id_2     94 
_struct_mon_prot_cis.pdbx_auth_asym_id_2    X 
_struct_mon_prot_cis.pdbx_PDB_model_num     1 
_struct_mon_prot_cis.pdbx_omega_angle       4.47 
# 
loop_
_struct_sheet.id 
_struct_sheet.type 
_struct_sheet.number_strands 
_struct_sheet.details 
A ? 8 ? 
B ? 2 ? 
# 
loop_
_struct_sheet_order.sheet_id 
_struct_sheet_order.range_id_1 
_struct_sheet_order.range_id_2 
_struct_sheet_order.offset 
_struct_sheet_order.sense 
A 1 2 ? parallel      
A 2 3 ? parallel      
A 3 4 ? parallel      
A 4 5 ? parallel      
A 5 6 ? parallel      
A 6 7 ? anti-parallel 
A 7 8 ? anti-parallel 
B 1 2 ? anti-parallel 
# 
loop_
_struct_sheet_range.sheet_id 
_struct_sheet_range.id 
_struct_sheet_range.beg_label_comp_id 
_struct_sheet_range.beg_label_asym_id 
_struct_sheet_range.beg_label_seq_id 
_struct_sheet_range.pdbx_beg_PDB_ins_code 
_struct_sheet_range.end_label_comp_id 
_struct_sheet_range.end_label_asym_id 
_struct_sheet_range.end_label_seq_id 
_struct_sheet_range.pdbx_end_PDB_ins_code 
_struct_sheet_range.beg_auth_comp_id 
_struct_sheet_range.beg_auth_asym_id 
_struct_sheet_range.beg_auth_seq_id 
_struct_sheet_range.end_auth_comp_id 
_struct_sheet_range.end_auth_asym_id 
_struct_sheet_range.end_auth_seq_id 
A 1 ASP A 74  ? ILE A 76  ? ASP X 74  ILE X 76  
A 2 ARG A 58  ? LEU A 62  ? ARG X 58  LEU X 62  
A 3 THR A 39  ? GLY A 43  ? THR X 39  GLY X 43  
A 4 VAL A 89  ? ILE A 91  ? VAL X 89  ILE X 91  
A 5 LEU A 2   ? ASP A 9   ? LEU X 2   ASP X 9   
A 6 ASP A 107 ? ILE A 113 ? ASP X 107 ILE X 113 
A 7 HIS A 149 ? ARG A 156 ? HIS X 149 ARG X 156 
A 8 TRP A 131 ? GLU A 138 ? TRP X 131 GLU X 138 
B 1 VAL A 13  ? GLY A 15  ? VAL X 13  GLY X 15  
B 2 THR A 121 ? PHE A 122 ? THR X 121 PHE X 122 
# 
loop_
_pdbx_struct_sheet_hbond.sheet_id 
_pdbx_struct_sheet_hbond.range_id_1 
_pdbx_struct_sheet_hbond.range_id_2 
_pdbx_struct_sheet_hbond.range_1_label_atom_id 
_pdbx_struct_sheet_hbond.range_1_label_comp_id 
_pdbx_struct_sheet_hbond.range_1_label_asym_id 
_pdbx_struct_sheet_hbond.range_1_label_seq_id 
_pdbx_struct_sheet_hbond.range_1_PDB_ins_code 
_pdbx_struct_sheet_hbond.range_1_auth_atom_id 
_pdbx_struct_sheet_hbond.range_1_auth_comp_id 
_pdbx_struct_sheet_hbond.range_1_auth_asym_id 
_pdbx_struct_sheet_hbond.range_1_auth_seq_id 
_pdbx_struct_sheet_hbond.range_2_label_atom_id 
_pdbx_struct_sheet_hbond.range_2_label_comp_id 
_pdbx_struct_sheet_hbond.range_2_label_asym_id 
_pdbx_struct_sheet_hbond.range_2_label_seq_id 
_pdbx_struct_sheet_hbond.range_2_PDB_ins_code 
_pdbx_struct_sheet_hbond.range_2_auth_atom_id 
_pdbx_struct_sheet_hbond.range_2_auth_comp_id 
_pdbx_struct_sheet_hbond.range_2_auth_asym_id 
_pdbx_struct_sheet_hbond.range_2_auth_seq_id 
A 1 2 O ASP A 74  ? O ASP X 74  N ASN A 59  ? N ASN X 59  
A 2 3 O ARG A 58  ? O ARG X 58  N LEU A 40  ? N LEU X 40  
A 3 4 N THR A 39  ? N THR X 39  O PHE A 90  ? O PHE X 90  
A 4 5 O ILE A 91  ? O ILE X 91  N SER A 3   ? N SER X 3   
A 5 6 N ILE A 4   ? N ILE X 4   O TYR A 109 ? O TYR X 109 
A 6 7 N ILE A 110 ? N ILE X 110 O LEU A 152 ? O LEU X 152 
A 7 8 O PHE A 151 ? O PHE X 151 N VAL A 137 ? N VAL X 137 
B 1 2 N ILE A 14  ? N ILE X 14  O THR A 121 ? O THR X 121 
# 
loop_
_struct_site.id 
_struct_site.pdbx_evidence_code 
_struct_site.pdbx_auth_asym_id 
_struct_site.pdbx_auth_comp_id 
_struct_site.pdbx_auth_seq_id 
_struct_site.pdbx_auth_ins_code 
_struct_site.pdbx_num_residues 
_struct_site.details 
AC1 Software X NDP 207 ? 34 'BINDING SITE FOR RESIDUE NDP X 207' 
AC2 Software X 53R 158 ? 16 'BINDING SITE FOR RESIDUE 53R X 158' 
# 
loop_
_struct_site_gen.id 
_struct_site_gen.site_id 
_struct_site_gen.pdbx_num_res 
_struct_site_gen.label_comp_id 
_struct_site_gen.label_asym_id 
_struct_site_gen.label_seq_id 
_struct_site_gen.pdbx_auth_ins_code 
_struct_site_gen.auth_comp_id 
_struct_site_gen.auth_asym_id 
_struct_site_gen.auth_seq_id 
_struct_site_gen.label_atom_id 
_struct_site_gen.label_alt_id 
_struct_site_gen.symmetry 
_struct_site_gen.details 
1  AC1 34 VAL A 6   ? VAL X 6   . ? 1_555  ? 
2  AC1 34 ALA A 7   ? ALA X 7   . ? 1_555  ? 
3  AC1 34 ILE A 14  ? ILE X 14  . ? 1_555  ? 
4  AC1 34 GLY A 15  ? GLY X 15  . ? 1_555  ? 
5  AC1 34 ASN A 18  ? ASN X 18  . ? 1_555  ? 
6  AC1 34 GLN A 19  ? GLN X 19  . ? 1_555  ? 
7  AC1 34 LEU A 20  ? LEU X 20  . ? 1_555  ? 
8  AC1 34 GLY A 43  ? GLY X 43  . ? 1_555  ? 
9  AC1 34 ARG A 44  ? ARG X 44  . ? 1_555  ? 
10 AC1 34 LYS A 45  ? LYS X 45  . ? 1_555  ? 
11 AC1 34 THR A 46  ? THR X 46  . ? 1_555  ? 
12 AC1 34 LEU A 62  ? LEU X 62  . ? 1_555  ? 
13 AC1 34 THR A 63  ? THR X 63  . ? 1_555  ? 
14 AC1 34 SER A 64  ? SER X 64  . ? 1_555  ? 
15 AC1 34 HIS A 77  ? HIS X 77  . ? 1_555  ? 
16 AC1 34 ILE A 79  ? ILE X 79  . ? 1_555  ? 
17 AC1 34 PHE A 92  ? PHE X 92  . ? 1_555  ? 
18 AC1 34 GLY A 93  ? GLY X 93  . ? 1_555  ? 
19 AC1 34 GLY A 94  ? GLY X 94  . ? 1_555  ? 
20 AC1 34 GLN A 95  ? GLN X 95  . ? 1_555  ? 
21 AC1 34 THR A 96  ? THR X 96  . ? 1_555  ? 
22 AC1 34 LEU A 97  ? LEU X 97  . ? 1_555  ? 
23 AC1 34 TYR A 98  ? TYR X 98  . ? 1_555  ? 
24 AC1 34 GLU A 100 ? GLU X 100 . ? 1_555  ? 
25 AC1 34 THR A 121 ? THR X 121 . ? 1_555  ? 
26 AC1 34 53R C .   ? 53R X 158 . ? 1_555  ? 
27 AC1 34 HOH D .   ? HOH X 179 . ? 10_445 ? 
28 AC1 34 HOH D .   ? HOH X 188 . ? 1_555  ? 
29 AC1 34 HOH D .   ? HOH X 189 . ? 1_555  ? 
30 AC1 34 HOH D .   ? HOH X 211 . ? 1_555  ? 
31 AC1 34 HOH D .   ? HOH X 255 . ? 1_555  ? 
32 AC1 34 HOH D .   ? HOH X 266 . ? 1_555  ? 
33 AC1 34 HOH D .   ? HOH X 290 . ? 1_555  ? 
34 AC1 34 HOH D .   ? HOH X 317 . ? 1_555  ? 
35 AC2 16 LEU A 5   ? LEU X 5   . ? 1_555  ? 
36 AC2 16 VAL A 6   ? VAL X 6   . ? 1_555  ? 
37 AC2 16 ALA A 7   ? ALA X 7   . ? 1_555  ? 
38 AC2 16 LEU A 20  ? LEU X 20  . ? 1_555  ? 
39 AC2 16 ASP A 27  ? ASP X 27  . ? 1_555  ? 
40 AC2 16 VAL A 31  ? VAL X 31  . ? 1_555  ? 
41 AC2 16 MET A 42  ? MET X 42  . ? 1_555  ? 
42 AC2 16 THR A 46  ? THR X 46  . ? 1_555  ? 
43 AC2 16 PHE A 47  ? PHE X 47  . ? 1_555  ? 
44 AC2 16 ILE A 50  ? ILE X 50  . ? 1_555  ? 
45 AC2 16 LYS A 52  ? LYS X 52  . ? 1_555  ? 
46 AC2 16 PHE A 92  ? PHE X 92  . ? 1_555  ? 
47 AC2 16 TYR A 98  ? TYR X 98  . ? 1_555  ? 
48 AC2 16 THR A 111 ? THR X 111 . ? 1_555  ? 
49 AC2 16 HOH D .   ? HOH X 166 . ? 1_555  ? 
50 AC2 16 NDP B .   ? NDP X 207 . ? 1_555  ? 
# 
loop_
_pdbx_validate_torsion.id 
_pdbx_validate_torsion.PDB_model_num 
_pdbx_validate_torsion.auth_comp_id 
_pdbx_validate_torsion.auth_asym_id 
_pdbx_validate_torsion.auth_seq_id 
_pdbx_validate_torsion.PDB_ins_code 
_pdbx_validate_torsion.label_alt_id 
_pdbx_validate_torsion.phi 
_pdbx_validate_torsion.psi 
1 1 HIS X 38  ? ? -120.07 -153.31 
2 1 ASP X 142 ? ? -150.18 -159.74 
# 
_pdbx_struct_special_symmetry.id              1 
_pdbx_struct_special_symmetry.PDB_model_num   1 
_pdbx_struct_special_symmetry.auth_asym_id    X 
_pdbx_struct_special_symmetry.auth_comp_id    HOH 
_pdbx_struct_special_symmetry.auth_seq_id     318 
_pdbx_struct_special_symmetry.PDB_ins_code    ? 
_pdbx_struct_special_symmetry.label_asym_id   D 
_pdbx_struct_special_symmetry.label_comp_id   HOH 
_pdbx_struct_special_symmetry.label_seq_id    . 
# 
loop_
_chem_comp_atom.comp_id 
_chem_comp_atom.atom_id 
_chem_comp_atom.type_symbol 
_chem_comp_atom.pdbx_aromatic_flag 
_chem_comp_atom.pdbx_stereo_config 
_chem_comp_atom.pdbx_ordinal 
53R C20  C Y N 1   
53R C21  C Y N 2   
53R C22  C Y N 3   
53R C23  C Y N 4   
53R C24  C Y N 5   
53R C25  C Y N 6   
53R C18  C Y N 7   
53R C19  C Y N 8   
53R C17  C Y N 9   
53R C16  C Y N 10  
53R O17  O N N 11  
53R C2   C N N 12  
53R C15  C Y N 13  
53R C14  C Y N 14  
53R C12  C N S 15  
53R C13  C N N 16  
53R C11  C N N 17  
53R C10  C N N 18  
53R C6   C Y N 19  
53R C5   C Y N 20  
53R C8   C N N 21  
53R N4   N Y N 22  
53R C3   C Y N 23  
53R N7   N N N 24  
53R N2   N Y N 25  
53R C1   C Y N 26  
53R N9   N N N 27  
53R H20  H N N 28  
53R H21  H N N 29  
53R H22  H N N 30  
53R H23  H N N 31  
53R H24  H N N 32  
53R H19  H N N 33  
53R H17  H N N 34  
53R H2   H N N 35  
53R H2A  H N N 36  
53R H2B  H N N 37  
53R H15  H N N 38  
53R H12  H N N 39  
53R H13  H N N 40  
53R H13A H N N 41  
53R H13B H N N 42  
53R H8   H N N 43  
53R H8A  H N N 44  
53R H8B  H N N 45  
53R HN7  H N N 46  
53R HN7A H N N 47  
53R HN9  H N N 48  
53R HN9A H N N 49  
ALA N    N N N 50  
ALA CA   C N S 51  
ALA C    C N N 52  
ALA O    O N N 53  
ALA CB   C N N 54  
ALA OXT  O N N 55  
ALA H    H N N 56  
ALA H2   H N N 57  
ALA HA   H N N 58  
ALA HB1  H N N 59  
ALA HB2  H N N 60  
ALA HB3  H N N 61  
ALA HXT  H N N 62  
ARG N    N N N 63  
ARG CA   C N S 64  
ARG C    C N N 65  
ARG O    O N N 66  
ARG CB   C N N 67  
ARG CG   C N N 68  
ARG CD   C N N 69  
ARG NE   N N N 70  
ARG CZ   C N N 71  
ARG NH1  N N N 72  
ARG NH2  N N N 73  
ARG OXT  O N N 74  
ARG H    H N N 75  
ARG H2   H N N 76  
ARG HA   H N N 77  
ARG HB2  H N N 78  
ARG HB3  H N N 79  
ARG HG2  H N N 80  
ARG HG3  H N N 81  
ARG HD2  H N N 82  
ARG HD3  H N N 83  
ARG HE   H N N 84  
ARG HH11 H N N 85  
ARG HH12 H N N 86  
ARG HH21 H N N 87  
ARG HH22 H N N 88  
ARG HXT  H N N 89  
ASN N    N N N 90  
ASN CA   C N S 91  
ASN C    C N N 92  
ASN O    O N N 93  
ASN CB   C N N 94  
ASN CG   C N N 95  
ASN OD1  O N N 96  
ASN ND2  N N N 97  
ASN OXT  O N N 98  
ASN H    H N N 99  
ASN H2   H N N 100 
ASN HA   H N N 101 
ASN HB2  H N N 102 
ASN HB3  H N N 103 
ASN HD21 H N N 104 
ASN HD22 H N N 105 
ASN HXT  H N N 106 
ASP N    N N N 107 
ASP CA   C N S 108 
ASP C    C N N 109 
ASP O    O N N 110 
ASP CB   C N N 111 
ASP CG   C N N 112 
ASP OD1  O N N 113 
ASP OD2  O N N 114 
ASP OXT  O N N 115 
ASP H    H N N 116 
ASP H2   H N N 117 
ASP HA   H N N 118 
ASP HB2  H N N 119 
ASP HB3  H N N 120 
ASP HD2  H N N 121 
ASP HXT  H N N 122 
GLN N    N N N 123 
GLN CA   C N S 124 
GLN C    C N N 125 
GLN O    O N N 126 
GLN CB   C N N 127 
GLN CG   C N N 128 
GLN CD   C N N 129 
GLN OE1  O N N 130 
GLN NE2  N N N 131 
GLN OXT  O N N 132 
GLN H    H N N 133 
GLN H2   H N N 134 
GLN HA   H N N 135 
GLN HB2  H N N 136 
GLN HB3  H N N 137 
GLN HG2  H N N 138 
GLN HG3  H N N 139 
GLN HE21 H N N 140 
GLN HE22 H N N 141 
GLN HXT  H N N 142 
GLU N    N N N 143 
GLU CA   C N S 144 
GLU C    C N N 145 
GLU O    O N N 146 
GLU CB   C N N 147 
GLU CG   C N N 148 
GLU CD   C N N 149 
GLU OE1  O N N 150 
GLU OE2  O N N 151 
GLU OXT  O N N 152 
GLU H    H N N 153 
GLU H2   H N N 154 
GLU HA   H N N 155 
GLU HB2  H N N 156 
GLU HB3  H N N 157 
GLU HG2  H N N 158 
GLU HG3  H N N 159 
GLU HE2  H N N 160 
GLU HXT  H N N 161 
GLY N    N N N 162 
GLY CA   C N N 163 
GLY C    C N N 164 
GLY O    O N N 165 
GLY OXT  O N N 166 
GLY H    H N N 167 
GLY H2   H N N 168 
GLY HA2  H N N 169 
GLY HA3  H N N 170 
GLY HXT  H N N 171 
HIS N    N N N 172 
HIS CA   C N S 173 
HIS C    C N N 174 
HIS O    O N N 175 
HIS CB   C N N 176 
HIS CG   C Y N 177 
HIS ND1  N Y N 178 
HIS CD2  C Y N 179 
HIS CE1  C Y N 180 
HIS NE2  N Y N 181 
HIS OXT  O N N 182 
HIS H    H N N 183 
HIS H2   H N N 184 
HIS HA   H N N 185 
HIS HB2  H N N 186 
HIS HB3  H N N 187 
HIS HD1  H N N 188 
HIS HD2  H N N 189 
HIS HE1  H N N 190 
HIS HE2  H N N 191 
HIS HXT  H N N 192 
HOH O    O N N 193 
HOH H1   H N N 194 
HOH H2   H N N 195 
ILE N    N N N 196 
ILE CA   C N S 197 
ILE C    C N N 198 
ILE O    O N N 199 
ILE CB   C N S 200 
ILE CG1  C N N 201 
ILE CG2  C N N 202 
ILE CD1  C N N 203 
ILE OXT  O N N 204 
ILE H    H N N 205 
ILE H2   H N N 206 
ILE HA   H N N 207 
ILE HB   H N N 208 
ILE HG12 H N N 209 
ILE HG13 H N N 210 
ILE HG21 H N N 211 
ILE HG22 H N N 212 
ILE HG23 H N N 213 
ILE HD11 H N N 214 
ILE HD12 H N N 215 
ILE HD13 H N N 216 
ILE HXT  H N N 217 
LEU N    N N N 218 
LEU CA   C N S 219 
LEU C    C N N 220 
LEU O    O N N 221 
LEU CB   C N N 222 
LEU CG   C N N 223 
LEU CD1  C N N 224 
LEU CD2  C N N 225 
LEU OXT  O N N 226 
LEU H    H N N 227 
LEU H2   H N N 228 
LEU HA   H N N 229 
LEU HB2  H N N 230 
LEU HB3  H N N 231 
LEU HG   H N N 232 
LEU HD11 H N N 233 
LEU HD12 H N N 234 
LEU HD13 H N N 235 
LEU HD21 H N N 236 
LEU HD22 H N N 237 
LEU HD23 H N N 238 
LEU HXT  H N N 239 
LYS N    N N N 240 
LYS CA   C N S 241 
LYS C    C N N 242 
LYS O    O N N 243 
LYS CB   C N N 244 
LYS CG   C N N 245 
LYS CD   C N N 246 
LYS CE   C N N 247 
LYS NZ   N N N 248 
LYS OXT  O N N 249 
LYS H    H N N 250 
LYS H2   H N N 251 
LYS HA   H N N 252 
LYS HB2  H N N 253 
LYS HB3  H N N 254 
LYS HG2  H N N 255 
LYS HG3  H N N 256 
LYS HD2  H N N 257 
LYS HD3  H N N 258 
LYS HE2  H N N 259 
LYS HE3  H N N 260 
LYS HZ1  H N N 261 
LYS HZ2  H N N 262 
LYS HZ3  H N N 263 
LYS HXT  H N N 264 
MET N    N N N 265 
MET CA   C N S 266 
MET C    C N N 267 
MET O    O N N 268 
MET CB   C N N 269 
MET CG   C N N 270 
MET SD   S N N 271 
MET CE   C N N 272 
MET OXT  O N N 273 
MET H    H N N 274 
MET H2   H N N 275 
MET HA   H N N 276 
MET HB2  H N N 277 
MET HB3  H N N 278 
MET HG2  H N N 279 
MET HG3  H N N 280 
MET HE1  H N N 281 
MET HE2  H N N 282 
MET HE3  H N N 283 
MET HXT  H N N 284 
NDP PA   P N S 285 
NDP O1A  O N N 286 
NDP O2A  O N N 287 
NDP O5B  O N N 288 
NDP C5B  C N N 289 
NDP C4B  C N R 290 
NDP O4B  O N N 291 
NDP C3B  C N R 292 
NDP O3B  O N N 293 
NDP C2B  C N R 294 
NDP O2B  O N N 295 
NDP C1B  C N R 296 
NDP N9A  N Y N 297 
NDP C8A  C Y N 298 
NDP N7A  N Y N 299 
NDP C5A  C Y N 300 
NDP C6A  C Y N 301 
NDP N6A  N N N 302 
NDP N1A  N Y N 303 
NDP C2A  C Y N 304 
NDP N3A  N Y N 305 
NDP C4A  C Y N 306 
NDP O3   O N N 307 
NDP PN   P N S 308 
NDP O1N  O N N 309 
NDP O2N  O N N 310 
NDP O5D  O N N 311 
NDP C5D  C N N 312 
NDP C4D  C N R 313 
NDP O4D  O N N 314 
NDP C3D  C N S 315 
NDP O3D  O N N 316 
NDP C2D  C N R 317 
NDP O2D  O N N 318 
NDP C1D  C N R 319 
NDP N1N  N N N 320 
NDP C2N  C N N 321 
NDP C3N  C N N 322 
NDP C7N  C N N 323 
NDP O7N  O N N 324 
NDP N7N  N N N 325 
NDP C4N  C N N 326 
NDP C5N  C N N 327 
NDP C6N  C N N 328 
NDP P2B  P N N 329 
NDP O1X  O N N 330 
NDP O2X  O N N 331 
NDP O3X  O N N 332 
NDP HOA2 H N N 333 
NDP H51A H N N 334 
NDP H52A H N N 335 
NDP H4B  H N N 336 
NDP H3B  H N N 337 
NDP HO3A H N N 338 
NDP H2B  H N N 339 
NDP H1B  H N N 340 
NDP H8A  H N N 341 
NDP H61A H N N 342 
NDP H62A H N N 343 
NDP H2A  H N N 344 
NDP H21N H N N 345 
NDP H51N H N N 346 
NDP H52N H N N 347 
NDP H4D  H N N 348 
NDP H3D  H N N 349 
NDP HO3N H N N 350 
NDP H2D  H N N 351 
NDP HO2N H N N 352 
NDP H1D  H N N 353 
NDP H2N  H N N 354 
NDP H71N H N N 355 
NDP H72N H N N 356 
NDP H41N H N N 357 
NDP H42N H N N 358 
NDP H5N  H N N 359 
NDP H6N  H N N 360 
NDP HOP2 H N N 361 
NDP HOP3 H N N 362 
PHE N    N N N 363 
PHE CA   C N S 364 
PHE C    C N N 365 
PHE O    O N N 366 
PHE CB   C N N 367 
PHE CG   C Y N 368 
PHE CD1  C Y N 369 
PHE CD2  C Y N 370 
PHE CE1  C Y N 371 
PHE CE2  C Y N 372 
PHE CZ   C Y N 373 
PHE OXT  O N N 374 
PHE H    H N N 375 
PHE H2   H N N 376 
PHE HA   H N N 377 
PHE HB2  H N N 378 
PHE HB3  H N N 379 
PHE HD1  H N N 380 
PHE HD2  H N N 381 
PHE HE1  H N N 382 
PHE HE2  H N N 383 
PHE HZ   H N N 384 
PHE HXT  H N N 385 
PRO N    N N N 386 
PRO CA   C N S 387 
PRO C    C N N 388 
PRO O    O N N 389 
PRO CB   C N N 390 
PRO CG   C N N 391 
PRO CD   C N N 392 
PRO OXT  O N N 393 
PRO H    H N N 394 
PRO HA   H N N 395 
PRO HB2  H N N 396 
PRO HB3  H N N 397 
PRO HG2  H N N 398 
PRO HG3  H N N 399 
PRO HD2  H N N 400 
PRO HD3  H N N 401 
PRO HXT  H N N 402 
SER N    N N N 403 
SER CA   C N S 404 
SER C    C N N 405 
SER O    O N N 406 
SER CB   C N N 407 
SER OG   O N N 408 
SER OXT  O N N 409 
SER H    H N N 410 
SER H2   H N N 411 
SER HA   H N N 412 
SER HB2  H N N 413 
SER HB3  H N N 414 
SER HG   H N N 415 
SER HXT  H N N 416 
THR N    N N N 417 
THR CA   C N S 418 
THR C    C N N 419 
THR O    O N N 420 
THR CB   C N R 421 
THR OG1  O N N 422 
THR CG2  C N N 423 
THR OXT  O N N 424 
THR H    H N N 425 
THR H2   H N N 426 
THR HA   H N N 427 
THR HB   H N N 428 
THR HG1  H N N 429 
THR HG21 H N N 430 
THR HG22 H N N 431 
THR HG23 H N N 432 
THR HXT  H N N 433 
TRP N    N N N 434 
TRP CA   C N S 435 
TRP C    C N N 436 
TRP O    O N N 437 
TRP CB   C N N 438 
TRP CG   C Y N 439 
TRP CD1  C Y N 440 
TRP CD2  C Y N 441 
TRP NE1  N Y N 442 
TRP CE2  C Y N 443 
TRP CE3  C Y N 444 
TRP CZ2  C Y N 445 
TRP CZ3  C Y N 446 
TRP CH2  C Y N 447 
TRP OXT  O N N 448 
TRP H    H N N 449 
TRP H2   H N N 450 
TRP HA   H N N 451 
TRP HB2  H N N 452 
TRP HB3  H N N 453 
TRP HD1  H N N 454 
TRP HE1  H N N 455 
TRP HE3  H N N 456 
TRP HZ2  H N N 457 
TRP HZ3  H N N 458 
TRP HH2  H N N 459 
TRP HXT  H N N 460 
TYR N    N N N 461 
TYR CA   C N S 462 
TYR C    C N N 463 
TYR O    O N N 464 
TYR CB   C N N 465 
TYR CG   C Y N 466 
TYR CD1  C Y N 467 
TYR CD2  C Y N 468 
TYR CE1  C Y N 469 
TYR CE2  C Y N 470 
TYR CZ   C Y N 471 
TYR OH   O N N 472 
TYR OXT  O N N 473 
TYR H    H N N 474 
TYR H2   H N N 475 
TYR HA   H N N 476 
TYR HB2  H N N 477 
TYR HB3  H N N 478 
TYR HD1  H N N 479 
TYR HD2  H N N 480 
TYR HE1  H N N 481 
TYR HE2  H N N 482 
TYR HH   H N N 483 
TYR HXT  H N N 484 
VAL N    N N N 485 
VAL CA   C N S 486 
VAL C    C N N 487 
VAL O    O N N 488 
VAL CB   C N N 489 
VAL CG1  C N N 490 
VAL CG2  C N N 491 
VAL OXT  O N N 492 
VAL H    H N N 493 
VAL H2   H N N 494 
VAL HA   H N N 495 
VAL HB   H N N 496 
VAL HG11 H N N 497 
VAL HG12 H N N 498 
VAL HG13 H N N 499 
VAL HG21 H N N 500 
VAL HG22 H N N 501 
VAL HG23 H N N 502 
VAL HXT  H N N 503 
# 
loop_
_chem_comp_bond.comp_id 
_chem_comp_bond.atom_id_1 
_chem_comp_bond.atom_id_2 
_chem_comp_bond.value_order 
_chem_comp_bond.pdbx_aromatic_flag 
_chem_comp_bond.pdbx_stereo_config 
_chem_comp_bond.pdbx_ordinal 
53R C20 C21  doub Y N 1   
53R C20 C25  sing Y N 2   
53R C21 C22  sing Y N 3   
53R C22 C23  doub Y N 4   
53R C23 C24  sing Y N 5   
53R C24 C25  doub Y N 6   
53R C25 C18  sing Y N 7   
53R C18 C19  doub Y N 8   
53R C18 C17  sing Y N 9   
53R C19 C14  sing Y N 10  
53R C17 C16  doub Y N 11  
53R C16 O17  sing N N 12  
53R C16 C15  sing Y N 13  
53R O17 C2   sing N N 14  
53R C15 C14  doub Y N 15  
53R C14 C12  sing N N 16  
53R C12 C13  sing N N 17  
53R C12 C11  sing N N 18  
53R C11 C10  trip N N 19  
53R C10 C6   sing N N 20  
53R C6  C5   doub Y N 21  
53R C6  C1   sing Y N 22  
53R C5  C8   sing N N 23  
53R C5  N4   sing Y N 24  
53R N4  C3   doub Y N 25  
53R C3  N7   sing N N 26  
53R C3  N2   sing Y N 27  
53R N2  C1   doub Y N 28  
53R C1  N9   sing N N 29  
53R C20 H20  sing N N 30  
53R C21 H21  sing N N 31  
53R C22 H22  sing N N 32  
53R C23 H23  sing N N 33  
53R C24 H24  sing N N 34  
53R C19 H19  sing N N 35  
53R C17 H17  sing N N 36  
53R C2  H2   sing N N 37  
53R C2  H2A  sing N N 38  
53R C2  H2B  sing N N 39  
53R C15 H15  sing N N 40  
53R C12 H12  sing N N 41  
53R C13 H13  sing N N 42  
53R C13 H13A sing N N 43  
53R C13 H13B sing N N 44  
53R C8  H8   sing N N 45  
53R C8  H8A  sing N N 46  
53R C8  H8B  sing N N 47  
53R N7  HN7  sing N N 48  
53R N7  HN7A sing N N 49  
53R N9  HN9  sing N N 50  
53R N9  HN9A sing N N 51  
ALA N   CA   sing N N 52  
ALA N   H    sing N N 53  
ALA N   H2   sing N N 54  
ALA CA  C    sing N N 55  
ALA CA  CB   sing N N 56  
ALA CA  HA   sing N N 57  
ALA C   O    doub N N 58  
ALA C   OXT  sing N N 59  
ALA CB  HB1  sing N N 60  
ALA CB  HB2  sing N N 61  
ALA CB  HB3  sing N N 62  
ALA OXT HXT  sing N N 63  
ARG N   CA   sing N N 64  
ARG N   H    sing N N 65  
ARG N   H2   sing N N 66  
ARG CA  C    sing N N 67  
ARG CA  CB   sing N N 68  
ARG CA  HA   sing N N 69  
ARG C   O    doub N N 70  
ARG C   OXT  sing N N 71  
ARG CB  CG   sing N N 72  
ARG CB  HB2  sing N N 73  
ARG CB  HB3  sing N N 74  
ARG CG  CD   sing N N 75  
ARG CG  HG2  sing N N 76  
ARG CG  HG3  sing N N 77  
ARG CD  NE   sing N N 78  
ARG CD  HD2  sing N N 79  
ARG CD  HD3  sing N N 80  
ARG NE  CZ   sing N N 81  
ARG NE  HE   sing N N 82  
ARG CZ  NH1  sing N N 83  
ARG CZ  NH2  doub N N 84  
ARG NH1 HH11 sing N N 85  
ARG NH1 HH12 sing N N 86  
ARG NH2 HH21 sing N N 87  
ARG NH2 HH22 sing N N 88  
ARG OXT HXT  sing N N 89  
ASN N   CA   sing N N 90  
ASN N   H    sing N N 91  
ASN N   H2   sing N N 92  
ASN CA  C    sing N N 93  
ASN CA  CB   sing N N 94  
ASN CA  HA   sing N N 95  
ASN C   O    doub N N 96  
ASN C   OXT  sing N N 97  
ASN CB  CG   sing N N 98  
ASN CB  HB2  sing N N 99  
ASN CB  HB3  sing N N 100 
ASN CG  OD1  doub N N 101 
ASN CG  ND2  sing N N 102 
ASN ND2 HD21 sing N N 103 
ASN ND2 HD22 sing N N 104 
ASN OXT HXT  sing N N 105 
ASP N   CA   sing N N 106 
ASP N   H    sing N N 107 
ASP N   H2   sing N N 108 
ASP CA  C    sing N N 109 
ASP CA  CB   sing N N 110 
ASP CA  HA   sing N N 111 
ASP C   O    doub N N 112 
ASP C   OXT  sing N N 113 
ASP CB  CG   sing N N 114 
ASP CB  HB2  sing N N 115 
ASP CB  HB3  sing N N 116 
ASP CG  OD1  doub N N 117 
ASP CG  OD2  sing N N 118 
ASP OD2 HD2  sing N N 119 
ASP OXT HXT  sing N N 120 
GLN N   CA   sing N N 121 
GLN N   H    sing N N 122 
GLN N   H2   sing N N 123 
GLN CA  C    sing N N 124 
GLN CA  CB   sing N N 125 
GLN CA  HA   sing N N 126 
GLN C   O    doub N N 127 
GLN C   OXT  sing N N 128 
GLN CB  CG   sing N N 129 
GLN CB  HB2  sing N N 130 
GLN CB  HB3  sing N N 131 
GLN CG  CD   sing N N 132 
GLN CG  HG2  sing N N 133 
GLN CG  HG3  sing N N 134 
GLN CD  OE1  doub N N 135 
GLN CD  NE2  sing N N 136 
GLN NE2 HE21 sing N N 137 
GLN NE2 HE22 sing N N 138 
GLN OXT HXT  sing N N 139 
GLU N   CA   sing N N 140 
GLU N   H    sing N N 141 
GLU N   H2   sing N N 142 
GLU CA  C    sing N N 143 
GLU CA  CB   sing N N 144 
GLU CA  HA   sing N N 145 
GLU C   O    doub N N 146 
GLU C   OXT  sing N N 147 
GLU CB  CG   sing N N 148 
GLU CB  HB2  sing N N 149 
GLU CB  HB3  sing N N 150 
GLU CG  CD   sing N N 151 
GLU CG  HG2  sing N N 152 
GLU CG  HG3  sing N N 153 
GLU CD  OE1  doub N N 154 
GLU CD  OE2  sing N N 155 
GLU OE2 HE2  sing N N 156 
GLU OXT HXT  sing N N 157 
GLY N   CA   sing N N 158 
GLY N   H    sing N N 159 
GLY N   H2   sing N N 160 
GLY CA  C    sing N N 161 
GLY CA  HA2  sing N N 162 
GLY CA  HA3  sing N N 163 
GLY C   O    doub N N 164 
GLY C   OXT  sing N N 165 
GLY OXT HXT  sing N N 166 
HIS N   CA   sing N N 167 
HIS N   H    sing N N 168 
HIS N   H2   sing N N 169 
HIS CA  C    sing N N 170 
HIS CA  CB   sing N N 171 
HIS CA  HA   sing N N 172 
HIS C   O    doub N N 173 
HIS C   OXT  sing N N 174 
HIS CB  CG   sing N N 175 
HIS CB  HB2  sing N N 176 
HIS CB  HB3  sing N N 177 
HIS CG  ND1  sing Y N 178 
HIS CG  CD2  doub Y N 179 
HIS ND1 CE1  doub Y N 180 
HIS ND1 HD1  sing N N 181 
HIS CD2 NE2  sing Y N 182 
HIS CD2 HD2  sing N N 183 
HIS CE1 NE2  sing Y N 184 
HIS CE1 HE1  sing N N 185 
HIS NE2 HE2  sing N N 186 
HIS OXT HXT  sing N N 187 
HOH O   H1   sing N N 188 
HOH O   H2   sing N N 189 
ILE N   CA   sing N N 190 
ILE N   H    sing N N 191 
ILE N   H2   sing N N 192 
ILE CA  C    sing N N 193 
ILE CA  CB   sing N N 194 
ILE CA  HA   sing N N 195 
ILE C   O    doub N N 196 
ILE C   OXT  sing N N 197 
ILE CB  CG1  sing N N 198 
ILE CB  CG2  sing N N 199 
ILE CB  HB   sing N N 200 
ILE CG1 CD1  sing N N 201 
ILE CG1 HG12 sing N N 202 
ILE CG1 HG13 sing N N 203 
ILE CG2 HG21 sing N N 204 
ILE CG2 HG22 sing N N 205 
ILE CG2 HG23 sing N N 206 
ILE CD1 HD11 sing N N 207 
ILE CD1 HD12 sing N N 208 
ILE CD1 HD13 sing N N 209 
ILE OXT HXT  sing N N 210 
LEU N   CA   sing N N 211 
LEU N   H    sing N N 212 
LEU N   H2   sing N N 213 
LEU CA  C    sing N N 214 
LEU CA  CB   sing N N 215 
LEU CA  HA   sing N N 216 
LEU C   O    doub N N 217 
LEU C   OXT  sing N N 218 
LEU CB  CG   sing N N 219 
LEU CB  HB2  sing N N 220 
LEU CB  HB3  sing N N 221 
LEU CG  CD1  sing N N 222 
LEU CG  CD2  sing N N 223 
LEU CG  HG   sing N N 224 
LEU CD1 HD11 sing N N 225 
LEU CD1 HD12 sing N N 226 
LEU CD1 HD13 sing N N 227 
LEU CD2 HD21 sing N N 228 
LEU CD2 HD22 sing N N 229 
LEU CD2 HD23 sing N N 230 
LEU OXT HXT  sing N N 231 
LYS N   CA   sing N N 232 
LYS N   H    sing N N 233 
LYS N   H2   sing N N 234 
LYS CA  C    sing N N 235 
LYS CA  CB   sing N N 236 
LYS CA  HA   sing N N 237 
LYS C   O    doub N N 238 
LYS C   OXT  sing N N 239 
LYS CB  CG   sing N N 240 
LYS CB  HB2  sing N N 241 
LYS CB  HB3  sing N N 242 
LYS CG  CD   sing N N 243 
LYS CG  HG2  sing N N 244 
LYS CG  HG3  sing N N 245 
LYS CD  CE   sing N N 246 
LYS CD  HD2  sing N N 247 
LYS CD  HD3  sing N N 248 
LYS CE  NZ   sing N N 249 
LYS CE  HE2  sing N N 250 
LYS CE  HE3  sing N N 251 
LYS NZ  HZ1  sing N N 252 
LYS NZ  HZ2  sing N N 253 
LYS NZ  HZ3  sing N N 254 
LYS OXT HXT  sing N N 255 
MET N   CA   sing N N 256 
MET N   H    sing N N 257 
MET N   H2   sing N N 258 
MET CA  C    sing N N 259 
MET CA  CB   sing N N 260 
MET CA  HA   sing N N 261 
MET C   O    doub N N 262 
MET C   OXT  sing N N 263 
MET CB  CG   sing N N 264 
MET CB  HB2  sing N N 265 
MET CB  HB3  sing N N 266 
MET CG  SD   sing N N 267 
MET CG  HG2  sing N N 268 
MET CG  HG3  sing N N 269 
MET SD  CE   sing N N 270 
MET CE  HE1  sing N N 271 
MET CE  HE2  sing N N 272 
MET CE  HE3  sing N N 273 
MET OXT HXT  sing N N 274 
NDP PA  O1A  doub N N 275 
NDP PA  O2A  sing N N 276 
NDP PA  O5B  sing N N 277 
NDP PA  O3   sing N N 278 
NDP O2A HOA2 sing N N 279 
NDP O5B C5B  sing N N 280 
NDP C5B C4B  sing N N 281 
NDP C5B H51A sing N N 282 
NDP C5B H52A sing N N 283 
NDP C4B O4B  sing N N 284 
NDP C4B C3B  sing N N 285 
NDP C4B H4B  sing N N 286 
NDP O4B C1B  sing N N 287 
NDP C3B O3B  sing N N 288 
NDP C3B C2B  sing N N 289 
NDP C3B H3B  sing N N 290 
NDP O3B HO3A sing N N 291 
NDP C2B O2B  sing N N 292 
NDP C2B C1B  sing N N 293 
NDP C2B H2B  sing N N 294 
NDP O2B P2B  sing N N 295 
NDP C1B N9A  sing N N 296 
NDP C1B H1B  sing N N 297 
NDP N9A C8A  sing Y N 298 
NDP N9A C4A  sing Y N 299 
NDP C8A N7A  doub Y N 300 
NDP C8A H8A  sing N N 301 
NDP N7A C5A  sing Y N 302 
NDP C5A C6A  sing Y N 303 
NDP C5A C4A  doub Y N 304 
NDP C6A N6A  sing N N 305 
NDP C6A N1A  doub Y N 306 
NDP N6A H61A sing N N 307 
NDP N6A H62A sing N N 308 
NDP N1A C2A  sing Y N 309 
NDP C2A N3A  doub Y N 310 
NDP C2A H2A  sing N N 311 
NDP N3A C4A  sing Y N 312 
NDP O3  PN   sing N N 313 
NDP PN  O1N  doub N N 314 
NDP PN  O2N  sing N N 315 
NDP PN  O5D  sing N N 316 
NDP O2N H21N sing N N 317 
NDP O5D C5D  sing N N 318 
NDP C5D C4D  sing N N 319 
NDP C5D H51N sing N N 320 
NDP C5D H52N sing N N 321 
NDP C4D O4D  sing N N 322 
NDP C4D C3D  sing N N 323 
NDP C4D H4D  sing N N 324 
NDP O4D C1D  sing N N 325 
NDP C3D O3D  sing N N 326 
NDP C3D C2D  sing N N 327 
NDP C3D H3D  sing N N 328 
NDP O3D HO3N sing N N 329 
NDP C2D O2D  sing N N 330 
NDP C2D C1D  sing N N 331 
NDP C2D H2D  sing N N 332 
NDP O2D HO2N sing N N 333 
NDP C1D N1N  sing N N 334 
NDP C1D H1D  sing N N 335 
NDP N1N C2N  sing N N 336 
NDP N1N C6N  sing N N 337 
NDP C2N C3N  doub N N 338 
NDP C2N H2N  sing N N 339 
NDP C3N C7N  sing N N 340 
NDP C3N C4N  sing N N 341 
NDP C7N O7N  doub N N 342 
NDP C7N N7N  sing N N 343 
NDP N7N H71N sing N N 344 
NDP N7N H72N sing N N 345 
NDP C4N C5N  sing N N 346 
NDP C4N H41N sing N N 347 
NDP C4N H42N sing N N 348 
NDP C5N C6N  doub N N 349 
NDP C5N H5N  sing N N 350 
NDP C6N H6N  sing N N 351 
NDP P2B O1X  doub N N 352 
NDP P2B O2X  sing N N 353 
NDP P2B O3X  sing N N 354 
NDP O2X HOP2 sing N N 355 
NDP O3X HOP3 sing N N 356 
PHE N   CA   sing N N 357 
PHE N   H    sing N N 358 
PHE N   H2   sing N N 359 
PHE CA  C    sing N N 360 
PHE CA  CB   sing N N 361 
PHE CA  HA   sing N N 362 
PHE C   O    doub N N 363 
PHE C   OXT  sing N N 364 
PHE CB  CG   sing N N 365 
PHE CB  HB2  sing N N 366 
PHE CB  HB3  sing N N 367 
PHE CG  CD1  doub Y N 368 
PHE CG  CD2  sing Y N 369 
PHE CD1 CE1  sing Y N 370 
PHE CD1 HD1  sing N N 371 
PHE CD2 CE2  doub Y N 372 
PHE CD2 HD2  sing N N 373 
PHE CE1 CZ   doub Y N 374 
PHE CE1 HE1  sing N N 375 
PHE CE2 CZ   sing Y N 376 
PHE CE2 HE2  sing N N 377 
PHE CZ  HZ   sing N N 378 
PHE OXT HXT  sing N N 379 
PRO N   CA   sing N N 380 
PRO N   CD   sing N N 381 
PRO N   H    sing N N 382 
PRO CA  C    sing N N 383 
PRO CA  CB   sing N N 384 
PRO CA  HA   sing N N 385 
PRO C   O    doub N N 386 
PRO C   OXT  sing N N 387 
PRO CB  CG   sing N N 388 
PRO CB  HB2  sing N N 389 
PRO CB  HB3  sing N N 390 
PRO CG  CD   sing N N 391 
PRO CG  HG2  sing N N 392 
PRO CG  HG3  sing N N 393 
PRO CD  HD2  sing N N 394 
PRO CD  HD3  sing N N 395 
PRO OXT HXT  sing N N 396 
SER N   CA   sing N N 397 
SER N   H    sing N N 398 
SER N   H2   sing N N 399 
SER CA  C    sing N N 400 
SER CA  CB   sing N N 401 
SER CA  HA   sing N N 402 
SER C   O    doub N N 403 
SER C   OXT  sing N N 404 
SER CB  OG   sing N N 405 
SER CB  HB2  sing N N 406 
SER CB  HB3  sing N N 407 
SER OG  HG   sing N N 408 
SER OXT HXT  sing N N 409 
THR N   CA   sing N N 410 
THR N   H    sing N N 411 
THR N   H2   sing N N 412 
THR CA  C    sing N N 413 
THR CA  CB   sing N N 414 
THR CA  HA   sing N N 415 
THR C   O    doub N N 416 
THR C   OXT  sing N N 417 
THR CB  OG1  sing N N 418 
THR CB  CG2  sing N N 419 
THR CB  HB   sing N N 420 
THR OG1 HG1  sing N N 421 
THR CG2 HG21 sing N N 422 
THR CG2 HG22 sing N N 423 
THR CG2 HG23 sing N N 424 
THR OXT HXT  sing N N 425 
TRP N   CA   sing N N 426 
TRP N   H    sing N N 427 
TRP N   H2   sing N N 428 
TRP CA  C    sing N N 429 
TRP CA  CB   sing N N 430 
TRP CA  HA   sing N N 431 
TRP C   O    doub N N 432 
TRP C   OXT  sing N N 433 
TRP CB  CG   sing N N 434 
TRP CB  HB2  sing N N 435 
TRP CB  HB3  sing N N 436 
TRP CG  CD1  doub Y N 437 
TRP CG  CD2  sing Y N 438 
TRP CD1 NE1  sing Y N 439 
TRP CD1 HD1  sing N N 440 
TRP CD2 CE2  doub Y N 441 
TRP CD2 CE3  sing Y N 442 
TRP NE1 CE2  sing Y N 443 
TRP NE1 HE1  sing N N 444 
TRP CE2 CZ2  sing Y N 445 
TRP CE3 CZ3  doub Y N 446 
TRP CE3 HE3  sing N N 447 
TRP CZ2 CH2  doub Y N 448 
TRP CZ2 HZ2  sing N N 449 
TRP CZ3 CH2  sing Y N 450 
TRP CZ3 HZ3  sing N N 451 
TRP CH2 HH2  sing N N 452 
TRP OXT HXT  sing N N 453 
TYR N   CA   sing N N 454 
TYR N   H    sing N N 455 
TYR N   H2   sing N N 456 
TYR CA  C    sing N N 457 
TYR CA  CB   sing N N 458 
TYR CA  HA   sing N N 459 
TYR C   O    doub N N 460 
TYR C   OXT  sing N N 461 
TYR CB  CG   sing N N 462 
TYR CB  HB2  sing N N 463 
TYR CB  HB3  sing N N 464 
TYR CG  CD1  doub Y N 465 
TYR CG  CD2  sing Y N 466 
TYR CD1 CE1  sing Y N 467 
TYR CD1 HD1  sing N N 468 
TYR CD2 CE2  doub Y N 469 
TYR CD2 HD2  sing N N 470 
TYR CE1 CZ   doub Y N 471 
TYR CE1 HE1  sing N N 472 
TYR CE2 CZ   sing Y N 473 
TYR CE2 HE2  sing N N 474 
TYR CZ  OH   sing N N 475 
TYR OH  HH   sing N N 476 
TYR OXT HXT  sing N N 477 
VAL N   CA   sing N N 478 
VAL N   H    sing N N 479 
VAL N   H2   sing N N 480 
VAL CA  C    sing N N 481 
VAL CA  CB   sing N N 482 
VAL CA  HA   sing N N 483 
VAL C   O    doub N N 484 
VAL C   OXT  sing N N 485 
VAL CB  CG1  sing N N 486 
VAL CB  CG2  sing N N 487 
VAL CB  HB   sing N N 488 
VAL CG1 HG11 sing N N 489 
VAL CG1 HG12 sing N N 490 
VAL CG1 HG13 sing N N 491 
VAL CG2 HG21 sing N N 492 
VAL CG2 HG22 sing N N 493 
VAL CG2 HG23 sing N N 494 
VAL OXT HXT  sing N N 495 
# 
_pdbx_initial_refinement_model.accession_code   ? 
_pdbx_initial_refinement_model.id               1 
_pdbx_initial_refinement_model.entity_id_list   ? 
_pdbx_initial_refinement_model.type             other 
_pdbx_initial_refinement_model.source_name      ? 
_pdbx_initial_refinement_model.details          
'Sa F98Y DHFR bound to Folate and NADPH (Dale et al., J.Mol.Biol. 1997, structure not deposited in the PDB).' 
# 
_atom_sites.entry_id                    3F0U 
_atom_sites.fract_transf_matrix[1][1]   -0.00915463 
_atom_sites.fract_transf_matrix[1][2]   -0.01100336 
_atom_sites.fract_transf_matrix[1][3]   0.00283621 
_atom_sites.fract_transf_matrix[2][1]   -0.00918165 
_atom_sites.fract_transf_matrix[2][2]   -0.00469729 
_atom_sites.fract_transf_matrix[2][3]   -0.01032275 
_atom_sites.fract_transf_matrix[3][1]   0.00630411 
_atom_sites.fract_transf_matrix[3][2]   -0.00598791 
_atom_sites.fract_transf_matrix[3][3]   -0.00288249 
_atom_sites.fract_transf_vector[1]      -0.400076 
_atom_sites.fract_transf_vector[2]      -0.173165 
_atom_sites.fract_transf_vector[3]      0.357291 
# 
loop_
_atom_type.symbol 
C 
N 
O 
P 
S 
# 
loop_
_atom_site.group_PDB 
_atom_site.id 
_atom_site.type_symbol 
_atom_site.label_atom_id 
_atom_site.label_alt_id 
_atom_site.label_comp_id 
_atom_site.label_asym_id 
_atom_site.label_entity_id 
_atom_site.label_seq_id 
_atom_site.pdbx_PDB_ins_code 
_atom_site.Cartn_x 
_atom_site.Cartn_y 
_atom_site.Cartn_z 
_atom_site.occupancy 
_atom_site.B_iso_or_equiv 
_atom_site.pdbx_formal_charge 
_atom_site.auth_seq_id 
_atom_site.auth_comp_id 
_atom_site.auth_asym_id 
_atom_site.auth_atom_id 
_atom_site.pdbx_PDB_model_num 
ATOM   1    N N   . THR A 1 1   ? -11.418 8.433   6.975   1.00 29.41 ? 1   THR X N   1 
ATOM   2    C CA  . THR A 1 1   ? -11.475 7.083   6.336   1.00 28.82 ? 1   THR X CA  1 
ATOM   3    C C   . THR A 1 1   ? -10.049 6.535   6.298   1.00 26.98 ? 1   THR X C   1 
ATOM   4    O O   . THR A 1 1   ? -9.136  7.228   5.858   1.00 27.27 ? 1   THR X O   1 
ATOM   5    C CB  . THR A 1 1   ? -12.028 7.155   4.898   1.00 29.31 ? 1   THR X CB  1 
ATOM   6    O OG1 . THR A 1 1   ? -13.311 7.799   4.904   1.00 32.44 ? 1   THR X OG1 1 
ATOM   7    C CG2 . THR A 1 1   ? -12.160 5.762   4.297   1.00 29.99 ? 1   THR X CG2 1 
ATOM   8    N N   . LEU A 1 2   ? -9.881  5.301   6.765   1.00 25.00 ? 2   LEU X N   1 
ATOM   9    C CA  . LEU A 1 2   ? -8.571  4.649   6.825   1.00 22.69 ? 2   LEU X CA  1 
ATOM   10   C C   . LEU A 1 2   ? -8.580  3.358   6.000   1.00 20.59 ? 2   LEU X C   1 
ATOM   11   O O   . LEU A 1 2   ? -9.334  2.423   6.298   1.00 20.18 ? 2   LEU X O   1 
ATOM   12   C CB  . LEU A 1 2   ? -8.197  4.349   8.273   1.00 22.38 ? 2   LEU X CB  1 
ATOM   13   C CG  . LEU A 1 2   ? -6.781  3.873   8.623   1.00 23.16 ? 2   LEU X CG  1 
ATOM   14   C CD1 . LEU A 1 2   ? -5.713  4.841   8.104   1.00 23.32 ? 2   LEU X CD1 1 
ATOM   15   C CD2 . LEU A 1 2   ? -6.658  3.649   10.136  1.00 23.49 ? 2   LEU X CD2 1 
ATOM   16   N N   . SER A 1 3   ? -7.736  3.327   4.975   1.00 18.99 ? 3   SER X N   1 
ATOM   17   C CA  . SER A 1 3   ? -7.699  2.196   4.026   1.00 17.90 ? 3   SER X CA  1 
ATOM   18   C C   . SER A 1 3   ? -6.278  1.680   3.886   1.00 17.86 ? 3   SER X C   1 
ATOM   19   O O   . SER A 1 3   ? -5.335  2.454   3.981   1.00 17.68 ? 3   SER X O   1 
ATOM   20   C CB  . SER A 1 3   ? -8.156  2.636   2.648   1.00 18.15 ? 3   SER X CB  1 
ATOM   21   O OG  . SER A 1 3   ? -9.451  3.224   2.691   1.00 18.72 ? 3   SER X OG  1 
ATOM   22   N N   . ILE A 1 4   ? -6.140  0.378   3.641   1.00 15.51 ? 4   ILE X N   1 
ATOM   23   C CA  . ILE A 1 4   ? -4.877  -0.169  3.153   1.00 14.96 ? 4   ILE X CA  1 
ATOM   24   C C   . ILE A 1 4   ? -4.854  -0.133  1.636   1.00 14.23 ? 4   ILE X C   1 
ATOM   25   O O   . ILE A 1 4   ? -5.876  -0.346  0.971   1.00 13.84 ? 4   ILE X O   1 
ATOM   26   C CB  . ILE A 1 4   ? -4.640  -1.628  3.678   1.00 14.89 ? 4   ILE X CB  1 
ATOM   27   C CG1 . ILE A 1 4   ? -3.955  -1.587  5.059   1.00 15.20 ? 4   ILE X CG1 1 
ATOM   28   C CG2 . ILE A 1 4   ? -3.838  -2.489  2.679   1.00 15.05 ? 4   ILE X CG2 1 
ATOM   29   C CD1 . ILE A 1 4   ? -3.874  -2.930  5.778   1.00 14.61 ? 4   ILE X CD1 1 
ATOM   30   N N   . LEU A 1 5   ? -3.671  0.124   1.088   1.00 13.42 ? 5   LEU X N   1 
ATOM   31   C CA  . LEU A 1 5   ? -3.458  0.054   -0.343  1.00 13.52 ? 5   LEU X CA  1 
ATOM   32   C C   . LEU A 1 5   ? -2.194  -0.770  -0.545  1.00 13.36 ? 5   LEU X C   1 
ATOM   33   O O   . LEU A 1 5   ? -1.111  -0.362  -0.121  1.00 13.52 ? 5   LEU X O   1 
ATOM   34   C CB  . LEU A 1 5   ? -3.283  1.471   -0.905  1.00 14.35 ? 5   LEU X CB  1 
ATOM   35   C CG  . LEU A 1 5   ? -3.023  1.704   -2.390  1.00 14.49 ? 5   LEU X CG  1 
ATOM   36   C CD1 . LEU A 1 5   ? -4.052  0.977   -3.282  1.00 18.30 ? 5   LEU X CD1 1 
ATOM   37   C CD2 . LEU A 1 5   ? -3.087  3.213   -2.681  1.00 15.25 ? 5   LEU X CD2 1 
ATOM   38   N N   . VAL A 1 6   ? -2.337  -1.939  -1.165  1.00 12.52 ? 6   VAL X N   1 
ATOM   39   C CA  . VAL A 1 6   ? -1.211  -2.875  -1.287  1.00 12.29 ? 6   VAL X CA  1 
ATOM   40   C C   . VAL A 1 6   ? -1.369  -3.719  -2.566  1.00 12.17 ? 6   VAL X C   1 
ATOM   41   O O   . VAL A 1 6   ? -2.498  -3.940  -3.046  1.00 13.09 ? 6   VAL X O   1 
ATOM   42   C CB  . VAL A 1 6   ? -1.170  -3.828  -0.063  1.00 11.86 ? 6   VAL X CB  1 
ATOM   43   C CG1 . VAL A 1 6   ? -2.421  -4.749  -0.009  1.00 11.34 ? 6   VAL X CG1 1 
ATOM   44   C CG2 . VAL A 1 6   ? 0.103   -4.716  -0.081  1.00 12.07 ? 6   VAL X CG2 1 
ATOM   45   N N   . ALA A 1 7   ? -0.237  -4.183  -3.090  1.00 11.77 ? 7   ALA X N   1 
ATOM   46   C CA  . ALA A 1 7   ? -0.204  -5.205  -4.121  1.00 11.31 ? 7   ALA X CA  1 
ATOM   47   C C   . ALA A 1 7   ? 0.554   -6.408  -3.527  1.00 11.32 ? 7   ALA X C   1 
ATOM   48   O O   . ALA A 1 7   ? 1.671   -6.255  -3.005  1.00 11.69 ? 7   ALA X O   1 
ATOM   49   C CB  . ALA A 1 7   ? 0.487   -4.710  -5.365  1.00 11.79 ? 7   ALA X CB  1 
ATOM   50   N N   . HIS A 1 8   ? -0.049  -7.584  -3.596  1.00 10.80 ? 8   HIS X N   1 
ATOM   51   C CA  . HIS A 1 8   ? 0.653   -8.776  -3.067  1.00 11.39 ? 8   HIS X CA  1 
ATOM   52   C C   . HIS A 1 8   ? 0.476   -9.975  -3.986  1.00 12.32 ? 8   HIS X C   1 
ATOM   53   O O   . HIS A 1 8   ? -0.510  -10.045 -4.729  1.00 12.60 ? 8   HIS X O   1 
ATOM   54   C CB  . HIS A 1 8   ? 0.275   -9.069  -1.615  1.00 11.25 ? 8   HIS X CB  1 
ATOM   55   C CG  . HIS A 1 8   ? -1.078  -9.699  -1.409  1.00 11.02 ? 8   HIS X CG  1 
ATOM   56   N ND1 . HIS A 1 8   ? -1.422  -10.943 -1.915  1.00 10.96 ? 8   HIS X ND1 1 
ATOM   57   C CD2 . HIS A 1 8   ? -2.126  -9.303  -0.646  1.00 13.29 ? 8   HIS X CD2 1 
ATOM   58   C CE1 . HIS A 1 8   ? -2.653  -11.240 -1.534  1.00 12.62 ? 8   HIS X CE1 1 
ATOM   59   N NE2 . HIS A 1 8   ? -3.096  -10.273 -0.748  1.00 13.71 ? 8   HIS X NE2 1 
ATOM   60   N N   . ASP A 1 9   ? 1.443   -10.898 -3.968  1.00 11.45 ? 9   ASP X N   1 
ATOM   61   C CA  . ASP A 1 9   ? 1.331   -12.058 -4.874  1.00 11.62 ? 9   ASP X CA  1 
ATOM   62   C C   . ASP A 1 9   ? 0.526   -13.212 -4.239  1.00 11.89 ? 9   ASP X C   1 
ATOM   63   O O   . ASP A 1 9   ? -0.080  -13.050 -3.196  1.00 11.30 ? 9   ASP X O   1 
ATOM   64   C CB  . ASP A 1 9   ? 2.710   -12.487 -5.430  1.00 11.34 ? 9   ASP X CB  1 
ATOM   65   C CG  . ASP A 1 9   ? 3.508   -13.347 -4.454  1.00 11.03 ? 9   ASP X CG  1 
ATOM   66   O OD1 . ASP A 1 9   ? 3.026   -13.607 -3.333  1.00 11.77 ? 9   ASP X OD1 1 
ATOM   67   O OD2 . ASP A 1 9   ? 4.630   -13.737 -4.850  1.00 13.17 ? 9   ASP X OD2 1 
ATOM   68   N N   . LEU A 1 10  ? 0.518   -14.374 -4.885  1.00 13.02 ? 10  LEU X N   1 
ATOM   69   C CA  . LEU A 1 10  ? -0.258  -15.504 -4.398  1.00 14.44 ? 10  LEU X CA  1 
ATOM   70   C C   . LEU A 1 10  ? 0.125   -15.999 -2.987  1.00 14.52 ? 10  LEU X C   1 
ATOM   71   O O   . LEU A 1 10  ? -0.684  -16.653 -2.310  1.00 15.32 ? 10  LEU X O   1 
ATOM   72   C CB  . LEU A 1 10  ? -0.158  -16.647 -5.395  1.00 14.84 ? 10  LEU X CB  1 
ATOM   73   C CG  . LEU A 1 10  ? -0.898  -16.398 -6.711  1.00 17.32 ? 10  LEU X CG  1 
ATOM   74   C CD1 . LEU A 1 10  ? -0.512  -17.465 -7.722  1.00 19.94 ? 10  LEU X CD1 1 
ATOM   75   C CD2 . LEU A 1 10  ? -2.409  -16.329 -6.494  1.00 17.65 ? 10  LEU X CD2 1 
ATOM   76   N N   . GLN A 1 11  ? 1.361   -15.697 -2.583  1.00 14.39 ? 11  GLN X N   1 
ATOM   77   C CA  . GLN A 1 11  ? 1.864   -16.067 -1.261  1.00 14.53 ? 11  GLN X CA  1 
ATOM   78   C C   . GLN A 1 11  ? 2.050   -14.867 -0.338  1.00 13.79 ? 11  GLN X C   1 
ATOM   79   O O   . GLN A 1 11  ? 2.700   -14.974 0.712   1.00 14.36 ? 11  GLN X O   1 
ATOM   80   C CB  . GLN A 1 11  ? 3.158   -16.859 -1.412  1.00 15.32 ? 11  GLN X CB  1 
ATOM   81   C CG  . GLN A 1 11  ? 2.873   -18.112 -2.227  1.00 19.91 ? 11  GLN X CG  1 
ATOM   82   C CD  . GLN A 1 11  ? 4.058   -19.021 -2.416  1.00 23.72 ? 11  GLN X CD  1 
ATOM   83   O OE1 . GLN A 1 11  ? 5.147   -18.595 -2.831  1.00 26.14 ? 11  GLN X OE1 1 
ATOM   84   N NE2 . GLN A 1 11  ? 3.837   -20.311 -2.155  1.00 25.41 ? 11  GLN X NE2 1 
ATOM   85   N N   . ARG A 1 12  ? 1.438   -13.752 -0.731  1.00 12.63 ? 12  ARG X N   1 
ATOM   86   C CA  . ARG A 1 12  ? 1.463   -12.495 0.024   1.00 12.44 ? 12  ARG X CA  1 
ATOM   87   C C   . ARG A 1 12  ? 2.821   -11.785 0.026   1.00 11.54 ? 12  ARG X C   1 
ATOM   88   O O   . ARG A 1 12  ? 3.034   -10.887 0.836   1.00 12.66 ? 12  ARG X O   1 
ATOM   89   C CB  . ARG A 1 12  ? 0.900   -12.658 1.445   1.00 12.75 ? 12  ARG X CB  1 
ATOM   90   C CG  . ARG A 1 12  ? -0.654  -12.641 1.523   1.00 13.96 ? 12  ARG X CG  1 
ATOM   91   C CD  . ARG A 1 12  ? -1.147  -12.936 2.954   1.00 14.62 ? 12  ARG X CD  1 
ATOM   92   N NE  . ARG A 1 12  ? -0.821  -14.317 3.310   1.00 16.05 ? 12  ARG X NE  1 
ATOM   93   C CZ  . ARG A 1 12  ? 0.248   -14.716 4.005   1.00 18.58 ? 12  ARG X CZ  1 
ATOM   94   N NH1 . ARG A 1 12  ? 1.148   -13.843 4.507   1.00 15.53 ? 12  ARG X NH1 1 
ATOM   95   N NH2 . ARG A 1 12  ? 0.403   -16.022 4.203   1.00 19.46 ? 12  ARG X NH2 1 
ATOM   96   N N   . VAL A 1 13  ? 3.721   -12.145 -0.882  1.00 11.22 ? 13  VAL X N   1 
ATOM   97   C CA  . VAL A 1 13  ? 4.939   -11.348 -1.080  1.00 12.03 ? 13  VAL X CA  1 
ATOM   98   C C   . VAL A 1 13  ? 4.556   -9.920  -1.488  1.00 12.36 ? 13  VAL X C   1 
ATOM   99   O O   . VAL A 1 13  ? 3.699   -9.730  -2.365  1.00 12.31 ? 13  VAL X O   1 
ATOM   100  C CB  . VAL A 1 13  ? 5.849   -11.949 -2.171  1.00 12.32 ? 13  VAL X CB  1 
ATOM   101  C CG1 . VAL A 1 13  ? 6.953   -10.961 -2.590  1.00 12.73 ? 13  VAL X CG1 1 
ATOM   102  C CG2 . VAL A 1 13  ? 6.468   -13.241 -1.659  1.00 12.36 ? 13  VAL X CG2 1 
ATOM   103  N N   . ILE A 1 14  ? 5.190   -8.926  -0.858  1.00 12.53 ? 14  ILE X N   1 
ATOM   104  C CA  . ILE A 1 14  ? 5.054   -7.532  -1.283  1.00 13.19 ? 14  ILE X CA  1 
ATOM   105  C C   . ILE A 1 14  ? 6.365   -6.879  -1.724  1.00 13.31 ? 14  ILE X C   1 
ATOM   106  O O   . ILE A 1 14  ? 6.345   -5.885  -2.436  1.00 12.96 ? 14  ILE X O   1 
ATOM   107  C CB  . ILE A 1 14  ? 4.379   -6.622  -0.204  1.00 13.07 ? 14  ILE X CB  1 
ATOM   108  C CG1 . ILE A 1 14  ? 5.254   -6.512  1.062   1.00 13.84 ? 14  ILE X CG1 1 
ATOM   109  C CG2 . ILE A 1 14  ? 2.941   -7.085  0.103   1.00 11.91 ? 14  ILE X CG2 1 
ATOM   110  C CD1 . ILE A 1 14  ? 4.693   -5.555  2.150   1.00 15.58 ? 14  ILE X CD1 1 
ATOM   111  N N   . GLY A 1 15  ? 7.502   -7.430  -1.296  1.00 13.35 ? 15  GLY X N   1 
ATOM   112  C CA  . GLY A 1 15  ? 8.786   -6.798  -1.633  1.00 13.13 ? 15  GLY X CA  1 
ATOM   113  C C   . GLY A 1 15  ? 9.961   -7.762  -1.674  1.00 13.21 ? 15  GLY X C   1 
ATOM   114  O O   . GLY A 1 15  ? 9.896   -8.860  -1.128  1.00 12.11 ? 15  GLY X O   1 
ATOM   115  N N   . PHE A 1 16  ? 11.005  -7.354  -2.388  1.00 13.63 ? 16  PHE X N   1 
ATOM   116  C CA  . PHE A 1 16  ? 12.282  -8.060  -2.334  1.00 14.29 ? 16  PHE X CA  1 
ATOM   117  C C   . PHE A 1 16  ? 13.375  -7.001  -2.441  1.00 15.23 ? 16  PHE X C   1 
ATOM   118  O O   . PHE A 1 16  ? 13.407  -6.237  -3.408  1.00 15.30 ? 16  PHE X O   1 
ATOM   119  C CB  . PHE A 1 16  ? 12.424  -9.059  -3.485  1.00 14.37 ? 16  PHE X CB  1 
ATOM   120  C CG  . PHE A 1 16  ? 13.704  -9.859  -3.430  1.00 14.56 ? 16  PHE X CG  1 
ATOM   121  C CD1 . PHE A 1 16  ? 14.682  -9.703  -4.412  1.00 17.85 ? 16  PHE X CD1 1 
ATOM   122  C CD2 . PHE A 1 16  ? 13.930  -10.747 -2.393  1.00 15.68 ? 16  PHE X CD2 1 
ATOM   123  C CE1 . PHE A 1 16  ? 15.885  -10.428 -4.371  1.00 17.15 ? 16  PHE X CE1 1 
ATOM   124  C CE2 . PHE A 1 16  ? 15.128  -11.488 -2.338  1.00 14.85 ? 16  PHE X CE2 1 
ATOM   125  C CZ  . PHE A 1 16  ? 16.109  -11.314 -3.325  1.00 17.33 ? 16  PHE X CZ  1 
ATOM   126  N N   . GLU A 1 17  ? 14.263  -6.997  -1.459  1.00 15.91 ? 17  GLU X N   1 
ATOM   127  C CA  . GLU A 1 17  ? 15.410  -6.089  -1.457  1.00 17.53 ? 17  GLU X CA  1 
ATOM   128  C C   . GLU A 1 17  ? 15.010  -4.636  -1.680  1.00 18.12 ? 17  GLU X C   1 
ATOM   129  O O   . GLU A 1 17  ? 15.579  -3.948  -2.535  1.00 19.07 ? 17  GLU X O   1 
ATOM   130  C CB  . GLU A 1 17  ? 16.444  -6.565  -2.471  1.00 17.51 ? 17  GLU X CB  1 
ATOM   131  C CG  . GLU A 1 17  ? 16.998  -7.932  -2.070  1.00 21.37 ? 17  GLU X CG  1 
ATOM   132  C CD  . GLU A 1 17  ? 18.237  -8.314  -2.805  1.00 23.85 ? 17  GLU X CD  1 
ATOM   133  O OE1 . GLU A 1 17  ? 18.356  -7.981  -4.001  1.00 26.01 ? 17  GLU X OE1 1 
ATOM   134  O OE2 . GLU A 1 17  ? 19.098  -8.949  -2.168  1.00 24.30 ? 17  GLU X OE2 1 
ATOM   135  N N   . ASN A 1 18  ? 14.027  -4.212  -0.891  1.00 19.04 ? 18  ASN X N   1 
ATOM   136  C CA  . ASN A 1 18  ? 13.488  -2.840  -0.882  1.00 20.77 ? 18  ASN X CA  1 
ATOM   137  C C   . ASN A 1 18  ? 12.979  -2.351  -2.255  1.00 21.66 ? 18  ASN X C   1 
ATOM   138  O O   . ASN A 1 18  ? 13.026  -1.153  -2.574  1.00 23.14 ? 18  ASN X O   1 
ATOM   139  C CB  . ASN A 1 18  ? 14.484  -1.877  -0.192  1.00 21.21 ? 18  ASN X CB  1 
ATOM   140  C CG  . ASN A 1 18  ? 14.579  -2.117  1.316   1.00 23.02 ? 18  ASN X CG  1 
ATOM   141  O OD1 . ASN A 1 18  ? 13.609  -2.522  1.966   1.00 26.10 ? 18  ASN X OD1 1 
ATOM   142  N ND2 . ASN A 1 18  ? 15.757  -1.862  1.885   1.00 25.96 ? 18  ASN X ND2 1 
ATOM   143  N N   . GLN A 1 19  ? 12.476  -3.284  -3.063  1.00 21.40 ? 19  GLN X N   1 
ATOM   144  C CA  . GLN A 1 19  ? 11.781  -2.953  -4.303  1.00 21.64 ? 19  GLN X CA  1 
ATOM   145  C C   . GLN A 1 19  ? 10.552  -3.827  -4.441  1.00 21.07 ? 19  GLN X C   1 
ATOM   146  O O   . GLN A 1 19  ? 10.443  -4.860  -3.781  1.00 19.89 ? 19  GLN X O   1 
ATOM   147  C CB  . GLN A 1 19  ? 12.651  -3.217  -5.520  1.00 22.71 ? 19  GLN X CB  1 
ATOM   148  C CG  . GLN A 1 19  ? 13.885  -2.356  -5.645  1.00 26.04 ? 19  GLN X CG  1 
ATOM   149  C CD  . GLN A 1 19  ? 14.637  -2.616  -6.931  1.00 31.61 ? 19  GLN X CD  1 
ATOM   150  O OE1 . GLN A 1 19  ? 14.039  -2.783  -8.001  1.00 36.27 ? 19  GLN X OE1 1 
ATOM   151  N NE2 . GLN A 1 19  ? 15.962  -2.648  -6.838  1.00 35.24 ? 19  GLN X NE2 1 
ATOM   152  N N   . LEU A 1 20  ? 9.632   -3.410  -5.302  1.00 20.94 ? 20  LEU X N   1 
ATOM   153  C CA  . LEU A 1 20  ? 8.538   -4.298  -5.693  1.00 20.91 ? 20  LEU X CA  1 
ATOM   154  C C   . LEU A 1 20  ? 9.092   -5.366  -6.650  1.00 20.51 ? 20  LEU X C   1 
ATOM   155  O O   . LEU A 1 20  ? 9.897   -5.056  -7.522  1.00 20.91 ? 20  LEU X O   1 
ATOM   156  C CB  . LEU A 1 20  ? 7.377   -3.499  -6.312  1.00 21.50 ? 20  LEU X CB  1 
ATOM   157  C CG  . LEU A 1 20  ? 6.289   -3.174  -5.260  1.00 23.28 ? 20  LEU X CG  1 
ATOM   158  C CD1 . LEU A 1 20  ? 6.648   -2.013  -4.364  1.00 24.90 ? 20  LEU X CD1 1 
ATOM   159  C CD2 . LEU A 1 20  ? 4.919   -2.940  -5.905  1.00 26.20 ? 20  LEU X CD2 1 
ATOM   160  N N   . PRO A 1 21  ? 8.688   -6.644  -6.473  1.00 19.77 ? 21  PRO X N   1 
ATOM   161  C CA  . PRO A 1 21  ? 9.245   -7.726  -7.316  1.00 20.37 ? 21  PRO X CA  1 
ATOM   162  C C   . PRO A 1 21  ? 8.778   -7.795  -8.777  1.00 20.90 ? 21  PRO X C   1 
ATOM   163  O O   . PRO A 1 21  ? 9.386   -8.516  -9.590  1.00 22.24 ? 21  PRO X O   1 
ATOM   164  C CB  . PRO A 1 21  ? 8.829   -9.008  -6.558  1.00 19.40 ? 21  PRO X CB  1 
ATOM   165  C CG  . PRO A 1 21  ? 8.339   -8.551  -5.207  1.00 19.81 ? 21  PRO X CG  1 
ATOM   166  C CD  . PRO A 1 21  ? 7.780   -7.168  -5.440  1.00 19.96 ? 21  PRO X CD  1 
ATOM   167  N N   . TRP A 1 22  ? 7.708   -7.067  -9.108  1.00 21.08 ? 22  TRP X N   1 
ATOM   168  C CA  . TRP A 1 22  ? 7.085   -7.093  -10.444 1.00 21.08 ? 22  TRP X CA  1 
ATOM   169  C C   . TRP A 1 22  ? 6.998   -5.678  -11.000 1.00 22.78 ? 22  TRP X C   1 
ATOM   170  O O   . TRP A 1 22  ? 7.083   -4.719  -10.244 1.00 22.61 ? 22  TRP X O   1 
ATOM   171  C CB  . TRP A 1 22  ? 5.671   -7.690  -10.377 1.00 20.31 ? 22  TRP X CB  1 
ATOM   172  C CG  . TRP A 1 22  ? 4.909   -7.124  -9.238  1.00 18.47 ? 22  TRP X CG  1 
ATOM   173  C CD1 . TRP A 1 22  ? 4.248   -5.922  -9.199  1.00 18.18 ? 22  TRP X CD1 1 
ATOM   174  C CD2 . TRP A 1 22  ? 4.757   -7.712  -7.947  1.00 16.70 ? 22  TRP X CD2 1 
ATOM   175  N NE1 . TRP A 1 22  ? 3.688   -5.732  -7.959  1.00 16.80 ? 22  TRP X NE1 1 
ATOM   176  C CE2 . TRP A 1 22  ? 3.995   -6.812  -7.164  1.00 16.50 ? 22  TRP X CE2 1 
ATOM   177  C CE3 . TRP A 1 22  ? 5.180   -8.918  -7.369  1.00 15.01 ? 22  TRP X CE3 1 
ATOM   178  C CZ2 . TRP A 1 22  ? 3.653   -7.078  -5.846  1.00 17.23 ? 22  TRP X CZ2 1 
ATOM   179  C CZ3 . TRP A 1 22  ? 4.831   -9.173  -6.038  1.00 17.02 ? 22  TRP X CZ3 1 
ATOM   180  C CH2 . TRP A 1 22  ? 4.082   -8.264  -5.301  1.00 16.77 ? 22  TRP X CH2 1 
ATOM   181  N N   . HIS A 1 23  ? 6.821   -5.563  -12.318 1.00 24.90 ? 23  HIS X N   1 
ATOM   182  C CA  . HIS A 1 23  ? 6.556   -4.270  -12.946 1.00 26.31 ? 23  HIS X CA  1 
ATOM   183  C C   . HIS A 1 23  ? 5.185   -4.270  -13.621 1.00 25.80 ? 23  HIS X C   1 
ATOM   184  O O   . HIS A 1 23  ? 4.961   -4.982  -14.608 1.00 27.79 ? 23  HIS X O   1 
ATOM   185  C CB  . HIS A 1 23  ? 7.656   -3.895  -13.948 1.00 27.74 ? 23  HIS X CB  1 
ATOM   186  C CG  . HIS A 1 23  ? 7.514   -2.503  -14.493 1.00 31.38 ? 23  HIS X CG  1 
ATOM   187  N ND1 . HIS A 1 23  ? 7.646   -1.377  -13.705 1.00 34.77 ? 23  HIS X ND1 1 
ATOM   188  C CD2 . HIS A 1 23  ? 7.228   -2.058  -15.740 1.00 34.02 ? 23  HIS X CD2 1 
ATOM   189  C CE1 . HIS A 1 23  ? 7.454   -0.300  -14.445 1.00 35.90 ? 23  HIS X CE1 1 
ATOM   190  N NE2 . HIS A 1 23  ? 7.198   -0.686  -15.683 1.00 35.83 ? 23  HIS X NE2 1 
ATOM   191  N N   . LEU A 1 24  ? 4.270   -3.480  -13.076 1.00 24.91 ? 24  LEU X N   1 
ATOM   192  C CA  . LEU A 1 24  ? 2.880   -3.499  -13.522 1.00 23.84 ? 24  LEU X CA  1 
ATOM   193  C C   . LEU A 1 24  ? 2.305   -2.089  -13.634 1.00 23.11 ? 24  LEU X C   1 
ATOM   194  O O   . LEU A 1 24  ? 1.743   -1.574  -12.667 1.00 22.05 ? 24  LEU X O   1 
ATOM   195  C CB  . LEU A 1 24  ? 2.050   -4.351  -12.549 1.00 23.87 ? 24  LEU X CB  1 
ATOM   196  C CG  . LEU A 1 24  ? 0.811   -5.064  -13.078 1.00 25.57 ? 24  LEU X CG  1 
ATOM   197  C CD1 . LEU A 1 24  ? 1.136   -5.859  -14.332 1.00 24.63 ? 24  LEU X CD1 1 
ATOM   198  C CD2 . LEU A 1 24  ? 0.318   -5.973  -11.973 1.00 25.46 ? 24  LEU X CD2 1 
ATOM   199  N N   . PRO A 1 25  ? 2.460   -1.441  -14.816 1.00 22.70 ? 25  PRO X N   1 
ATOM   200  C CA  . PRO A 1 25  ? 1.928   -0.086  -14.996 1.00 22.75 ? 25  PRO X CA  1 
ATOM   201  C C   . PRO A 1 25  ? 0.455   0.067   -14.649 1.00 22.45 ? 25  PRO X C   1 
ATOM   202  O O   . PRO A 1 25  ? 0.079   1.104   -14.097 1.00 23.23 ? 25  PRO X O   1 
ATOM   203  C CB  . PRO A 1 25  ? 2.158   0.195   -16.488 1.00 22.78 ? 25  PRO X CB  1 
ATOM   204  C CG  . PRO A 1 25  ? 3.358   -0.620  -16.825 1.00 23.29 ? 25  PRO X CG  1 
ATOM   205  C CD  . PRO A 1 25  ? 3.156   -1.908  -16.032 1.00 22.61 ? 25  PRO X CD  1 
ATOM   206  N N   . ASN A 1 26  ? -0.367  -0.941  -14.948 1.00 21.18 ? 26  ASN X N   1 
ATOM   207  C CA  . ASN A 1 26  ? -1.791  -0.892  -14.581 1.00 21.06 ? 26  ASN X CA  1 
ATOM   208  C C   . ASN A 1 26  ? -1.992  -0.626  -13.086 1.00 20.50 ? 26  ASN X C   1 
ATOM   209  O O   . ASN A 1 26  ? -2.914  0.101   -12.689 1.00 20.14 ? 26  ASN X O   1 
ATOM   210  C CB  . ASN A 1 26  ? -2.508  -2.190  -14.948 1.00 21.22 ? 26  ASN X CB  1 
ATOM   211  C CG  . ASN A 1 26  ? -2.664  -2.394  -16.458 1.00 23.37 ? 26  ASN X CG  1 
ATOM   212  O OD1 . ASN A 1 26  ? -2.436  -1.485  -17.272 1.00 24.28 ? 26  ASN X OD1 1 
ATOM   213  N ND2 . ASN A 1 26  ? -3.057  -3.614  -16.835 1.00 26.67 ? 26  ASN X ND2 1 
ATOM   214  N N   . ASP A 1 27  ? -1.143  -1.236  -12.257 1.00 19.12 ? 27  ASP X N   1 
ATOM   215  C CA  . ASP A 1 27  ? -1.281  -1.088  -10.807 1.00 19.04 ? 27  ASP X CA  1 
ATOM   216  C C   . ASP A 1 27  ? -0.792  0.287   -10.337 1.00 19.11 ? 27  ASP X C   1 
ATOM   217  O O   . ASP A 1 27  ? -1.347  0.870   -9.404  1.00 19.04 ? 27  ASP X O   1 
ATOM   218  C CB  . ASP A 1 27  ? -0.563  -2.221  -10.062 1.00 18.41 ? 27  ASP X CB  1 
ATOM   219  C CG  . ASP A 1 27  ? -0.558  -2.016  -8.570  1.00 18.14 ? 27  ASP X CG  1 
ATOM   220  O OD1 . ASP A 1 27  ? 0.546   -1.779  -8.020  1.00 18.19 ? 27  ASP X OD1 1 
ATOM   221  O OD2 . ASP A 1 27  ? -1.647  -2.098  -7.934  1.00 17.93 ? 27  ASP X OD2 1 
ATOM   222  N N   . LEU A 1 28  ? 0.243   0.806   -10.997 1.00 19.79 ? 28  LEU X N   1 
ATOM   223  C CA  . LEU A 1 28  ? 0.719   2.156   -10.691 1.00 21.25 ? 28  LEU X CA  1 
ATOM   224  C C   . LEU A 1 28  ? -0.352  3.203   -11.006 1.00 20.97 ? 28  LEU X C   1 
ATOM   225  O O   . LEU A 1 28  ? -0.553  4.127   -10.224 1.00 20.62 ? 28  LEU X O   1 
ATOM   226  C CB  . LEU A 1 28  ? 2.002   2.461   -11.457 1.00 21.71 ? 28  LEU X CB  1 
ATOM   227  C CG  . LEU A 1 28  ? 3.201   1.539   -11.246 1.00 23.36 ? 28  LEU X CG  1 
ATOM   228  C CD1 . LEU A 1 28  ? 4.439   2.158   -11.915 1.00 24.29 ? 28  LEU X CD1 1 
ATOM   229  C CD2 . LEU A 1 28  ? 3.474   1.210   -9.773  1.00 24.02 ? 28  LEU X CD2 1 
ATOM   230  N N   . LYS A 1 29  ? -1.048  3.035   -12.131 1.00 21.55 ? 29  LYS X N   1 
ATOM   231  C CA  . LYS A 1 29  ? -2.184  3.903   -12.498 1.00 22.31 ? 29  LYS X CA  1 
ATOM   232  C C   . LYS A 1 29  ? -3.288  3.830   -11.447 1.00 22.04 ? 29  LYS X C   1 
ATOM   233  O O   . LYS A 1 29  ? -3.847  4.853   -11.023 1.00 22.42 ? 29  LYS X O   1 
ATOM   234  C CB  . LYS A 1 29  ? -2.774  3.459   -13.838 1.00 22.33 ? 29  LYS X CB  1 
ATOM   235  C CG  . LYS A 1 29  ? -2.042  3.905   -15.077 1.00 26.52 ? 29  LYS X CG  1 
ATOM   236  C CD  . LYS A 1 29  ? -2.816  3.465   -16.315 1.00 30.23 ? 29  LYS X CD  1 
ATOM   237  C CE  . LYS A 1 29  ? -2.600  4.419   -17.483 1.00 32.22 ? 29  LYS X CE  1 
ATOM   238  N NZ  . LYS A 1 29  ? -3.645  5.493   -17.509 1.00 34.11 ? 29  LYS X NZ  1 
ATOM   239  N N   . HIS A 1 30  ? -3.589  2.598   -11.028 1.00 21.58 ? 30  HIS X N   1 
ATOM   240  C CA  . HIS A 1 30  ? -4.599  2.305   -10.026 1.00 21.26 ? 30  HIS X CA  1 
ATOM   241  C C   . HIS A 1 30  ? -4.281  3.067   -8.749  1.00 21.11 ? 30  HIS X C   1 
ATOM   242  O O   . HIS A 1 30  ? -5.150  3.738   -8.174  1.00 20.76 ? 30  HIS X O   1 
ATOM   243  C CB  . HIS A 1 30  ? -4.607  0.789   -9.798  1.00 21.17 ? 30  HIS X CB  1 
ATOM   244  C CG  . HIS A 1 30  ? -5.459  0.329   -8.660  1.00 21.13 ? 30  HIS X CG  1 
ATOM   245  N ND1 . HIS A 1 30  ? -6.835  0.337   -8.708  1.00 20.80 ? 30  HIS X ND1 1 
ATOM   246  C CD2 . HIS A 1 30  ? -5.125  -0.230  -7.472  1.00 20.44 ? 30  HIS X CD2 1 
ATOM   247  C CE1 . HIS A 1 30  ? -7.315  -0.159  -7.580  1.00 21.26 ? 30  HIS X CE1 1 
ATOM   248  N NE2 . HIS A 1 30  ? -6.296  -0.511  -6.813  1.00 22.50 ? 30  HIS X NE2 1 
ATOM   249  N N   . VAL A 1 31  ? -3.017  2.991   -8.331  1.00 20.73 ? 31  VAL X N   1 
ATOM   250  C CA  . VAL A 1 31  ? -2.539  3.688   -7.141  1.00 21.64 ? 31  VAL X CA  1 
ATOM   251  C C   . VAL A 1 31  ? -2.693  5.198   -7.294  1.00 22.40 ? 31  VAL X C   1 
ATOM   252  O O   . VAL A 1 31  ? -3.187  5.853   -6.385  1.00 22.73 ? 31  VAL X O   1 
ATOM   253  C CB  . VAL A 1 31  ? -1.059  3.376   -6.861  1.00 21.54 ? 31  VAL X CB  1 
ATOM   254  C CG1 . VAL A 1 31  ? -0.420  4.447   -5.950  1.00 23.33 ? 31  VAL X CG1 1 
ATOM   255  C CG2 . VAL A 1 31  ? -0.934  1.997   -6.238  1.00 22.47 ? 31  VAL X CG2 1 
ATOM   256  N N   . LYS A 1 32  ? -2.258  5.718   -8.438  1.00 23.95 ? 32  LYS X N   1 
ATOM   257  C CA  . LYS A 1 32  ? -2.333  7.162   -8.687  1.00 25.38 ? 32  LYS X CA  1 
ATOM   258  C C   . LYS A 1 32  ? -3.780  7.649   -8.661  1.00 25.79 ? 32  LYS X C   1 
ATOM   259  O O   . LYS A 1 32  ? -4.096  8.675   -8.040  1.00 25.28 ? 32  LYS X O   1 
ATOM   260  C CB  . LYS A 1 32  ? -1.641  7.527   -10.001 1.00 26.26 ? 32  LYS X CB  1 
ATOM   261  C CG  . LYS A 1 32  ? -0.112  7.637   -9.901  1.00 29.05 ? 32  LYS X CG  1 
ATOM   262  C CD  . LYS A 1 32  ? 0.336   9.031   -9.472  1.00 34.98 ? 32  LYS X CD  1 
ATOM   263  C CE  . LYS A 1 32  ? 0.991   9.830   -10.608 1.00 35.91 ? 32  LYS X CE  1 
ATOM   264  N NZ  . LYS A 1 32  ? 0.157   9.920   -11.850 1.00 38.03 ? 32  LYS X NZ  1 
ATOM   265  N N   . LYS A 1 33  ? -4.662  6.891   -9.307  1.00 26.29 ? 33  LYS X N   1 
ATOM   266  C CA  . LYS A 1 33  ? -6.078  7.245   -9.404  1.00 26.87 ? 33  LYS X CA  1 
ATOM   267  C C   . LYS A 1 33  ? -6.738  7.241   -8.020  1.00 26.01 ? 33  LYS X C   1 
ATOM   268  O O   . LYS A 1 33  ? -7.435  8.190   -7.645  1.00 25.89 ? 33  LYS X O   1 
ATOM   269  C CB  . LYS A 1 33  ? -6.772  6.274   -10.360 1.00 27.27 ? 33  LYS X CB  1 
ATOM   270  C CG  . LYS A 1 33  ? -8.022  6.801   -11.041 1.00 29.40 ? 33  LYS X CG  1 
ATOM   271  C CD  . LYS A 1 33  ? -8.496  5.835   -12.121 1.00 29.62 ? 33  LYS X CD  1 
ATOM   272  C CE  . LYS A 1 33  ? -7.882  6.144   -13.496 1.00 34.52 ? 33  LYS X CE  1 
ATOM   273  N NZ  . LYS A 1 33  ? -6.512  5.581   -13.687 1.00 35.83 ? 33  LYS X NZ  1 
ATOM   274  N N   . LEU A 1 34  ? -6.500  6.182   -7.245  1.00 24.52 ? 34  LEU X N   1 
ATOM   275  C CA  . LEU A 1 34  ? -7.115  6.068   -5.935  1.00 24.20 ? 34  LEU X CA  1 
ATOM   276  C C   . LEU A 1 34  ? -6.666  7.129   -4.938  1.00 23.66 ? 34  LEU X C   1 
ATOM   277  O O   . LEU A 1 34  ? -7.463  7.565   -4.117  1.00 23.82 ? 34  LEU X O   1 
ATOM   278  C CB  . LEU A 1 34  ? -6.836  4.693   -5.322  1.00 24.29 ? 34  LEU X CB  1 
ATOM   279  C CG  . LEU A 1 34  ? -7.788  3.542   -5.629  1.00 24.74 ? 34  LEU X CG  1 
ATOM   280  C CD1 . LEU A 1 34  ? -7.267  2.296   -4.944  1.00 24.33 ? 34  LEU X CD1 1 
ATOM   281  C CD2 . LEU A 1 34  ? -9.218  3.857   -5.162  1.00 25.22 ? 34  LEU X CD2 1 
ATOM   282  N N   . SER A 1 35  ? -5.388  7.513   -4.989  1.00 23.52 ? 35  SER X N   1 
ATOM   283  C CA  . SER A 1 35  ? -4.795  8.315   -3.918  1.00 23.84 ? 35  SER X CA  1 
ATOM   284  C C   . SER A 1 35  ? -4.596  9.793   -4.267  1.00 24.62 ? 35  SER X C   1 
ATOM   285  O O   . SER A 1 35  ? -4.192  10.578  -3.408  1.00 24.64 ? 35  SER X O   1 
ATOM   286  C CB  . SER A 1 35  ? -3.471  7.702   -3.432  1.00 23.07 ? 35  SER X CB  1 
ATOM   287  O OG  . SER A 1 35  ? -2.504  7.656   -4.469  1.00 22.36 ? 35  SER X OG  1 
ATOM   288  N N   . THR A 1 36  ? -4.881  10.174  -5.510  1.00 25.77 ? 36  THR X N   1 
ATOM   289  C CA  . THR A 1 36  ? -4.719  11.587  -5.899  1.00 26.52 ? 36  THR X CA  1 
ATOM   290  C C   . THR A 1 36  ? -5.661  12.480  -5.083  1.00 26.13 ? 36  THR X C   1 
ATOM   291  O O   . THR A 1 36  ? -6.852  12.185  -4.915  1.00 25.93 ? 36  THR X O   1 
ATOM   292  C CB  . THR A 1 36  ? -4.829  11.822  -7.430  1.00 27.24 ? 36  THR X CB  1 
ATOM   293  O OG1 . THR A 1 36  ? -3.699  11.229  -8.092  1.00 30.42 ? 36  THR X OG1 1 
ATOM   294  C CG2 . THR A 1 36  ? -4.811  13.312  -7.744  1.00 26.94 ? 36  THR X CG2 1 
ATOM   295  N N   . GLY A 1 37  ? -5.094  13.555  -4.538  1.00 25.70 ? 37  GLY X N   1 
ATOM   296  C CA  . GLY A 1 37  ? -5.843  14.463  -3.683  1.00 25.03 ? 37  GLY X CA  1 
ATOM   297  C C   . GLY A 1 37  ? -6.075  13.968  -2.273  1.00 24.50 ? 37  GLY X C   1 
ATOM   298  O O   . GLY A 1 37  ? -6.818  14.592  -1.511  1.00 24.87 ? 37  GLY X O   1 
ATOM   299  N N   . HIS A 1 38  ? -5.458  12.835  -1.916  1.00 23.95 ? 38  HIS X N   1 
ATOM   300  C CA  . HIS A 1 38  ? -5.643  12.248  -0.591  1.00 23.49 ? 38  HIS X CA  1 
ATOM   301  C C   . HIS A 1 38  ? -4.298  12.151  0.152   1.00 23.01 ? 38  HIS X C   1 
ATOM   302  O O   . HIS A 1 38  ? -3.399  12.953  -0.108  1.00 23.10 ? 38  HIS X O   1 
ATOM   303  C CB  . HIS A 1 38  ? -6.380  10.904  -0.708  1.00 23.76 ? 38  HIS X CB  1 
ATOM   304  C CG  . HIS A 1 38  ? -7.749  11.043  -1.302  1.00 25.60 ? 38  HIS X CG  1 
ATOM   305  N ND1 . HIS A 1 38  ? -8.089  10.519  -2.532  1.00 27.88 ? 38  HIS X ND1 1 
ATOM   306  C CD2 . HIS A 1 38  ? -8.845  11.708  -0.860  1.00 27.21 ? 38  HIS X CD2 1 
ATOM   307  C CE1 . HIS A 1 38  ? -9.347  10.825  -2.806  1.00 28.29 ? 38  HIS X CE1 1 
ATOM   308  N NE2 . HIS A 1 38  ? -9.829  11.545  -1.807  1.00 28.84 ? 38  HIS X NE2 1 
ATOM   309  N N   . THR A 1 39  ? -4.171  11.204  1.075   1.00 21.96 ? 39  THR X N   1 
ATOM   310  C CA  . THR A 1 39  ? -2.957  11.074  1.888   1.00 20.89 ? 39  THR X CA  1 
ATOM   311  C C   . THR A 1 39  ? -2.439  9.645   1.859   1.00 20.49 ? 39  THR X C   1 
ATOM   312  O O   . THR A 1 39  ? -3.214  8.705   2.013   1.00 19.98 ? 39  THR X O   1 
ATOM   313  C CB  . THR A 1 39  ? -3.208  11.479  3.357   1.00 21.45 ? 39  THR X CB  1 
ATOM   314  O OG1 . THR A 1 39  ? -3.650  12.844  3.407   1.00 21.76 ? 39  THR X OG1 1 
ATOM   315  C CG2 . THR A 1 39  ? -1.938  11.323  4.214   1.00 20.91 ? 39  THR X CG2 1 
ATOM   316  N N   . LEU A 1 40  ? -1.133  9.514   1.647   1.00 19.28 ? 40  LEU X N   1 
ATOM   317  C CA  . LEU A 1 40  ? -0.425  8.244   1.802   1.00 18.92 ? 40  LEU X CA  1 
ATOM   318  C C   . LEU A 1 40  ? 0.378   8.289   3.100   1.00 19.05 ? 40  LEU X C   1 
ATOM   319  O O   . LEU A 1 40  ? 1.036   9.297   3.396   1.00 19.63 ? 40  LEU X O   1 
ATOM   320  C CB  . LEU A 1 40  ? 0.527   8.026   0.633   1.00 19.05 ? 40  LEU X CB  1 
ATOM   321  C CG  . LEU A 1 40  ? -0.061  8.034   -0.782  1.00 19.39 ? 40  LEU X CG  1 
ATOM   322  C CD1 . LEU A 1 40  ? 1.015   7.887   -1.837  1.00 22.02 ? 40  LEU X CD1 1 
ATOM   323  C CD2 . LEU A 1 40  ? -1.115  6.944   -0.899  1.00 20.69 ? 40  LEU X CD2 1 
ATOM   324  N N   . VAL A 1 41  ? 0.302   7.208   3.876   1.00 18.24 ? 41  VAL X N   1 
ATOM   325  C CA  . VAL A 1 41  ? 1.151   7.030   5.059   1.00 17.29 ? 41  VAL X CA  1 
ATOM   326  C C   . VAL A 1 41  ? 2.003   5.808   4.817   1.00 17.08 ? 41  VAL X C   1 
ATOM   327  O O   . VAL A 1 41  ? 1.485   4.740   4.507   1.00 16.42 ? 41  VAL X O   1 
ATOM   328  C CB  . VAL A 1 41  ? 0.337   6.841   6.347   1.00 17.69 ? 41  VAL X CB  1 
ATOM   329  C CG1 . VAL A 1 41  ? 1.220   6.479   7.547   1.00 17.62 ? 41  VAL X CG1 1 
ATOM   330  C CG2 . VAL A 1 41  ? -0.456  8.104   6.645   1.00 17.46 ? 41  VAL X CG2 1 
ATOM   331  N N   . MET A 1 42  ? 3.312   5.961   4.964   1.00 16.34 ? 42  MET X N   1 
ATOM   332  C CA  . MET A 1 42  ? 4.201   4.823   4.706   1.00 16.61 ? 42  MET X CA  1 
ATOM   333  C C   . MET A 1 42  ? 5.338   4.768   5.711   1.00 16.12 ? 42  MET X C   1 
ATOM   334  O O   . MET A 1 42  ? 5.686   5.778   6.303   1.00 14.97 ? 42  MET X O   1 
ATOM   335  C CB  . MET A 1 42  ? 4.753   4.911   3.289   1.00 16.47 ? 42  MET X CB  1 
ATOM   336  C CG  . MET A 1 42  ? 5.687   6.126   3.067   1.00 17.08 ? 42  MET X CG  1 
ATOM   337  S SD  . MET A 1 42  ? 6.018   6.495   1.352   1.00 19.51 ? 42  MET X SD  1 
ATOM   338  C CE  . MET A 1 42  ? 4.557   7.428   0.868   1.00 18.88 ? 42  MET X CE  1 
ATOM   339  N N   . GLY A 1 43  ? 5.925   3.588   5.878   1.00 15.52 ? 43  GLY X N   1 
ATOM   340  C CA  . GLY A 1 43  ? 7.104   3.432   6.757   1.00 15.44 ? 43  GLY X CA  1 
ATOM   341  C C   . GLY A 1 43  ? 8.331   4.035   6.087   1.00 15.32 ? 43  GLY X C   1 
ATOM   342  O O   . GLY A 1 43  ? 8.351   4.263   4.869   1.00 14.63 ? 43  GLY X O   1 
ATOM   343  N N   . ARG A 1 44  ? 9.359   4.286   6.895   1.00 15.62 ? 44  ARG X N   1 
ATOM   344  C CA  . ARG A 1 44  ? 10.572  4.949   6.426   1.00 15.80 ? 44  ARG X CA  1 
ATOM   345  C C   . ARG A 1 44  ? 11.274  4.182   5.292   1.00 15.53 ? 44  ARG X C   1 
ATOM   346  O O   . ARG A 1 44  ? 11.760  4.776   4.341   1.00 15.62 ? 44  ARG X O   1 
ATOM   347  C CB  . ARG A 1 44  ? 11.521  5.179   7.615   1.00 16.16 ? 44  ARG X CB  1 
ATOM   348  C CG  . ARG A 1 44  ? 12.793  5.978   7.303   1.00 16.46 ? 44  ARG X CG  1 
ATOM   349  C CD  . ARG A 1 44  ? 13.976  5.042   6.987   1.00 17.56 ? 44  ARG X CD  1 
ATOM   350  N NE  . ARG A 1 44  ? 14.285  4.157   8.108   1.00 18.35 ? 44  ARG X NE  1 
ATOM   351  C CZ  . ARG A 1 44  ? 15.096  3.103   8.032   1.00 17.77 ? 44  ARG X CZ  1 
ATOM   352  N NH1 . ARG A 1 44  ? 15.695  2.807   6.877   1.00 18.95 ? 44  ARG X NH1 1 
ATOM   353  N NH2 . ARG A 1 44  ? 15.312  2.370   9.101   1.00 19.35 ? 44  ARG X NH2 1 
ATOM   354  N N   . LYS A 1 45  ? 11.315  2.852   5.394   1.00 16.57 ? 45  LYS X N   1 
ATOM   355  C CA  . LYS A 1 45  ? 11.988  2.052   4.368   1.00 16.95 ? 45  LYS X CA  1 
ATOM   356  C C   . LYS A 1 45  ? 11.281  2.117   3.014   1.00 16.42 ? 45  LYS X C   1 
ATOM   357  O O   . LYS A 1 45  ? 11.916  2.235   1.956   1.00 17.64 ? 45  LYS X O   1 
ATOM   358  C CB  . LYS A 1 45  ? 12.138  0.596   4.835   1.00 16.87 ? 45  LYS X CB  1 
ATOM   359  C CG  . LYS A 1 45  ? 13.057  0.433   6.042   1.00 17.87 ? 45  LYS X CG  1 
ATOM   360  C CD  . LYS A 1 45  ? 13.281  -1.012  6.388   1.00 17.65 ? 45  LYS X CD  1 
ATOM   361  C CE  . LYS A 1 45  ? 14.058  -1.169  7.675   1.00 20.71 ? 45  LYS X CE  1 
ATOM   362  N NZ  . LYS A 1 45  ? 14.270  -2.608  8.050   1.00 23.44 ? 45  LYS X NZ  1 
ATOM   363  N N   . THR A 1 46  ? 9.953   2.024   3.051   1.00 17.31 ? 46  THR X N   1 
ATOM   364  C CA  . THR A 1 46  ? 9.140   2.199   1.866   1.00 16.95 ? 46  THR X CA  1 
ATOM   365  C C   . THR A 1 46  ? 9.419   3.547   1.196   1.00 16.96 ? 46  THR X C   1 
ATOM   366  O O   . THR A 1 46  ? 9.669   3.612   -0.006  1.00 17.16 ? 46  THR X O   1 
ATOM   367  C CB  . THR A 1 46  ? 7.643   2.036   2.213   1.00 17.42 ? 46  THR X CB  1 
ATOM   368  O OG1 . THR A 1 46  ? 7.407   0.675   2.609   1.00 17.86 ? 46  THR X OG1 1 
ATOM   369  C CG2 . THR A 1 46  ? 6.764   2.367   1.033   1.00 16.70 ? 46  THR X CG2 1 
ATOM   370  N N   . PHE A 1 47  ? 9.442   4.619   1.986   1.00 16.54 ? 47  PHE X N   1 
ATOM   371  C CA  . PHE A 1 47  ? 9.737   5.908   1.405   1.00 17.54 ? 47  PHE X CA  1 
ATOM   372  C C   . PHE A 1 47  ? 11.111  5.946   0.736   1.00 17.69 ? 47  PHE X C   1 
ATOM   373  O O   . PHE A 1 47  ? 11.240  6.404   -0.401  1.00 17.86 ? 47  PHE X O   1 
ATOM   374  C CB  . PHE A 1 47  ? 9.643   7.049   2.405   1.00 18.22 ? 47  PHE X CB  1 
ATOM   375  C CG  . PHE A 1 47  ? 9.966   8.361   1.770   1.00 19.27 ? 47  PHE X CG  1 
ATOM   376  C CD1 . PHE A 1 47  ? 11.225  8.923   1.930   1.00 21.53 ? 47  PHE X CD1 1 
ATOM   377  C CD2 . PHE A 1 47  ? 9.060   8.967   0.905   1.00 21.32 ? 47  PHE X CD2 1 
ATOM   378  C CE1 . PHE A 1 47  ? 11.559  10.115  1.292   1.00 22.23 ? 47  PHE X CE1 1 
ATOM   379  C CE2 . PHE A 1 47  ? 9.390   10.157  0.252   1.00 23.34 ? 47  PHE X CE2 1 
ATOM   380  C CZ  . PHE A 1 47  ? 10.647  10.725  0.455   1.00 21.82 ? 47  PHE X CZ  1 
ATOM   381  N N   . GLU A 1 48  ? 12.117  5.463   1.456   1.00 19.17 ? 48  GLU X N   1 
ATOM   382  C CA  . GLU A 1 48  ? 13.489  5.482   0.954   1.00 21.04 ? 48  GLU X CA  1 
ATOM   383  C C   . GLU A 1 48  ? 13.705  4.629   -0.283  1.00 22.09 ? 48  GLU X C   1 
ATOM   384  O O   . GLU A 1 48  ? 14.602  4.914   -1.075  1.00 22.92 ? 48  GLU X O   1 
ATOM   385  C CB  . GLU A 1 48  ? 14.490  5.119   2.056   1.00 20.85 ? 48  GLU X CB  1 
ATOM   386  C CG  . GLU A 1 48  ? 14.590  6.164   3.184   1.00 23.20 ? 48  GLU X CG  1 
ATOM   387  C CD  . GLU A 1 48  ? 14.922  7.567   2.687   1.00 28.57 ? 48  GLU X CD  1 
ATOM   388  O OE1 . GLU A 1 48  ? 15.522  7.721   1.599   1.00 30.62 ? 48  GLU X OE1 1 
ATOM   389  O OE2 . GLU A 1 48  ? 14.592  8.533   3.403   1.00 31.06 ? 48  GLU X OE2 1 
ATOM   390  N N   . SER A 1 49  ? 12.874  3.600   -0.469  1.00 23.13 ? 49  SER X N   1 
ATOM   391  C CA  . SER A 1 49  ? 12.993  2.746   -1.644  1.00 25.19 ? 49  SER X CA  1 
ATOM   392  C C   . SER A 1 49  ? 12.658  3.522   -2.923  1.00 26.40 ? 49  SER X C   1 
ATOM   393  O O   . SER A 1 49  ? 13.084  3.151   -4.020  1.00 26.73 ? 49  SER X O   1 
ATOM   394  C CB  . SER A 1 49  ? 12.119  1.494   -1.504  1.00 25.32 ? 49  SER X CB  1 
ATOM   395  O OG  . SER A 1 49  ? 10.765  1.778   -1.784  1.00 24.89 ? 49  SER X OG  1 
ATOM   396  N N   . ILE A 1 50  ? 11.911  4.615   -2.771  1.00 28.15 ? 50  ILE X N   1 
ATOM   397  C CA  . ILE A 1 50  ? 11.560  5.478   -3.906  1.00 29.63 ? 50  ILE X CA  1 
ATOM   398  C C   . ILE A 1 50  ? 12.328  6.803   -3.866  1.00 30.31 ? 50  ILE X C   1 
ATOM   399  O O   . ILE A 1 50  ? 12.807  7.288   -4.902  1.00 30.83 ? 50  ILE X O   1 
ATOM   400  C CB  . ILE A 1 50  ? 10.034  5.724   -3.986  1.00 29.93 ? 50  ILE X CB  1 
ATOM   401  C CG1 . ILE A 1 50  ? 9.262   4.391   -4.052  1.00 30.56 ? 50  ILE X CG1 1 
ATOM   402  C CG2 . ILE A 1 50  ? 9.676   6.630   -5.172  1.00 30.54 ? 50  ILE X CG2 1 
ATOM   403  C CD1 . ILE A 1 50  ? 9.670   3.457   -5.201  1.00 31.16 ? 50  ILE X CD1 1 
ATOM   404  N N   . GLY A 1 51  ? 12.435  7.386   -2.677  1.00 30.63 ? 51  GLY X N   1 
ATOM   405  C CA  . GLY A 1 51  ? 13.338  8.516   -2.447  1.00 31.09 ? 51  GLY X CA  1 
ATOM   406  C C   . GLY A 1 51  ? 12.783  9.900   -2.736  1.00 31.51 ? 51  GLY X C   1 
ATOM   407  O O   . GLY A 1 51  ? 13.450  10.907  -2.456  1.00 32.00 ? 51  GLY X O   1 
ATOM   408  N N   . LYS A 1 52  ? 11.574  9.958   -3.299  1.00 31.13 ? 52  LYS X N   1 
ATOM   409  C CA  . LYS A 1 52  ? 10.879  11.224  -3.572  1.00 31.10 ? 52  LYS X CA  1 
ATOM   410  C C   . LYS A 1 52  ? 9.374   11.069  -3.349  1.00 30.48 ? 52  LYS X C   1 
ATOM   411  O O   . LYS A 1 52  ? 8.832   9.991   -3.603  1.00 30.29 ? 52  LYS X O   1 
ATOM   412  C CB  . LYS A 1 52  ? 11.158  11.729  -4.997  1.00 31.62 ? 52  LYS X CB  1 
ATOM   413  C CG  . LYS A 1 52  ? 10.720  10.812  -6.144  1.00 33.39 ? 52  LYS X CG  1 
ATOM   414  C CD  . LYS A 1 52  ? 10.355  11.613  -7.406  1.00 36.56 ? 52  LYS X CD  1 
ATOM   415  C CE  . LYS A 1 52  ? 11.555  11.865  -8.315  1.00 38.78 ? 52  LYS X CE  1 
ATOM   416  N NZ  . LYS A 1 52  ? 12.524  12.849  -7.736  1.00 39.98 ? 52  LYS X NZ  1 
ATOM   417  N N   . PRO A 1 53  ? 8.701   12.131  -2.864  1.00 30.03 ? 53  PRO X N   1 
ATOM   418  C CA  . PRO A 1 53  ? 7.245   12.027  -2.674  1.00 29.59 ? 53  PRO X CA  1 
ATOM   419  C C   . PRO A 1 53  ? 6.482   11.903  -3.992  1.00 29.52 ? 53  PRO X C   1 
ATOM   420  O O   . PRO A 1 53  ? 6.961   12.373  -5.030  1.00 29.17 ? 53  PRO X O   1 
ATOM   421  C CB  . PRO A 1 53  ? 6.885   13.337  -1.959  1.00 29.90 ? 53  PRO X CB  1 
ATOM   422  C CG  . PRO A 1 53  ? 7.988   14.291  -2.318  1.00 29.57 ? 53  PRO X CG  1 
ATOM   423  C CD  . PRO A 1 53  ? 9.221   13.450  -2.440  1.00 30.19 ? 53  PRO X CD  1 
ATOM   424  N N   . LEU A 1 54  ? 5.321   11.244  -3.951  1.00 29.07 ? 54  LEU X N   1 
ATOM   425  C CA  . LEU A 1 54  ? 4.440   11.165  -5.109  1.00 29.28 ? 54  LEU X CA  1 
ATOM   426  C C   . LEU A 1 54  ? 3.691   12.489  -5.189  1.00 28.96 ? 54  LEU X C   1 
ATOM   427  O O   . LEU A 1 54  ? 3.033   12.881  -4.222  1.00 28.68 ? 54  LEU X O   1 
ATOM   428  C CB  . LEU A 1 54  ? 3.436   10.007  -4.977  1.00 29.05 ? 54  LEU X CB  1 
ATOM   429  C CG  . LEU A 1 54  ? 3.257   9.067   -6.187  1.00 31.65 ? 54  LEU X CG  1 
ATOM   430  C CD1 . LEU A 1 54  ? 1.977   8.246   -6.090  1.00 31.89 ? 54  LEU X CD1 1 
ATOM   431  C CD2 . LEU A 1 54  ? 3.293   9.778   -7.531  1.00 33.22 ? 54  LEU X CD2 1 
ATOM   432  N N   . PRO A 1 55  ? 3.811   13.199  -6.327  1.00 29.25 ? 55  PRO X N   1 
ATOM   433  C CA  . PRO A 1 55  ? 3.125   14.484  -6.455  1.00 29.32 ? 55  PRO X CA  1 
ATOM   434  C C   . PRO A 1 55  ? 1.601   14.389  -6.378  1.00 29.14 ? 55  PRO X C   1 
ATOM   435  O O   . PRO A 1 55  ? 1.019   13.331  -6.655  1.00 28.71 ? 55  PRO X O   1 
ATOM   436  C CB  . PRO A 1 55  ? 3.544   14.981  -7.845  1.00 29.62 ? 55  PRO X CB  1 
ATOM   437  C CG  . PRO A 1 55  ? 4.785   14.214  -8.186  1.00 30.36 ? 55  PRO X CG  1 
ATOM   438  C CD  . PRO A 1 55  ? 4.611   12.879  -7.525  1.00 29.39 ? 55  PRO X CD  1 
ATOM   439  N N   . ASN A 1 56  ? 0.978   15.508  -5.999  1.00 28.92 ? 56  ASN X N   1 
ATOM   440  C CA  . ASN A 1 56  ? -0.483  15.681  -6.018  1.00 28.70 ? 56  ASN X CA  1 
ATOM   441  C C   . ASN A 1 56  ? -1.264  14.900  -4.961  1.00 27.90 ? 56  ASN X C   1 
ATOM   442  O O   . ASN A 1 56  ? -2.447  14.602  -5.145  1.00 27.59 ? 56  ASN X O   1 
ATOM   443  C CB  . ASN A 1 56  ? -1.044  15.449  -7.420  1.00 29.51 ? 56  ASN X CB  1 
ATOM   444  C CG  . ASN A 1 56  ? -0.388  16.340  -8.459  1.00 31.18 ? 56  ASN X CG  1 
ATOM   445  O OD1 . ASN A 1 56  ? -0.058  15.890  -9.557  1.00 34.70 ? 56  ASN X OD1 1 
ATOM   446  N ND2 . ASN A 1 56  ? -0.178  17.605  -8.105  1.00 32.51 ? 56  ASN X ND2 1 
ATOM   447  N N   . ARG A 1 57  ? -0.589  14.575  -3.856  1.00 26.73 ? 57  ARG X N   1 
ATOM   448  C CA  . ARG A 1 57  ? -1.224  14.032  -2.660  1.00 25.04 ? 57  ARG X CA  1 
ATOM   449  C C   . ARG A 1 57  ? -0.308  14.319  -1.477  1.00 24.43 ? 57  ARG X C   1 
ATOM   450  O O   . ARG A 1 57  ? 0.863   14.673  -1.673  1.00 24.00 ? 57  ARG X O   1 
ATOM   451  C CB  . ARG A 1 57  ? -1.465  12.517  -2.802  1.00 25.36 ? 57  ARG X CB  1 
ATOM   452  C CG  . ARG A 1 57  ? -0.196  11.687  -2.899  1.00 25.09 ? 57  ARG X CG  1 
ATOM   453  C CD  . ARG A 1 57  ? -0.299  10.574  -3.952  1.00 25.67 ? 57  ARG X CD  1 
ATOM   454  N NE  . ARG A 1 57  ? -0.249  11.122  -5.308  1.00 26.66 ? 57  ARG X NE  1 
ATOM   455  C CZ  . ARG A 1 57  ? -1.085  10.810  -6.300  1.00 29.21 ? 57  ARG X CZ  1 
ATOM   456  N NH1 . ARG A 1 57  ? -2.041  9.905   -6.131  1.00 27.93 ? 57  ARG X NH1 1 
ATOM   457  N NH2 . ARG A 1 57  ? -0.947  11.391  -7.484  1.00 27.04 ? 57  ARG X NH2 1 
ATOM   458  N N   . ARG A 1 58  ? -0.833  14.179  -0.263  1.00 23.37 ? 58  ARG X N   1 
ATOM   459  C CA  . ARG A 1 58  ? -0.011  14.313  0.933   1.00 22.70 ? 58  ARG X CA  1 
ATOM   460  C C   . ARG A 1 58  ? 0.822   13.044  1.138   1.00 22.68 ? 58  ARG X C   1 
ATOM   461  O O   . ARG A 1 58  ? 0.280   11.938  1.106   1.00 22.49 ? 58  ARG X O   1 
ATOM   462  C CB  . ARG A 1 58  ? -0.875  14.556  2.156   1.00 23.23 ? 58  ARG X CB  1 
ATOM   463  C CG  . ARG A 1 58  ? -0.078  14.969  3.366   1.00 22.72 ? 58  ARG X CG  1 
ATOM   464  C CD  . ARG A 1 58  ? -0.996  15.234  4.518   1.00 24.97 ? 58  ARG X CD  1 
ATOM   465  N NE  . ARG A 1 58  ? -0.285  15.807  5.654   1.00 26.32 ? 58  ARG X NE  1 
ATOM   466  C CZ  . ARG A 1 58  ? -0.856  16.086  6.820   1.00 26.51 ? 58  ARG X CZ  1 
ATOM   467  N NH1 . ARG A 1 58  ? -2.150  15.850  6.997   1.00 27.09 ? 58  ARG X NH1 1 
ATOM   468  N NH2 . ARG A 1 58  ? -0.137  16.608  7.804   1.00 28.68 ? 58  ARG X NH2 1 
ATOM   469  N N   . ASN A 1 59  ? 2.126   13.219  1.341   1.00 22.20 ? 59  ASN X N   1 
ATOM   470  C CA  . ASN A 1 59  ? 3.031   12.097  1.612   1.00 21.61 ? 59  ASN X CA  1 
ATOM   471  C C   . ASN A 1 59  ? 3.450   12.166  3.067   1.00 21.48 ? 59  ASN X C   1 
ATOM   472  O O   . ASN A 1 59  ? 4.076   13.150  3.496   1.00 22.25 ? 59  ASN X O   1 
ATOM   473  C CB  . ASN A 1 59  ? 4.266   12.151  0.711   1.00 21.65 ? 59  ASN X CB  1 
ATOM   474  C CG  . ASN A 1 59  ? 3.956   11.870  -0.750  1.00 21.78 ? 59  ASN X CG  1 
ATOM   475  O OD1 . ASN A 1 59  ? 4.454   10.892  -1.310  1.00 21.24 ? 59  ASN X OD1 1 
ATOM   476  N ND2 . ASN A 1 59  ? 3.171   12.744  -1.390  1.00 22.71 ? 59  ASN X ND2 1 
ATOM   477  N N   . VAL A 1 60  ? 3.089   11.143  3.841   1.00 20.30 ? 60  VAL X N   1 
ATOM   478  C CA  . VAL A 1 60  ? 3.400   11.102  5.268   1.00 20.03 ? 60  VAL X CA  1 
ATOM   479  C C   . VAL A 1 60  ? 4.303   9.900   5.560   1.00 19.53 ? 60  VAL X C   1 
ATOM   480  O O   . VAL A 1 60  ? 3.999   8.785   5.155   1.00 19.52 ? 60  VAL X O   1 
ATOM   481  C CB  . VAL A 1 60  ? 2.110   11.054  6.125   1.00 19.68 ? 60  VAL X CB  1 
ATOM   482  C CG1 . VAL A 1 60  ? 2.422   10.887  7.606   1.00 21.16 ? 60  VAL X CG1 1 
ATOM   483  C CG2 . VAL A 1 60  ? 1.270   12.325  5.876   1.00 20.07 ? 60  VAL X CG2 1 
ATOM   484  N N   . VAL A 1 61  ? 5.418   10.139  6.251   1.00 19.07 ? 61  VAL X N   1 
ATOM   485  C CA  . VAL A 1 61  ? 6.377   9.067   6.546   1.00 18.84 ? 61  VAL X CA  1 
ATOM   486  C C   . VAL A 1 61  ? 6.446   8.861   8.047   1.00 19.06 ? 61  VAL X C   1 
ATOM   487  O O   . VAL A 1 61  ? 6.639   9.806   8.825   1.00 19.35 ? 61  VAL X O   1 
ATOM   488  C CB  . VAL A 1 61  ? 7.791   9.349   5.961   1.00 18.45 ? 61  VAL X CB  1 
ATOM   489  C CG1 . VAL A 1 61  ? 8.809   8.301   6.457   1.00 19.35 ? 61  VAL X CG1 1 
ATOM   490  C CG2 . VAL A 1 61  ? 7.760   9.370   4.450   1.00 18.79 ? 61  VAL X CG2 1 
ATOM   491  N N   . LEU A 1 62  ? 6.262   7.613   8.454   1.00 18.60 ? 62  LEU X N   1 
ATOM   492  C CA  . LEU A 1 62  ? 6.416   7.217   9.840   1.00 18.55 ? 62  LEU X CA  1 
ATOM   493  C C   . LEU A 1 62  ? 7.841   6.721   10.110  1.00 18.67 ? 62  LEU X C   1 
ATOM   494  O O   . LEU A 1 62  ? 8.327   5.787   9.463   1.00 17.59 ? 62  LEU X O   1 
ATOM   495  C CB  . LEU A 1 62  ? 5.379   6.137   10.173  1.00 19.04 ? 62  LEU X CB  1 
ATOM   496  C CG  . LEU A 1 62  ? 5.447   5.452   11.534  1.00 18.88 ? 62  LEU X CG  1 
ATOM   497  C CD1 . LEU A 1 62  ? 5.181   6.428   12.685  1.00 18.67 ? 62  LEU X CD1 1 
ATOM   498  C CD2 . LEU A 1 62  ? 4.429   4.329   11.572  1.00 18.71 ? 62  LEU X CD2 1 
ATOM   499  N N   . THR A 1 63  ? 8.507   7.377   11.061  1.00 18.72 ? 63  THR X N   1 
ATOM   500  C CA  . THR A 1 63  ? 9.885   7.044   11.442  1.00 18.65 ? 63  THR X CA  1 
ATOM   501  C C   . THR A 1 63  ? 10.173  7.466   12.894  1.00 19.48 ? 63  THR X C   1 
ATOM   502  O O   . THR A 1 63  ? 9.537   8.392   13.407  1.00 19.86 ? 63  THR X O   1 
ATOM   503  C CB  . THR A 1 63  ? 10.902  7.742   10.495  1.00 19.10 ? 63  THR X CB  1 
ATOM   504  O OG1 . THR A 1 63  ? 12.239  7.476   10.947  1.00 17.02 ? 63  THR X OG1 1 
ATOM   505  C CG2 . THR A 1 63  ? 10.664  9.259   10.449  1.00 18.96 ? 63  THR X CG2 1 
ATOM   506  N N   . SER A 1 64  ? 11.131  6.799   13.538  1.00 19.51 ? 64  SER X N   1 
ATOM   507  C CA  . SER A 1 64  ? 11.577  7.228   14.867  1.00 20.37 ? 64  SER X CA  1 
ATOM   508  C C   . SER A 1 64  ? 12.668  8.295   14.760  1.00 20.90 ? 64  SER X C   1 
ATOM   509  O O   . SER A 1 64  ? 13.122  8.820   15.776  1.00 22.06 ? 64  SER X O   1 
ATOM   510  C CB  . SER A 1 64  ? 12.078  6.038   15.698  1.00 20.54 ? 64  SER X CB  1 
ATOM   511  O OG  . SER A 1 64  ? 13.320  5.560   15.207  1.00 21.71 ? 64  SER X OG  1 
ATOM   512  N N   . ASP A 1 65  ? 13.099  8.596   13.534  1.00 20.83 ? 65  ASP X N   1 
ATOM   513  C CA  . ASP A 1 65  ? 14.231  9.513   13.313  1.00 21.09 ? 65  ASP X CA  1 
ATOM   514  C C   . ASP A 1 65  ? 13.783  10.964  13.487  1.00 21.31 ? 65  ASP X C   1 
ATOM   515  O O   . ASP A 1 65  ? 13.065  11.493  12.652  1.00 20.53 ? 65  ASP X O   1 
ATOM   516  C CB  . ASP A 1 65  ? 14.815  9.290   11.917  1.00 20.88 ? 65  ASP X CB  1 
ATOM   517  C CG  . ASP A 1 65  ? 16.069  10.136  11.640  1.00 22.51 ? 65  ASP X CG  1 
ATOM   518  O OD1 . ASP A 1 65  ? 16.613  9.999   10.524  1.00 24.25 ? 65  ASP X OD1 1 
ATOM   519  O OD2 . ASP A 1 65  ? 16.499  10.917  12.516  1.00 21.05 ? 65  ASP X OD2 1 
ATOM   520  N N   . THR A 1 66  ? 14.225  11.589  14.579  1.00 22.51 ? 66  THR X N   1 
ATOM   521  C CA  . THR A 1 66  ? 13.859  12.973  14.895  1.00 23.68 ? 66  THR X CA  1 
ATOM   522  C C   . THR A 1 66  ? 14.500  13.985  13.925  1.00 23.15 ? 66  THR X C   1 
ATOM   523  O O   . THR A 1 66  ? 14.097  15.155  13.876  1.00 23.70 ? 66  THR X O   1 
ATOM   524  C CB  . THR A 1 66  ? 14.253  13.348  16.344  1.00 23.92 ? 66  THR X CB  1 
ATOM   525  O OG1 . THR A 1 66  ? 15.666  13.192  16.510  1.00 26.60 ? 66  THR X OG1 1 
ATOM   526  C CG2 . THR A 1 66  ? 13.532  12.457  17.359  1.00 26.25 ? 66  THR X CG2 1 
ATOM   527  N N   . SER A 1 67  ? 15.489  13.535  13.156  1.00 22.34 ? 67  SER X N   1 
ATOM   528  C CA  . SER A 1 67  ? 16.140  14.385  12.158  1.00 22.44 ? 67  SER X CA  1 
ATOM   529  C C   . SER A 1 67  ? 15.522  14.305  10.768  1.00 23.05 ? 67  SER X C   1 
ATOM   530  O O   . SER A 1 67  ? 15.869  15.077  9.880   1.00 22.58 ? 67  SER X O   1 
ATOM   531  C CB  . SER A 1 67  ? 17.626  14.049  12.074  1.00 22.37 ? 67  SER X CB  1 
ATOM   532  O OG  . SER A 1 67  ? 18.272  14.401  13.280  1.00 22.31 ? 67  SER X OG  1 
ATOM   533  N N   . PHE A 1 68  ? 14.595  13.369  10.575  1.00 23.97 ? 68  PHE X N   1 
ATOM   534  C CA  . PHE A 1 68  ? 14.017  13.147  9.259   1.00 25.61 ? 68  PHE X CA  1 
ATOM   535  C C   . PHE A 1 68  ? 13.360  14.402  8.743   1.00 26.69 ? 68  PHE X C   1 
ATOM   536  O O   . PHE A 1 68  ? 12.432  14.934  9.361   1.00 26.54 ? 68  PHE X O   1 
ATOM   537  C CB  . PHE A 1 68  ? 12.989  12.004  9.279   1.00 26.06 ? 68  PHE X CB  1 
ATOM   538  C CG  . PHE A 1 68  ? 12.591  11.521  7.904   1.00 26.06 ? 68  PHE X CG  1 
ATOM   539  C CD1 . PHE A 1 68  ? 13.275  10.469  7.300   1.00 27.93 ? 68  PHE X CD1 1 
ATOM   540  C CD2 . PHE A 1 68  ? 11.547  12.126  7.213   1.00 28.08 ? 68  PHE X CD2 1 
ATOM   541  C CE1 . PHE A 1 68  ? 12.905  10.013  6.028   1.00 27.43 ? 68  PHE X CE1 1 
ATOM   542  C CE2 . PHE A 1 68  ? 11.168  11.677  5.940   1.00 28.22 ? 68  PHE X CE2 1 
ATOM   543  C CZ  . PHE A 1 68  ? 11.856  10.627  5.348   1.00 27.70 ? 68  PHE X CZ  1 
ATOM   544  N N   . ASN A 1 69  ? 13.849  14.856  7.595   1.00 28.05 ? 69  ASN X N   1 
ATOM   545  C CA  . ASN A 1 69  ? 13.297  16.011  6.916   1.00 29.59 ? 69  ASN X CA  1 
ATOM   546  C C   . ASN A 1 69  ? 13.526  15.871  5.423   1.00 29.48 ? 69  ASN X C   1 
ATOM   547  O O   . ASN A 1 69  ? 14.674  15.784  4.960   1.00 29.67 ? 69  ASN X O   1 
ATOM   548  C CB  . ASN A 1 69  ? 13.914  17.302  7.457   1.00 30.54 ? 69  ASN X CB  1 
ATOM   549  C CG  . ASN A 1 69  ? 13.265  18.539  6.885   1.00 33.20 ? 69  ASN X CG  1 
ATOM   550  O OD1 . ASN A 1 69  ? 13.648  19.016  5.815   1.00 37.76 ? 69  ASN X OD1 1 
ATOM   551  N ND2 . ASN A 1 69  ? 12.283  19.085  7.607   1.00 37.14 ? 69  ASN X ND2 1 
ATOM   552  N N   . VAL A 1 70  ? 12.420  15.811  4.686   1.00 28.93 ? 70  VAL X N   1 
ATOM   553  C CA  . VAL A 1 70  ? 12.442  15.751  3.238   1.00 28.97 ? 70  VAL X CA  1 
ATOM   554  C C   . VAL A 1 70  ? 11.395  16.741  2.737   1.00 29.30 ? 70  VAL X C   1 
ATOM   555  O O   . VAL A 1 70  ? 10.275  16.780  3.255   1.00 28.88 ? 70  VAL X O   1 
ATOM   556  C CB  . VAL A 1 70  ? 12.135  14.309  2.705   1.00 28.75 ? 70  VAL X CB  1 
ATOM   557  C CG1 . VAL A 1 70  ? 12.135  14.276  1.187   1.00 28.44 ? 70  VAL X CG1 1 
ATOM   558  C CG2 . VAL A 1 70  ? 13.144  13.292  3.258   1.00 28.63 ? 70  VAL X CG2 1 
ATOM   559  N N   . GLU A 1 71  ? 11.774  17.563  1.758   1.00 29.98 ? 71  GLU X N   1 
ATOM   560  C CA  . GLU A 1 71  ? 10.846  18.522  1.167   1.00 31.15 ? 71  GLU X CA  1 
ATOM   561  C C   . GLU A 1 71  ? 9.678   17.766  0.520   1.00 30.16 ? 71  GLU X C   1 
ATOM   562  O O   . GLU A 1 71  ? 9.889   16.774  -0.194  1.00 30.18 ? 71  GLU X O   1 
ATOM   563  C CB  . GLU A 1 71  ? 11.549  19.398  0.122   1.00 31.36 ? 71  GLU X CB  1 
ATOM   564  C CG  . GLU A 1 71  ? 10.743  20.636  -0.291  1.00 33.76 ? 71  GLU X CG  1 
ATOM   565  C CD  . GLU A 1 71  ? 11.325  21.370  -1.494  1.00 34.15 ? 71  GLU X CD  1 
ATOM   566  O OE1 . GLU A 1 71  ? 10.521  21.835  -2.343  1.00 38.86 ? 71  GLU X OE1 1 
ATOM   567  O OE2 . GLU A 1 71  ? 12.573  21.498  -1.590  1.00 37.73 ? 71  GLU X OE2 1 
ATOM   568  N N   . GLY A 1 72  ? 8.465   18.238  0.791   1.00 29.54 ? 72  GLY X N   1 
ATOM   569  C CA  . GLY A 1 72  ? 7.246   17.656  0.231   1.00 28.61 ? 72  GLY X CA  1 
ATOM   570  C C   . GLY A 1 72  ? 6.777   16.418  0.969   1.00 28.06 ? 72  GLY X C   1 
ATOM   571  O O   . GLY A 1 72  ? 5.883   15.706  0.498   1.00 28.05 ? 72  GLY X O   1 
ATOM   572  N N   . VAL A 1 73  ? 7.381   16.164  2.126   1.00 26.92 ? 73  VAL X N   1 
ATOM   573  C CA  . VAL A 1 73  ? 7.044   15.016  2.959   1.00 26.16 ? 73  VAL X CA  1 
ATOM   574  C C   . VAL A 1 73  ? 6.738   15.511  4.363   1.00 25.71 ? 73  VAL X C   1 
ATOM   575  O O   . VAL A 1 73  ? 7.489   16.323  4.927   1.00 25.23 ? 73  VAL X O   1 
ATOM   576  C CB  . VAL A 1 73  ? 8.209   13.993  3.019   1.00 25.79 ? 73  VAL X CB  1 
ATOM   577  C CG1 . VAL A 1 73  ? 7.930   12.895  4.037   1.00 26.09 ? 73  VAL X CG1 1 
ATOM   578  C CG2 . VAL A 1 73  ? 8.484   13.406  1.649   1.00 26.51 ? 73  VAL X CG2 1 
ATOM   579  N N   . ASP A 1 74  ? 5.627   15.034  4.916   1.00 24.78 ? 74  ASP X N   1 
ATOM   580  C CA  . ASP A 1 74  ? 5.295   15.276  6.307   1.00 24.69 ? 74  ASP X CA  1 
ATOM   581  C C   . ASP A 1 74  ? 5.693   14.069  7.142   1.00 24.55 ? 74  ASP X C   1 
ATOM   582  O O   . ASP A 1 74  ? 5.577   12.922  6.689   1.00 24.87 ? 74  ASP X O   1 
ATOM   583  C CB  . ASP A 1 74  ? 3.801   15.559  6.472   1.00 24.82 ? 74  ASP X CB  1 
ATOM   584  C CG  . ASP A 1 74  ? 3.379   16.882  5.840   1.00 26.65 ? 74  ASP X CG  1 
ATOM   585  O OD1 . ASP A 1 74  ? 4.242   17.766  5.627   1.00 27.87 ? 74  ASP X OD1 1 
ATOM   586  O OD2 . ASP A 1 74  ? 2.174   17.032  5.555   1.00 29.12 ? 74  ASP X OD2 1 
ATOM   587  N N   . VAL A 1 75  ? 6.171   14.325  8.355   1.00 23.82 ? 75  VAL X N   1 
ATOM   588  C CA  . VAL A 1 75  ? 6.714   13.262  9.198   1.00 23.74 ? 75  VAL X CA  1 
ATOM   589  C C   . VAL A 1 75  ? 5.837   13.046  10.412  1.00 23.49 ? 75  VAL X C   1 
ATOM   590  O O   . VAL A 1 75  ? 5.331   14.009  11.009  1.00 24.31 ? 75  VAL X O   1 
ATOM   591  C CB  . VAL A 1 75  ? 8.163   13.576  9.683   1.00 23.67 ? 75  VAL X CB  1 
ATOM   592  C CG1 . VAL A 1 75  ? 8.769   12.370  10.385  1.00 23.85 ? 75  VAL X CG1 1 
ATOM   593  C CG2 . VAL A 1 75  ? 9.033   13.974  8.514   1.00 25.58 ? 75  VAL X CG2 1 
ATOM   594  N N   . ILE A 1 76  ? 5.652   11.781  10.777  1.00 22.54 ? 76  ILE X N   1 
ATOM   595  C CA  . ILE A 1 76  ? 5.021   11.410  12.042  1.00 22.52 ? 76  ILE X CA  1 
ATOM   596  C C   . ILE A 1 76  ? 5.911   10.392  12.771  1.00 22.67 ? 76  ILE X C   1 
ATOM   597  O O   . ILE A 1 76  ? 6.705   9.702   12.139  1.00 22.01 ? 76  ILE X O   1 
ATOM   598  C CB  . ILE A 1 76  ? 3.571   10.865  11.855  1.00 22.66 ? 76  ILE X CB  1 
ATOM   599  C CG1 . ILE A 1 76  ? 3.577   9.572   11.020  1.00 22.56 ? 76  ILE X CG1 1 
ATOM   600  C CG2 . ILE A 1 76  ? 2.649   11.946  11.242  1.00 22.83 ? 76  ILE X CG2 1 
ATOM   601  C CD1 . ILE A 1 76  ? 2.222   8.863   10.944  1.00 22.17 ? 76  ILE X CD1 1 
ATOM   602  N N   . HIS A 1 77  ? 5.789   10.315  14.093  1.00 23.09 ? 77  HIS X N   1 
ATOM   603  C CA  . HIS A 1 77  ? 6.664   9.466   14.906  1.00 24.03 ? 77  HIS X CA  1 
ATOM   604  C C   . HIS A 1 77  ? 5.914   8.395   15.714  1.00 24.33 ? 77  HIS X C   1 
ATOM   605  O O   . HIS A 1 77  ? 6.527   7.605   16.440  1.00 23.86 ? 77  HIS X O   1 
ATOM   606  C CB  . HIS A 1 77  ? 7.555   10.342  15.809  1.00 24.27 ? 77  HIS X CB  1 
ATOM   607  C CG  . HIS A 1 77  ? 8.378   11.335  15.049  1.00 26.21 ? 77  HIS X CG  1 
ATOM   608  N ND1 . HIS A 1 77  ? 9.401   10.960  14.205  1.00 27.63 ? 77  HIS X ND1 1 
ATOM   609  C CD2 . HIS A 1 77  ? 8.320   12.689  14.992  1.00 28.28 ? 77  HIS X CD2 1 
ATOM   610  C CE1 . HIS A 1 77  ? 9.935   12.038  13.655  1.00 28.65 ? 77  HIS X CE1 1 
ATOM   611  N NE2 . HIS A 1 77  ? 9.300   13.101  14.117  1.00 28.20 ? 77  HIS X NE2 1 
ATOM   612  N N   . SER A 1 78  ? 4.590   8.353   15.562  1.00 25.01 ? 78  SER X N   1 
ATOM   613  C CA  . SER A 1 78  ? 3.763   7.376   16.261  1.00 26.12 ? 78  SER X CA  1 
ATOM   614  C C   . SER A 1 78  ? 2.638   6.859   15.369  1.00 25.84 ? 78  SER X C   1 
ATOM   615  O O   . SER A 1 78  ? 2.100   7.604   14.549  1.00 26.00 ? 78  SER X O   1 
ATOM   616  C CB  . SER A 1 78  ? 3.163   8.004   17.523  1.00 25.98 ? 78  SER X CB  1 
ATOM   617  O OG  . SER A 1 78  ? 2.541   7.013   18.319  1.00 29.53 ? 78  SER X OG  1 
ATOM   618  N N   . ILE A 1 79  ? 2.279   5.583   15.541  1.00 26.29 ? 79  ILE X N   1 
ATOM   619  C CA  . ILE A 1 79  ? 1.071   5.023   14.922  1.00 27.30 ? 79  ILE X CA  1 
ATOM   620  C C   . ILE A 1 79  ? -0.142  5.867   15.303  1.00 27.44 ? 79  ILE X C   1 
ATOM   621  O O   . ILE A 1 79  ? -1.004  6.144   14.466  1.00 27.65 ? 79  ILE X O   1 
ATOM   622  C CB  . ILE A 1 79  ? 0.838   3.537   15.323  1.00 27.29 ? 79  ILE X CB  1 
ATOM   623  C CG1 . ILE A 1 79  ? 1.783   2.610   14.550  1.00 28.36 ? 79  ILE X CG1 1 
ATOM   624  C CG2 . ILE A 1 79  ? -0.627  3.112   15.091  1.00 28.37 ? 79  ILE X CG2 1 
ATOM   625  C CD1 . ILE A 1 79  ? 1.473   2.479   13.053  1.00 29.41 ? 79  ILE X CD1 1 
ATOM   626  N N   . GLU A 1 80  ? -0.171  6.313   16.559  1.00 28.20 ? 80  GLU X N   1 
ATOM   627  C CA  . GLU A 1 80  ? -1.261  7.152   17.067  1.00 29.02 ? 80  GLU X CA  1 
ATOM   628  C C   . GLU A 1 80  ? -1.489  8.409   16.225  1.00 28.14 ? 80  GLU X C   1 
ATOM   629  O O   . GLU A 1 80  ? -2.625  8.862   16.088  1.00 28.26 ? 80  GLU X O   1 
ATOM   630  C CB  . GLU A 1 80  ? -1.029  7.523   18.538  1.00 29.51 ? 80  GLU X CB  1 
ATOM   631  C CG  . GLU A 1 80  ? -2.310  7.724   19.335  1.00 34.33 ? 80  GLU X CG  1 
ATOM   632  C CD  . GLU A 1 80  ? -3.297  6.566   19.193  1.00 39.13 ? 80  GLU X CD  1 
ATOM   633  O OE1 . GLU A 1 80  ? -2.879  5.385   19.316  1.00 41.27 ? 80  GLU X OE1 1 
ATOM   634  O OE2 . GLU A 1 80  ? -4.497  6.841   18.955  1.00 41.52 ? 80  GLU X OE2 1 
ATOM   635  N N   . ASP A 1 81  ? -0.414  8.961   15.658  1.00 27.34 ? 81  ASP X N   1 
ATOM   636  C CA  . ASP A 1 81  ? -0.503  10.157  14.815  1.00 26.68 ? 81  ASP X CA  1 
ATOM   637  C C   . ASP A 1 81  ? -1.352  9.976   13.559  1.00 26.21 ? 81  ASP X C   1 
ATOM   638  O O   . ASP A 1 81  ? -1.833  10.958  12.980  1.00 25.26 ? 81  ASP X O   1 
ATOM   639  C CB  . ASP A 1 81  ? 0.886   10.646  14.396  1.00 26.98 ? 81  ASP X CB  1 
ATOM   640  C CG  . ASP A 1 81  ? 1.715   11.160  15.561  1.00 28.61 ? 81  ASP X CG  1 
ATOM   641  O OD1 . ASP A 1 81  ? 1.138   11.726  16.508  1.00 28.23 ? 81  ASP X OD1 1 
ATOM   642  O OD2 . ASP A 1 81  ? 2.958   11.012  15.511  1.00 30.92 ? 81  ASP X OD2 1 
ATOM   643  N N   . ILE A 1 82  ? -1.497  8.728   13.111  1.00 25.89 ? 82  ILE X N   1 
ATOM   644  C CA  . ILE A 1 82  ? -2.234  8.440   11.876  1.00 26.01 ? 82  ILE X CA  1 
ATOM   645  C C   . ILE A 1 82  ? -3.702  8.863   12.002  1.00 26.99 ? 82  ILE X C   1 
ATOM   646  O O   . ILE A 1 82  ? -4.270  9.444   11.083  1.00 26.92 ? 82  ILE X O   1 
ATOM   647  C CB  . ILE A 1 82  ? -2.095  6.949   11.463  1.00 25.63 ? 82  ILE X CB  1 
ATOM   648  C CG1 . ILE A 1 82  ? -0.628  6.654   11.101  1.00 25.43 ? 82  ILE X CG1 1 
ATOM   649  C CG2 . ILE A 1 82  ? -3.019  6.603   10.273  1.00 24.79 ? 82  ILE X CG2 1 
ATOM   650  C CD1 . ILE A 1 82  ? -0.303  5.184   10.863  1.00 25.38 ? 82  ILE X CD1 1 
ATOM   651  N N   . TYR A 1 83  ? -4.278  8.597   13.166  1.00 28.48 ? 83  TYR X N   1 
ATOM   652  C CA  . TYR A 1 83  ? -5.689  8.888   13.436  1.00 30.06 ? 83  TYR X CA  1 
ATOM   653  C C   . TYR A 1 83  ? -6.023  10.386  13.487  1.00 30.84 ? 83  TYR X C   1 
ATOM   654  O O   . TYR A 1 83  ? -7.203  10.774  13.464  1.00 31.44 ? 83  TYR X O   1 
ATOM   655  C CB  . TYR A 1 83  ? -6.123  8.191   14.728  1.00 30.61 ? 83  TYR X CB  1 
ATOM   656  C CG  . TYR A 1 83  ? -5.754  6.723   14.787  1.00 31.25 ? 83  TYR X CG  1 
ATOM   657  C CD1 . TYR A 1 83  ? -6.321  5.794   13.897  1.00 32.61 ? 83  TYR X CD1 1 
ATOM   658  C CD2 . TYR A 1 83  ? -4.856  6.256   15.735  1.00 31.08 ? 83  TYR X CD2 1 
ATOM   659  C CE1 . TYR A 1 83  ? -5.977  4.440   13.949  1.00 32.72 ? 83  TYR X CE1 1 
ATOM   660  C CE2 . TYR A 1 83  ? -4.508  4.912   15.798  1.00 32.25 ? 83  TYR X CE2 1 
ATOM   661  C CZ  . TYR A 1 83  ? -5.069  4.005   14.902  1.00 32.97 ? 83  TYR X CZ  1 
ATOM   662  O OH  . TYR A 1 83  ? -4.723  2.671   14.971  1.00 33.25 ? 83  TYR X OH  1 
ATOM   663  N N   . GLN A 1 84  ? -4.988  11.222  13.539  1.00 31.09 ? 84  GLN X N   1 
ATOM   664  C CA  . GLN A 1 84  ? -5.171  12.670  13.573  1.00 31.73 ? 84  GLN X CA  1 
ATOM   665  C C   . GLN A 1 84  ? -5.117  13.273  12.178  1.00 31.14 ? 84  GLN X C   1 
ATOM   666  O O   . GLN A 1 84  ? -5.440  14.447  11.995  1.00 31.37 ? 84  GLN X O   1 
ATOM   667  C CB  . GLN A 1 84  ? -4.138  13.343  14.485  1.00 32.24 ? 84  GLN X CB  1 
ATOM   668  C CG  . GLN A 1 84  ? -4.236  12.931  15.954  1.00 34.88 ? 84  GLN X CG  1 
ATOM   669  C CD  . GLN A 1 84  ? -5.619  13.191  16.549  1.00 37.78 ? 84  GLN X CD  1 
ATOM   670  O OE1 . GLN A 1 84  ? -6.127  14.315  16.509  1.00 39.83 ? 84  GLN X OE1 1 
ATOM   671  N NE2 . GLN A 1 84  ? -6.229  12.149  17.105  1.00 38.41 ? 84  GLN X NE2 1 
ATOM   672  N N   . LEU A 1 85  ? -4.701  12.476  11.192  1.00 30.16 ? 85  LEU X N   1 
ATOM   673  C CA  . LEU A 1 85  ? -4.640  12.950  9.817   1.00 29.25 ? 85  LEU X CA  1 
ATOM   674  C C   . LEU A 1 85  ? -6.050  13.073  9.233   1.00 29.21 ? 85  LEU X C   1 
ATOM   675  O O   . LEU A 1 85  ? -6.848  12.138  9.347   1.00 29.82 ? 85  LEU X O   1 
ATOM   676  C CB  . LEU A 1 85  ? -3.791  11.996  8.969   1.00 29.15 ? 85  LEU X CB  1 
ATOM   677  C CG  . LEU A 1 85  ? -2.333  11.833  9.408   1.00 27.79 ? 85  LEU X CG  1 
ATOM   678  C CD1 . LEU A 1 85  ? -1.723  10.598  8.742   1.00 25.76 ? 85  LEU X CD1 1 
ATOM   679  C CD2 . LEU A 1 85  ? -1.535  13.084  9.078   1.00 27.56 ? 85  LEU X CD2 1 
ATOM   680  N N   . PRO A 1 86  ? -6.374  14.240  8.643   1.00 28.70 ? 86  PRO X N   1 
ATOM   681  C CA  . PRO A 1 86  ? -7.704  14.413  8.040   1.00 28.17 ? 86  PRO X CA  1 
ATOM   682  C C   . PRO A 1 86  ? -7.847  13.798  6.652   1.00 27.36 ? 86  PRO X C   1 
ATOM   683  O O   . PRO A 1 86  ? -6.850  13.594  5.952   1.00 27.33 ? 86  PRO X O   1 
ATOM   684  C CB  . PRO A 1 86  ? -7.858  15.938  7.958   1.00 28.16 ? 86  PRO X CB  1 
ATOM   685  C CG  . PRO A 1 86  ? -6.475  16.467  7.874   1.00 28.70 ? 86  PRO X CG  1 
ATOM   686  C CD  . PRO A 1 86  ? -5.560  15.469  8.561   1.00 28.47 ? 86  PRO X CD  1 
ATOM   687  N N   . GLY A 1 87  ? -9.091  13.530  6.259   1.00 26.32 ? 87  GLY X N   1 
ATOM   688  C CA  . GLY A 1 87  ? -9.388  13.077  4.908   1.00 25.26 ? 87  GLY X CA  1 
ATOM   689  C C   . GLY A 1 87  ? -9.253  11.571  4.774   1.00 24.49 ? 87  GLY X C   1 
ATOM   690  O O   . GLY A 1 87  ? -9.323  10.837  5.767   1.00 23.98 ? 87  GLY X O   1 
ATOM   691  N N   . HIS A 1 88  ? -9.073  11.126  3.534   1.00 23.96 ? 88  HIS X N   1 
ATOM   692  C CA  . HIS A 1 88  ? -8.932  9.707   3.240   1.00 23.40 ? 88  HIS X CA  1 
ATOM   693  C C   . HIS A 1 88  ? -7.445  9.369   3.318   1.00 22.70 ? 88  HIS X C   1 
ATOM   694  O O   . HIS A 1 88  ? -6.647  9.868   2.520   1.00 23.06 ? 88  HIS X O   1 
ATOM   695  C CB  . HIS A 1 88  ? -9.476  9.381   1.854   1.00 23.86 ? 88  HIS X CB  1 
ATOM   696  C CG  . HIS A 1 88  ? -9.709  7.915   1.634   1.00 23.50 ? 88  HIS X CG  1 
ATOM   697  N ND1 . HIS A 1 88  ? -10.444 7.430   0.575   1.00 23.60 ? 88  HIS X ND1 1 
ATOM   698  C CD2 . HIS A 1 88  ? -9.332  6.832   2.358   1.00 24.16 ? 88  HIS X CD2 1 
ATOM   699  C CE1 . HIS A 1 88  ? -10.493 6.110   0.644   1.00 24.38 ? 88  HIS X CE1 1 
ATOM   700  N NE2 . HIS A 1 88  ? -9.824  5.722   1.714   1.00 23.30 ? 88  HIS X NE2 1 
ATOM   701  N N   . VAL A 1 89  ? -7.097  8.513   4.275   1.00 22.16 ? 89  VAL X N   1 
ATOM   702  C CA  . VAL A 1 89  ? -5.710  8.118   4.519   1.00 20.83 ? 89  VAL X CA  1 
ATOM   703  C C   . VAL A 1 89  ? -5.528  6.687   4.015   1.00 20.16 ? 89  VAL X C   1 
ATOM   704  O O   . VAL A 1 89  ? -6.298  5.806   4.385   1.00 19.35 ? 89  VAL X O   1 
ATOM   705  C CB  . VAL A 1 89  ? -5.372  8.200   6.028   1.00 21.81 ? 89  VAL X CB  1 
ATOM   706  C CG1 . VAL A 1 89  ? -4.009  7.592   6.335   1.00 21.45 ? 89  VAL X CG1 1 
ATOM   707  C CG2 . VAL A 1 89  ? -5.420  9.662   6.497   1.00 22.34 ? 89  VAL X CG2 1 
ATOM   708  N N   . PHE A 1 90  ? -4.494  6.485   3.201   1.00 19.06 ? 90  PHE X N   1 
ATOM   709  C CA  . PHE A 1 90  ? -4.144  5.157   2.681   1.00 17.66 ? 90  PHE X CA  1 
ATOM   710  C C   . PHE A 1 90  ? -2.823  4.716   3.295   1.00 17.58 ? 90  PHE X C   1 
ATOM   711  O O   . PHE A 1 90  ? -1.801  5.392   3.116   1.00 16.39 ? 90  PHE X O   1 
ATOM   712  C CB  . PHE A 1 90  ? -3.971  5.199   1.173   1.00 18.29 ? 90  PHE X CB  1 
ATOM   713  C CG  . PHE A 1 90  ? -5.237  5.516   0.426   1.00 18.10 ? 90  PHE X CG  1 
ATOM   714  C CD1 . PHE A 1 90  ? -6.076  4.495   0.003   1.00 18.84 ? 90  PHE X CD1 1 
ATOM   715  C CD2 . PHE A 1 90  ? -5.564  6.834   0.117   1.00 20.79 ? 90  PHE X CD2 1 
ATOM   716  C CE1 . PHE A 1 90  ? -7.258  4.779   -0.678  1.00 18.65 ? 90  PHE X CE1 1 
ATOM   717  C CE2 . PHE A 1 90  ? -6.726  7.128   -0.584  1.00 19.84 ? 90  PHE X CE2 1 
ATOM   718  C CZ  . PHE A 1 90  ? -7.581  6.089   -0.983  1.00 20.29 ? 90  PHE X CZ  1 
ATOM   719  N N   . ILE A 1 91  ? -2.861  3.575   3.978   1.00 16.50 ? 91  ILE X N   1 
ATOM   720  C CA  . ILE A 1 91  ? -1.655  2.911   4.511   1.00 16.24 ? 91  ILE X CA  1 
ATOM   721  C C   . ILE A 1 91  ? -0.968  2.221   3.336   1.00 16.14 ? 91  ILE X C   1 
ATOM   722  O O   . ILE A 1 91  ? -1.527  1.280   2.745   1.00 16.46 ? 91  ILE X O   1 
ATOM   723  C CB  . ILE A 1 91  ? -2.005  1.887   5.595   1.00 15.99 ? 91  ILE X CB  1 
ATOM   724  C CG1 . ILE A 1 91  ? -2.794  2.527   6.769   1.00 16.40 ? 91  ILE X CG1 1 
ATOM   725  C CG2 . ILE A 1 91  ? -0.734  1.161   6.086   1.00 16.37 ? 91  ILE X CG2 1 
ATOM   726  C CD1 . ILE A 1 91  ? -2.086  3.706   7.468   1.00 19.03 ? 91  ILE X CD1 1 
ATOM   727  N N   . PHE A 1 92  ? 0.242   2.688   3.006   1.00 15.85 ? 92  PHE X N   1 
ATOM   728  C CA  . PHE A 1 92  ? 0.872   2.478   1.703   1.00 15.41 ? 92  PHE X CA  1 
ATOM   729  C C   . PHE A 1 92  ? 2.045   1.497   1.769   1.00 14.85 ? 92  PHE X C   1 
ATOM   730  O O   . PHE A 1 92  ? 2.671   1.206   0.742   1.00 14.59 ? 92  PHE X O   1 
ATOM   731  C CB  . PHE A 1 92  ? 1.362   3.835   1.151   1.00 16.24 ? 92  PHE X CB  1 
ATOM   732  C CG  . PHE A 1 92  ? 1.470   3.911   -0.349  1.00 17.91 ? 92  PHE X CG  1 
ATOM   733  C CD1 . PHE A 1 92  ? 2.604   4.482   -0.939  1.00 20.06 ? 92  PHE X CD1 1 
ATOM   734  C CD2 . PHE A 1 92  ? 0.431   3.495   -1.185  1.00 18.59 ? 92  PHE X CD2 1 
ATOM   735  C CE1 . PHE A 1 92  ? 2.712   4.598   -2.332  1.00 22.39 ? 92  PHE X CE1 1 
ATOM   736  C CE2 . PHE A 1 92  ? 0.543   3.599   -2.579  1.00 19.69 ? 92  PHE X CE2 1 
ATOM   737  C CZ  . PHE A 1 92  ? 1.678   4.156   -3.149  1.00 21.35 ? 92  PHE X CZ  1 
ATOM   738  N N   . GLY A 1 93  ? 2.300   0.993   2.972   1.00 14.61 ? 93  GLY X N   1 
ATOM   739  C CA  . GLY A 1 93  ? 3.368   0.008   3.214   1.00 15.20 ? 93  GLY X CA  1 
ATOM   740  C C   . GLY A 1 93  ? 4.392   0.488   4.233   1.00 15.41 ? 93  GLY X C   1 
ATOM   741  O O   . GLY A 1 93  ? 4.313   1.631   4.711   1.00 15.45 ? 93  GLY X O   1 
ATOM   742  N N   . GLY A 1 94  ? 5.359   -0.360  4.591   1.00 14.74 ? 94  GLY X N   1 
ATOM   743  C CA  . GLY A 1 94  ? 5.557   -1.701  3.993   1.00 14.77 ? 94  GLY X CA  1 
ATOM   744  C C   . GLY A 1 94  ? 5.084   -2.758  4.978   1.00 14.53 ? 94  GLY X C   1 
ATOM   745  O O   . GLY A 1 94  ? 4.063   -2.579  5.641   1.00 14.86 ? 94  GLY X O   1 
ATOM   746  N N   . GLN A 1 95  ? 5.807   -3.875  5.085   1.00 14.46 ? 95  GLN X N   1 
ATOM   747  C CA  . GLN A 1 95  ? 5.345   -4.975  5.940   1.00 15.10 ? 95  GLN X CA  1 
ATOM   748  C C   . GLN A 1 95  ? 5.032   -4.539  7.367   1.00 15.49 ? 95  GLN X C   1 
ATOM   749  O O   . GLN A 1 95  ? 3.989   -4.884  7.928   1.00 15.24 ? 95  GLN X O   1 
ATOM   750  C CB  . GLN A 1 95  ? 6.382   -6.088  5.960   1.00 15.05 ? 95  GLN X CB  1 
ATOM   751  C CG  . GLN A 1 95  ? 6.118   -7.181  6.977   1.00 15.20 ? 95  GLN X CG  1 
ATOM   752  C CD  . GLN A 1 95  ? 7.248   -8.170  6.924   1.00 18.60 ? 95  GLN X CD  1 
ATOM   753  O OE1 . GLN A 1 95  ? 7.430   -8.854  5.923   1.00 14.09 ? 95  GLN X OE1 1 
ATOM   754  N NE2 . GLN A 1 95  ? 8.104   -8.156  7.956   1.00 23.03 ? 95  GLN X NE2 1 
ATOM   755  N N   . THR A 1 96  ? 5.939   -3.770  7.965   1.00 16.02 ? 96  THR X N   1 
ATOM   756  C CA  . THR A 1 96  ? 5.774   -3.369  9.358   1.00 17.67 ? 96  THR X CA  1 
ATOM   757  C C   . THR A 1 96  ? 4.489   -2.549  9.541   1.00 17.31 ? 96  THR X C   1 
ATOM   758  O O   . THR A 1 96  ? 3.680   -2.850  10.423  1.00 18.35 ? 96  THR X O   1 
ATOM   759  C CB  . THR A 1 96  ? 7.016   -2.612  9.851   1.00 17.84 ? 96  THR X CB  1 
ATOM   760  O OG1 . THR A 1 96  ? 8.163   -3.465  9.678   1.00 19.51 ? 96  THR X OG1 1 
ATOM   761  C CG2 . THR A 1 96  ? 6.871   -2.246  11.331  1.00 20.19 ? 96  THR X CG2 1 
ATOM   762  N N   . LEU A 1 97  ? 4.293   -1.551  8.687   1.00 17.83 ? 97  LEU X N   1 
ATOM   763  C CA  . LEU A 1 97  ? 3.083   -0.731  8.743   1.00 18.92 ? 97  LEU X CA  1 
ATOM   764  C C   . LEU A 1 97  ? 1.818   -1.572  8.558   1.00 18.02 ? 97  LEU X C   1 
ATOM   765  O O   . LEU A 1 97  ? 0.880   -1.447  9.344   1.00 18.31 ? 97  LEU X O   1 
ATOM   766  C CB  . LEU A 1 97  ? 3.145   0.448   7.766   1.00 19.97 ? 97  LEU X CB  1 
ATOM   767  C CG  . LEU A 1 97  ? 2.249   1.649   8.115   1.00 22.20 ? 97  LEU X CG  1 
ATOM   768  C CD1 . LEU A 1 97  ? 2.311   2.076   9.572   1.00 22.12 ? 97  LEU X CD1 1 
ATOM   769  C CD2 . LEU A 1 97  ? 2.551   2.823   7.225   1.00 22.13 ? 97  LEU X CD2 1 
ATOM   770  N N   . TYR A 1 98  ? 1.801   -2.454  7.557   1.00 16.96 ? 98  TYR X N   1 
ATOM   771  C CA  . TYR A 1 98  ? 0.632   -3.339  7.379   1.00 16.50 ? 98  TYR X CA  1 
ATOM   772  C C   . TYR A 1 98  ? 0.326   -4.191  8.620   1.00 16.81 ? 98  TYR X C   1 
ATOM   773  O O   . TYR A 1 98  ? -0.833  -4.337  9.006   1.00 17.61 ? 98  TYR X O   1 
ATOM   774  C CB  . TYR A 1 98  ? 0.815   -4.232  6.149   1.00 15.54 ? 98  TYR X CB  1 
ATOM   775  C CG  . TYR A 1 98  ? 0.840   -3.489  4.829   1.00 13.68 ? 98  TYR X CG  1 
ATOM   776  C CD1 . TYR A 1 98  ? -0.107  -2.488  4.525   1.00 12.89 ? 98  TYR X CD1 1 
ATOM   777  C CD2 . TYR A 1 98  ? 1.789   -3.803  3.867   1.00 12.44 ? 98  TYR X CD2 1 
ATOM   778  C CE1 . TYR A 1 98  ? -0.072  -1.819  3.291   1.00 13.94 ? 98  TYR X CE1 1 
ATOM   779  C CE2 . TYR A 1 98  ? 1.844   -3.158  2.659   1.00 12.72 ? 98  TYR X CE2 1 
ATOM   780  C CZ  . TYR A 1 98  ? 0.905   -2.158  2.364   1.00 14.05 ? 98  TYR X CZ  1 
ATOM   781  O OH  . TYR A 1 98  ? 0.979   -1.552  1.143   1.00 13.67 ? 98  TYR X OH  1 
ATOM   782  N N   . GLU A 1 99  ? 1.360   -4.776  9.223   1.00 16.85 ? 99  GLU X N   1 
ATOM   783  C CA  . GLU A 1 99  ? 1.199   -5.585  10.425  1.00 18.06 ? 99  GLU X CA  1 
ATOM   784  C C   . GLU A 1 99  ? 0.598   -4.756  11.557  1.00 18.45 ? 99  GLU X C   1 
ATOM   785  O O   . GLU A 1 99  ? -0.267  -5.228  12.280  1.00 18.58 ? 99  GLU X O   1 
ATOM   786  C CB  . GLU A 1 99  ? 2.538   -6.186  10.844  1.00 17.97 ? 99  GLU X CB  1 
ATOM   787  C CG  . GLU A 1 99  ? 2.999   -7.308  9.925   1.00 18.60 ? 99  GLU X CG  1 
ATOM   788  C CD  . GLU A 1 99  ? 4.416   -7.789  10.217  1.00 20.60 ? 99  GLU X CD  1 
ATOM   789  O OE1 . GLU A 1 99  ? 4.812   -8.852  9.676   1.00 19.45 ? 99  GLU X OE1 1 
ATOM   790  O OE2 . GLU A 1 99  ? 5.150   -7.101  10.973  1.00 24.31 ? 99  GLU X OE2 1 
ATOM   791  N N   . GLU A 1 100 ? 1.041   -3.511  11.676  1.00 18.84 ? 100 GLU X N   1 
ATOM   792  C CA  . GLU A 1 100 ? 0.543   -2.627  12.719  1.00 20.03 ? 100 GLU X CA  1 
ATOM   793  C C   . GLU A 1 100 ? -0.885  -2.115  12.477  1.00 20.66 ? 100 GLU X C   1 
ATOM   794  O O   . GLU A 1 100 ? -1.572  -1.730  13.439  1.00 21.86 ? 100 GLU X O   1 
ATOM   795  C CB  . GLU A 1 100 ? 1.493   -1.439  12.886  1.00 20.38 ? 100 GLU X CB  1 
ATOM   796  C CG  . GLU A 1 100 ? 2.865   -1.814  13.401  1.00 20.36 ? 100 GLU X CG  1 
ATOM   797  C CD  . GLU A 1 100 ? 3.775   -0.601  13.498  1.00 22.75 ? 100 GLU X CD  1 
ATOM   798  O OE1 . GLU A 1 100 ? 4.322   -0.167  12.461  1.00 22.51 ? 100 GLU X OE1 1 
ATOM   799  O OE2 . GLU A 1 100 ? 3.936   -0.088  14.624  1.00 24.50 ? 100 GLU X OE2 1 
ATOM   800  N N   . MET A 1 101 ? -1.328  -2.102  11.220  1.00 20.29 ? 101 MET X N   1 
ATOM   801  C CA  . MET A 1 101 ? -2.574  -1.409  10.851  1.00 21.00 ? 101 MET X CA  1 
ATOM   802  C C   . MET A 1 101 ? -3.708  -2.297  10.351  1.00 21.45 ? 101 MET X C   1 
ATOM   803  O O   . MET A 1 101 ? -4.860  -1.835  10.253  1.00 21.68 ? 101 MET X O   1 
ATOM   804  C CB  . MET A 1 101 ? -2.297  -0.301  9.830   1.00 21.46 ? 101 MET X CB  1 
ATOM   805  C CG  . MET A 1 101 ? -1.386  0.812   10.369  1.00 22.51 ? 101 MET X CG  1 
ATOM   806  S SD  . MET A 1 101 ? -2.024  1.616   11.870  1.00 25.68 ? 101 MET X SD  1 
ATOM   807  C CE  . MET A 1 101 ? -3.450  2.467   11.219  1.00 24.94 ? 101 MET X CE  1 
ATOM   808  N N   . ILE A 1 102 ? -3.410  -3.548  10.015  1.00 21.13 ? 102 ILE X N   1 
ATOM   809  C CA  . ILE A 1 102 ? -4.431  -4.392  9.363   1.00 22.08 ? 102 ILE X CA  1 
ATOM   810  C C   . ILE A 1 102 ? -5.684  -4.561  10.220  1.00 22.67 ? 102 ILE X C   1 
ATOM   811  O O   . ILE A 1 102 ? -6.792  -4.541  9.690   1.00 22.73 ? 102 ILE X O   1 
ATOM   812  C CB  . ILE A 1 102 ? -3.878  -5.756  8.869   1.00 21.90 ? 102 ILE X CB  1 
ATOM   813  C CG1 . ILE A 1 102 ? -4.948  -6.518  8.052   1.00 22.10 ? 102 ILE X CG1 1 
ATOM   814  C CG2 . ILE A 1 102 ? -3.321  -6.587  10.028  1.00 20.77 ? 102 ILE X CG2 1 
ATOM   815  C CD1 . ILE A 1 102 ? -4.372  -7.484  7.051   1.00 22.03 ? 102 ILE X CD1 1 
ATOM   816  N N   . ASP A 1 103 ? -5.505  -4.695  11.533  1.00 23.00 ? 103 ASP X N   1 
ATOM   817  C CA  . ASP A 1 103 ? -6.655  -4.800  12.448  1.00 24.50 ? 103 ASP X CA  1 
ATOM   818  C C   . ASP A 1 103 ? -7.403  -3.486  12.710  1.00 24.38 ? 103 ASP X C   1 
ATOM   819  O O   . ASP A 1 103 ? -8.420  -3.488  13.411  1.00 25.60 ? 103 ASP X O   1 
ATOM   820  C CB  . ASP A 1 103 ? -6.222  -5.431  13.775  1.00 24.50 ? 103 ASP X CB  1 
ATOM   821  C CG  . ASP A 1 103 ? -5.806  -6.877  13.624  1.00 26.71 ? 103 ASP X CG  1 
ATOM   822  O OD1 . ASP A 1 103 ? -5.079  -7.379  14.505  1.00 29.78 ? 103 ASP X OD1 1 
ATOM   823  O OD2 . ASP A 1 103 ? -6.202  -7.520  12.630  1.00 28.63 ? 103 ASP X OD2 1 
ATOM   824  N N   . LYS A 1 104 ? -6.911  -2.380  12.150  1.00 24.52 ? 104 LYS X N   1 
ATOM   825  C CA  . LYS A 1 104 ? -7.439  -1.034  12.422  1.00 24.80 ? 104 LYS X CA  1 
ATOM   826  C C   . LYS A 1 104 ? -8.157  -0.380  11.240  1.00 24.39 ? 104 LYS X C   1 
ATOM   827  O O   . LYS A 1 104 ? -8.952  0.549   11.422  1.00 24.25 ? 104 LYS X O   1 
ATOM   828  C CB  . LYS A 1 104 ? -6.306  -0.088  12.867  1.00 25.53 ? 104 LYS X CB  1 
ATOM   829  C CG  . LYS A 1 104 ? -5.388  -0.623  13.953  1.00 27.79 ? 104 LYS X CG  1 
ATOM   830  C CD  . LYS A 1 104 ? -6.096  -0.772  15.271  1.00 30.87 ? 104 LYS X CD  1 
ATOM   831  C CE  . LYS A 1 104 ? -5.107  -1.177  16.357  1.00 33.53 ? 104 LYS X CE  1 
ATOM   832  N NZ  . LYS A 1 104 ? -5.805  -1.776  17.521  1.00 36.10 ? 104 LYS X NZ  1 
ATOM   833  N N   . VAL A 1 105 ? -7.867  -0.835  10.020  1.00 23.17 ? 105 VAL X N   1 
ATOM   834  C CA  . VAL A 1 105 ? -8.393  -0.158  8.830   1.00 22.49 ? 105 VAL X CA  1 
ATOM   835  C C   . VAL A 1 105 ? -9.863  -0.485  8.534   1.00 22.32 ? 105 VAL X C   1 
ATOM   836  O O   . VAL A 1 105 ? -10.345 -1.555  8.883   1.00 21.60 ? 105 VAL X O   1 
ATOM   837  C CB  . VAL A 1 105 ? -7.514  -0.392  7.575   1.00 22.52 ? 105 VAL X CB  1 
ATOM   838  C CG1 . VAL A 1 105 ? -6.106  0.229   7.760   1.00 22.42 ? 105 VAL X CG1 1 
ATOM   839  C CG2 . VAL A 1 105 ? -7.425  -1.879  7.232   1.00 21.59 ? 105 VAL X CG2 1 
ATOM   840  N N   . ASP A 1 106 ? -10.556 0.455   7.889   1.00 22.38 ? 106 ASP X N   1 
ATOM   841  C CA  . ASP A 1 106 ? -11.951 0.273   7.476   1.00 22.39 ? 106 ASP X CA  1 
ATOM   842  C C   . ASP A 1 106 ? -12.059 -0.714  6.315   1.00 21.32 ? 106 ASP X C   1 
ATOM   843  O O   . ASP A 1 106 ? -12.958 -1.565  6.264   1.00 20.84 ? 106 ASP X O   1 
ATOM   844  C CB  . ASP A 1 106 ? -12.539 1.624   7.049   1.00 23.04 ? 106 ASP X CB  1 
ATOM   845  C CG  . ASP A 1 106 ? -12.443 2.681   8.151   1.00 24.94 ? 106 ASP X CG  1 
ATOM   846  O OD1 . ASP A 1 106 ? -12.741 2.359   9.314   1.00 27.95 ? 106 ASP X OD1 1 
ATOM   847  O OD2 . ASP A 1 106 ? -12.070 3.836   7.856   1.00 28.62 ? 106 ASP X OD2 1 
ATOM   848  N N   . ASP A 1 107 ? -11.123 -0.585  5.380   1.00 19.85 ? 107 ASP X N   1 
ATOM   849  C CA  . ASP A 1 107 ? -11.161 -1.350  4.145   1.00 17.92 ? 107 ASP X CA  1 
ATOM   850  C C   . ASP A 1 107 ? -9.772  -1.509  3.570   1.00 16.81 ? 107 ASP X C   1 
ATOM   851  O O   . ASP A 1 107 ? -8.789  -0.926  4.079   1.00 15.91 ? 107 ASP X O   1 
ATOM   852  C CB  . ASP A 1 107 ? -12.121 -0.725  3.109   1.00 18.24 ? 107 ASP X CB  1 
ATOM   853  C CG  . ASP A 1 107 ? -11.755 0.697   2.719   1.00 19.82 ? 107 ASP X CG  1 
ATOM   854  O OD1 . ASP A 1 107 ? -10.880 1.321   3.351   1.00 21.50 ? 107 ASP X OD1 1 
ATOM   855  O OD2 . ASP A 1 107 ? -12.371 1.215   1.770   1.00 22.55 ? 107 ASP X OD2 1 
ATOM   856  N N   . MET A 1 108 ? -9.697  -2.305  2.518   1.00 15.08 ? 108 MET X N   1 
ATOM   857  C CA  . MET A 1 108 ? -8.434  -2.611  1.865   1.00 14.48 ? 108 MET X CA  1 
ATOM   858  C C   . MET A 1 108 ? -8.604  -2.627  0.362   1.00 15.02 ? 108 MET X C   1 
ATOM   859  O O   . MET A 1 108 ? -9.558  -3.222  -0.153  1.00 16.00 ? 108 MET X O   1 
ATOM   860  C CB  . MET A 1 108 ? -7.894  -3.979  2.321   1.00 13.76 ? 108 MET X CB  1 
ATOM   861  C CG  . MET A 1 108 ? -7.845  -4.183  3.825   1.00 13.28 ? 108 MET X CG  1 
ATOM   862  S SD  . MET A 1 108 ? -6.680  -5.464  4.348   1.00 15.79 ? 108 MET X SD  1 
ATOM   863  C CE  . MET A 1 108 ? -7.577  -6.949  3.869   1.00 15.46 ? 108 MET X CE  1 
ATOM   864  N N   . TYR A 1 109 ? -7.681  -1.964  -0.336  1.00 13.72 ? 109 TYR X N   1 
ATOM   865  C CA  . TYR A 1 109 ? -7.616  -2.011  -1.786  1.00 14.52 ? 109 TYR X CA  1 
ATOM   866  C C   . TYR A 1 109 ? -6.400  -2.852  -2.112  1.00 14.40 ? 109 TYR X C   1 
ATOM   867  O O   . TYR A 1 109 ? -5.268  -2.402  -1.935  1.00 14.32 ? 109 TYR X O   1 
ATOM   868  C CB  . TYR A 1 109 ? -7.449  -0.612  -2.364  1.00 15.54 ? 109 TYR X CB  1 
ATOM   869  C CG  . TYR A 1 109 ? -8.667  0.257   -2.181  1.00 15.98 ? 109 TYR X CG  1 
ATOM   870  C CD1 . TYR A 1 109 ? -8.810  1.057   -1.051  1.00 15.26 ? 109 TYR X CD1 1 
ATOM   871  C CD2 . TYR A 1 109 ? -9.679  0.254   -3.133  1.00 17.13 ? 109 TYR X CD2 1 
ATOM   872  C CE1 . TYR A 1 109 ? -9.951  1.861   -0.883  1.00 18.21 ? 109 TYR X CE1 1 
ATOM   873  C CE2 . TYR A 1 109 ? -10.807 1.050   -2.977  1.00 18.08 ? 109 TYR X CE2 1 
ATOM   874  C CZ  . TYR A 1 109 ? -10.932 1.846   -1.857  1.00 17.90 ? 109 TYR X CZ  1 
ATOM   875  O OH  . TYR A 1 109 ? -12.052 2.648   -1.713  1.00 19.40 ? 109 TYR X OH  1 
ATOM   876  N N   . ILE A 1 110 ? -6.643  -4.085  -2.543  1.00 13.56 ? 110 ILE X N   1 
ATOM   877  C CA  . ILE A 1 110 ? -5.562  -5.051  -2.744  1.00 14.42 ? 110 ILE X CA  1 
ATOM   878  C C   . ILE A 1 110 ? -5.470  -5.420  -4.220  1.00 13.64 ? 110 ILE X C   1 
ATOM   879  O O   . ILE A 1 110 ? -6.484  -5.803  -4.810  1.00 14.34 ? 110 ILE X O   1 
ATOM   880  C CB  . ILE A 1 110 ? -5.831  -6.350  -1.952  1.00 13.09 ? 110 ILE X CB  1 
ATOM   881  C CG1 . ILE A 1 110 ? -5.922  -6.069  -0.443  1.00 13.84 ? 110 ILE X CG1 1 
ATOM   882  C CG2 . ILE A 1 110 ? -4.726  -7.395  -2.274  1.00 15.21 ? 110 ILE X CG2 1 
ATOM   883  C CD1 . ILE A 1 110 ? -6.142  -7.307  0.429   1.00 17.33 ? 110 ILE X CD1 1 
ATOM   884  N N   . THR A 1 111 ? -4.287  -5.290  -4.810  1.00 12.22 ? 111 THR X N   1 
ATOM   885  C CA  . THR A 1 111 ? -4.031  -5.828  -6.145  1.00 12.27 ? 111 THR X CA  1 
ATOM   886  C C   . THR A 1 111 ? -3.411  -7.204  -5.917  1.00 12.97 ? 111 THR X C   1 
ATOM   887  O O   . THR A 1 111 ? -2.323  -7.301  -5.353  1.00 12.58 ? 111 THR X O   1 
ATOM   888  C CB  . THR A 1 111 ? -3.086  -4.935  -6.967  1.00 13.08 ? 111 THR X CB  1 
ATOM   889  O OG1 . THR A 1 111 ? -3.622  -3.605  -7.043  1.00 13.05 ? 111 THR X OG1 1 
ATOM   890  C CG2 . THR A 1 111 ? -2.937  -5.484  -8.382  1.00 14.01 ? 111 THR X CG2 1 
ATOM   891  N N   . VAL A 1 112 ? -4.143  -8.254  -6.280  1.00 12.36 ? 112 VAL X N   1 
ATOM   892  C CA  . VAL A 1 112 ? -3.624  -9.615  -6.164  1.00 12.76 ? 112 VAL X CA  1 
ATOM   893  C C   . VAL A 1 112 ? -2.888  -9.924  -7.455  1.00 13.43 ? 112 VAL X C   1 
ATOM   894  O O   . VAL A 1 112 ? -3.469  -9.875  -8.549  1.00 13.95 ? 112 VAL X O   1 
ATOM   895  C CB  . VAL A 1 112 ? -4.731  -10.675 -5.883  1.00 12.88 ? 112 VAL X CB  1 
ATOM   896  C CG1 . VAL A 1 112 ? -4.085  -12.038 -5.695  1.00 13.75 ? 112 VAL X CG1 1 
ATOM   897  C CG2 . VAL A 1 112 ? -5.522  -10.303 -4.641  1.00 14.36 ? 112 VAL X CG2 1 
ATOM   898  N N   . ILE A 1 113 ? -1.588  -10.181 -7.318  1.00 14.16 ? 113 ILE X N   1 
ATOM   899  C CA  . ILE A 1 113 ? -0.708  -10.484 -8.435  1.00 15.20 ? 113 ILE X CA  1 
ATOM   900  C C   . ILE A 1 113 ? -0.696  -12.011 -8.532  1.00 15.39 ? 113 ILE X C   1 
ATOM   901  O O   . ILE A 1 113 ? -0.251  -12.688 -7.603  1.00 14.04 ? 113 ILE X O   1 
ATOM   902  C CB  . ILE A 1 113 ? 0.749   -9.950  -8.182  1.00 15.96 ? 113 ILE X CB  1 
ATOM   903  C CG1 . ILE A 1 113 ? 0.792   -8.443  -7.779  1.00 18.19 ? 113 ILE X CG1 1 
ATOM   904  C CG2 . ILE A 1 113 ? 1.688   -10.321 -9.342  1.00 16.17 ? 113 ILE X CG2 1 
ATOM   905  C CD1 . ILE A 1 113 ? 0.412   -7.463  -8.832  1.00 21.45 ? 113 ILE X CD1 1 
ATOM   906  N N   . GLU A 1 114 ? -1.192  -12.556 -9.644  1.00 15.62 ? 114 GLU X N   1 
ATOM   907  C CA  . GLU A 1 114 ? -1.423  -14.004 -9.728  1.00 15.75 ? 114 GLU X CA  1 
ATOM   908  C C   . GLU A 1 114 ? -0.148  -14.733 -10.147 1.00 15.19 ? 114 GLU X C   1 
ATOM   909  O O   . GLU A 1 114 ? -0.105  -15.424 -11.164 1.00 15.12 ? 114 GLU X O   1 
ATOM   910  C CB  . GLU A 1 114 ? -2.628  -14.321 -10.641 1.00 17.41 ? 114 GLU X CB  1 
ATOM   911  C CG  . GLU A 1 114 ? -3.825  -13.372 -10.405 1.00 21.20 ? 114 GLU X CG  1 
ATOM   912  C CD  . GLU A 1 114 ? -4.760  -13.697 -9.239  1.00 28.12 ? 114 GLU X CD  1 
ATOM   913  O OE1 . GLU A 1 114 ? -4.639  -14.785 -8.634  1.00 28.10 ? 114 GLU X OE1 1 
ATOM   914  O OE2 . GLU A 1 114 ? -5.653  -12.830 -8.941  1.00 27.65 ? 114 GLU X OE2 1 
ATOM   915  N N   . GLY A 1 115 ? 0.902   -14.546 -9.349  1.00 13.74 ? 115 GLY X N   1 
ATOM   916  C CA  . GLY A 1 115 ? 2.194   -15.192 -9.584  1.00 14.04 ? 115 GLY X CA  1 
ATOM   917  C C   . GLY A 1 115 ? 2.860   -15.524 -8.259  1.00 13.84 ? 115 GLY X C   1 
ATOM   918  O O   . GLY A 1 115 ? 2.354   -15.151 -7.194  1.00 13.13 ? 115 GLY X O   1 
ATOM   919  N N   . LYS A 1 116 ? 3.974   -16.248 -8.327  1.00 13.43 ? 116 LYS X N   1 
ATOM   920  C CA  . LYS A 1 116 ? 4.745   -16.570 -7.120  1.00 15.05 ? 116 LYS X CA  1 
ATOM   921  C C   . LYS A 1 116 ? 6.167   -16.046 -7.298  1.00 14.27 ? 116 LYS X C   1 
ATOM   922  O O   . LYS A 1 116 ? 6.942   -16.562 -8.125  1.00 15.19 ? 116 LYS X O   1 
ATOM   923  C CB  . LYS A 1 116 ? 4.724   -18.081 -6.831  1.00 14.32 ? 116 LYS X CB  1 
ATOM   924  C CG  . LYS A 1 116 ? 3.354   -18.579 -6.378  1.00 16.94 ? 116 LYS X CG  1 
ATOM   925  C CD  . LYS A 1 116 ? 3.381   -20.071 -6.040  1.00 18.54 ? 116 LYS X CD  1 
ATOM   926  C CE  . LYS A 1 116 ? 2.039   -20.484 -5.420  1.00 24.18 ? 116 LYS X CE  1 
ATOM   927  N NZ  . LYS A 1 116 ? 1.981   -21.949 -5.097  1.00 28.91 ? 116 LYS X NZ  1 
ATOM   928  N N   . PHE A 1 117 ? 6.483   -14.997 -6.543  1.00 14.23 ? 117 PHE X N   1 
ATOM   929  C CA  . PHE A 1 117 ? 7.760   -14.296 -6.657  1.00 14.75 ? 117 PHE X CA  1 
ATOM   930  C C   . PHE A 1 117 ? 8.630   -14.598 -5.433  1.00 14.80 ? 117 PHE X C   1 
ATOM   931  O O   . PHE A 1 117 ? 8.120   -14.944 -4.362  1.00 15.32 ? 117 PHE X O   1 
ATOM   932  C CB  . PHE A 1 117 ? 7.525   -12.778 -6.773  1.00 14.97 ? 117 PHE X CB  1 
ATOM   933  C CG  . PHE A 1 117 ? 6.891   -12.355 -8.081  1.00 14.72 ? 117 PHE X CG  1 
ATOM   934  C CD1 . PHE A 1 117 ? 7.664   -11.775 -9.092  1.00 16.13 ? 117 PHE X CD1 1 
ATOM   935  C CD2 . PHE A 1 117 ? 5.534   -12.538 -8.303  1.00 15.59 ? 117 PHE X CD2 1 
ATOM   936  C CE1 . PHE A 1 117 ? 7.089   -11.387 -10.302 1.00 15.26 ? 117 PHE X CE1 1 
ATOM   937  C CE2 . PHE A 1 117 ? 4.943   -12.156 -9.527  1.00 15.33 ? 117 PHE X CE2 1 
ATOM   938  C CZ  . PHE A 1 117 ? 5.735   -11.589 -10.526 1.00 15.73 ? 117 PHE X CZ  1 
ATOM   939  N N   . ARG A 1 118 ? 9.940   -14.487 -5.607  1.00 15.51 ? 118 ARG X N   1 
ATOM   940  C CA  . ARG A 1 118 ? 10.847  -14.494 -4.461  1.00 16.49 ? 118 ARG X CA  1 
ATOM   941  C C   . ARG A 1 118 ? 10.669  -13.190 -3.690  1.00 14.75 ? 118 ARG X C   1 
ATOM   942  O O   . ARG A 1 118 ? 10.773  -12.114 -4.277  1.00 15.63 ? 118 ARG X O   1 
ATOM   943  C CB  . ARG A 1 118 ? 12.294  -14.609 -4.921  1.00 16.69 ? 118 ARG X CB  1 
ATOM   944  C CG  . ARG A 1 118 ? 13.297  -14.389 -3.778  1.00 18.81 ? 118 ARG X CG  1 
ATOM   945  C CD  . ARG A 1 118 ? 14.739  -14.586 -4.197  1.00 20.50 ? 118 ARG X CD  1 
ATOM   946  N NE  . ARG A 1 118 ? 14.947  -15.980 -4.568  1.00 27.30 ? 118 ARG X NE  1 
ATOM   947  C CZ  . ARG A 1 118 ? 15.162  -16.402 -5.809  1.00 29.75 ? 118 ARG X CZ  1 
ATOM   948  N NH1 . ARG A 1 118 ? 15.237  -15.540 -6.812  1.00 31.10 ? 118 ARG X NH1 1 
ATOM   949  N NH2 . ARG A 1 118 ? 15.304  -17.696 -6.041  1.00 30.93 ? 118 ARG X NH2 1 
ATOM   950  N N   . GLY A 1 119 ? 10.395  -13.291 -2.398  1.00 13.92 ? 119 GLY X N   1 
ATOM   951  C CA  . GLY A 1 119 ? 10.237  -12.111 -1.564  1.00 13.45 ? 119 GLY X CA  1 
ATOM   952  C C   . GLY A 1 119 ? 10.993  -12.152 -0.256  1.00 13.77 ? 119 GLY X C   1 
ATOM   953  O O   . GLY A 1 119 ? 11.412  -13.233 0.225   1.00 13.79 ? 119 GLY X O   1 
ATOM   954  N N   . ASP A 1 120 ? 11.161  -10.975 0.335   1.00 12.89 ? 120 ASP X N   1 
ATOM   955  C CA  . ASP A 1 120 ? 11.655  -10.909 1.695   1.00 13.46 ? 120 ASP X CA  1 
ATOM   956  C C   . ASP A 1 120 ? 10.749  -10.123 2.630   1.00 13.05 ? 120 ASP X C   1 
ATOM   957  O O   . ASP A 1 120 ? 11.046  -9.999  3.817   1.00 13.16 ? 120 ASP X O   1 
ATOM   958  C CB  . ASP A 1 120 ? 13.100  -10.374 1.749   1.00 13.35 ? 120 ASP X CB  1 
ATOM   959  C CG  . ASP A 1 120 ? 13.240  -8.977  1.185   1.00 15.32 ? 120 ASP X CG  1 
ATOM   960  O OD1 . ASP A 1 120 ? 14.387  -8.631  0.838   1.00 17.77 ? 120 ASP X OD1 1 
ATOM   961  O OD2 . ASP A 1 120 ? 12.225  -8.254  1.054   1.00 13.70 ? 120 ASP X OD2 1 
ATOM   962  N N   . THR A 1 121 ? 9.636   -9.600  2.098   1.00 12.60 ? 121 THR X N   1 
ATOM   963  C CA  . THR A 1 121 ? 8.658   -8.919  2.929   1.00 13.79 ? 121 THR X CA  1 
ATOM   964  C C   . THR A 1 121 ? 7.252   -9.307  2.456   1.00 12.70 ? 121 THR X C   1 
ATOM   965  O O   . THR A 1 121 ? 7.044   -9.578  1.251   1.00 12.44 ? 121 THR X O   1 
ATOM   966  C CB  . THR A 1 121 ? 8.821   -7.410  2.867   1.00 14.56 ? 121 THR X CB  1 
ATOM   967  O OG1 . THR A 1 121 ? 9.004   -7.056  1.516   1.00 16.40 ? 121 THR X OG1 1 
ATOM   968  C CG2 . THR A 1 121 ? 10.064  -6.940  3.659   1.00 16.70 ? 121 THR X CG2 1 
ATOM   969  N N   . PHE A 1 122 ? 6.343   -9.376  3.422   1.00 12.98 ? 122 PHE X N   1 
ATOM   970  C CA  . PHE A 1 122 ? 5.034   -9.989  3.227   1.00 12.23 ? 122 PHE X CA  1 
ATOM   971  C C   . PHE A 1 122 ? 3.888   -9.168  3.789   1.00 12.98 ? 122 PHE X C   1 
ATOM   972  O O   . PHE A 1 122 ? 4.032   -8.503  4.812   1.00 13.53 ? 122 PHE X O   1 
ATOM   973  C CB  . PHE A 1 122 ? 5.015   -11.353 3.916   1.00 12.65 ? 122 PHE X CB  1 
ATOM   974  C CG  . PHE A 1 122 ? 5.778   -12.414 3.172   1.00 12.14 ? 122 PHE X CG  1 
ATOM   975  C CD1 . PHE A 1 122 ? 5.085   -13.361 2.404   1.00 13.97 ? 122 PHE X CD1 1 
ATOM   976  C CD2 . PHE A 1 122 ? 7.170   -12.476 3.234   1.00 13.75 ? 122 PHE X CD2 1 
ATOM   977  C CE1 . PHE A 1 122 ? 5.762   -14.351 1.706   1.00 13.89 ? 122 PHE X CE1 1 
ATOM   978  C CE2 . PHE A 1 122 ? 7.865   -13.469 2.520   1.00 12.61 ? 122 PHE X CE2 1 
ATOM   979  C CZ  . PHE A 1 122 ? 7.148   -14.390 1.744   1.00 12.38 ? 122 PHE X CZ  1 
ATOM   980  N N   . PHE A 1 123 ? 2.733   -9.261  3.130   1.00 12.61 ? 123 PHE X N   1 
ATOM   981  C CA  . PHE A 1 123 ? 1.502   -8.770  3.729   1.00 13.11 ? 123 PHE X CA  1 
ATOM   982  C C   . PHE A 1 123 ? 1.046   -9.827  4.751   1.00 13.60 ? 123 PHE X C   1 
ATOM   983  O O   . PHE A 1 123 ? 1.245   -11.032 4.525   1.00 14.43 ? 123 PHE X O   1 
ATOM   984  C CB  . PHE A 1 123 ? 0.446   -8.606  2.624   1.00 12.80 ? 123 PHE X CB  1 
ATOM   985  C CG  . PHE A 1 123 ? -0.743  -7.809  3.034   1.00 12.59 ? 123 PHE X CG  1 
ATOM   986  C CD1 . PHE A 1 123 ? -0.638  -6.424  3.165   1.00 12.66 ? 123 PHE X CD1 1 
ATOM   987  C CD2 . PHE A 1 123 ? -1.978  -8.415  3.261   1.00 14.32 ? 123 PHE X CD2 1 
ATOM   988  C CE1 . PHE A 1 123 ? -1.759  -5.652  3.552   1.00 14.17 ? 123 PHE X CE1 1 
ATOM   989  C CE2 . PHE A 1 123 ? -3.093  -7.667  3.639   1.00 14.43 ? 123 PHE X CE2 1 
ATOM   990  C CZ  . PHE A 1 123 ? -2.977  -6.268  3.771   1.00 13.44 ? 123 PHE X CZ  1 
ATOM   991  N N   . PRO A 1 124 ? 0.460   -9.391  5.880   1.00 14.76 ? 124 PRO X N   1 
ATOM   992  C CA  . PRO A 1 124 ? 0.005   -10.342 6.909   1.00 15.43 ? 124 PRO X CA  1 
ATOM   993  C C   . PRO A 1 124 ? -1.152  -11.195 6.421   1.00 16.02 ? 124 PRO X C   1 
ATOM   994  O O   . PRO A 1 124 ? -1.917  -10.754 5.568   1.00 15.73 ? 124 PRO X O   1 
ATOM   995  C CB  . PRO A 1 124 ? -0.444  -9.445  8.083   1.00 16.09 ? 124 PRO X CB  1 
ATOM   996  C CG  . PRO A 1 124 ? -0.547  -8.092  7.566   1.00 16.87 ? 124 PRO X CG  1 
ATOM   997  C CD  . PRO A 1 124 ? 0.209   -7.985  6.258   1.00 15.18 ? 124 PRO X CD  1 
ATOM   998  N N   . PRO A 1 125 ? -1.249  -12.443 6.915   1.00 16.96 ? 125 PRO X N   1 
ATOM   999  C CA  . PRO A 1 125 ? -2.386  -13.309 6.594   1.00 17.62 ? 125 PRO X CA  1 
ATOM   1000 C C   . PRO A 1 125 ? -3.700  -12.647 6.982   1.00 18.17 ? 125 PRO X C   1 
ATOM   1001 O O   . PRO A 1 125 ? -3.756  -11.919 7.971   1.00 18.39 ? 125 PRO X O   1 
ATOM   1002 C CB  . PRO A 1 125 ? -2.154  -14.539 7.468   1.00 18.59 ? 125 PRO X CB  1 
ATOM   1003 C CG  . PRO A 1 125 ? -0.634  -14.551 7.692   1.00 17.71 ? 125 PRO X CG  1 
ATOM   1004 C CD  . PRO A 1 125 ? -0.272  -13.109 7.804   1.00 16.55 ? 125 PRO X CD  1 
ATOM   1005 N N   . TYR A 1 126 ? -4.723  -12.889 6.167   1.00 18.10 ? 126 TYR X N   1 
ATOM   1006 C CA  . TYR A 1 126 ? -6.083  -12.400 6.408   1.00 19.02 ? 126 TYR X CA  1 
ATOM   1007 C C   . TYR A 1 126 ? -7.051  -13.425 5.806   1.00 20.44 ? 126 TYR X C   1 
ATOM   1008 O O   . TYR A 1 126 ? -6.683  -14.209 4.916   1.00 21.16 ? 126 TYR X O   1 
ATOM   1009 C CB  . TYR A 1 126 ? -6.313  -10.995 5.805   1.00 17.98 ? 126 TYR X CB  1 
ATOM   1010 C CG  . TYR A 1 126 ? -6.151  -10.905 4.288   1.00 17.80 ? 126 TYR X CG  1 
ATOM   1011 C CD1 . TYR A 1 126 ? -7.265  -10.954 3.434   1.00 16.62 ? 126 TYR X CD1 1 
ATOM   1012 C CD2 . TYR A 1 126 ? -4.884  -10.755 3.701   1.00 16.33 ? 126 TYR X CD2 1 
ATOM   1013 C CE1 . TYR A 1 126 ? -7.119  -10.873 2.039   1.00 16.04 ? 126 TYR X CE1 1 
ATOM   1014 C CE2 . TYR A 1 126 ? -4.725  -10.667 2.303   1.00 15.96 ? 126 TYR X CE2 1 
ATOM   1015 C CZ  . TYR A 1 126 ? -5.842  -10.735 1.477   1.00 15.28 ? 126 TYR X CZ  1 
ATOM   1016 O OH  . TYR A 1 126 ? -5.672  -10.659 0.114   1.00 14.40 ? 126 TYR X OH  1 
ATOM   1017 N N   . THR A 1 127 ? -8.283  -13.409 6.294   1.00 22.52 ? 127 THR X N   1 
ATOM   1018 C CA  . THR A 1 127 ? -9.292  -14.372 5.866   1.00 24.61 ? 127 THR X CA  1 
ATOM   1019 C C   . THR A 1 127 ? -10.550 -13.657 5.369   1.00 25.22 ? 127 THR X C   1 
ATOM   1020 O O   . THR A 1 127 ? -10.968 -12.663 5.962   1.00 25.10 ? 127 THR X O   1 
ATOM   1021 C CB  . THR A 1 127 ? -9.638  -15.364 7.018   1.00 25.01 ? 127 THR X CB  1 
ATOM   1022 O OG1 . THR A 1 127 ? -10.723 -16.208 6.616   1.00 26.53 ? 127 THR X OG1 1 
ATOM   1023 C CG2 . THR A 1 127 ? -10.025 -14.632 8.291   1.00 26.24 ? 127 THR X CG2 1 
ATOM   1024 N N   . PHE A 1 128 ? -11.138 -14.151 4.280   1.00 27.37 ? 128 PHE X N   1 
ATOM   1025 C CA  . PHE A 1 128 ? -12.389 -13.576 3.749   1.00 28.89 ? 128 PHE X CA  1 
ATOM   1026 C C   . PHE A 1 128 ? -13.594 -13.756 4.677   1.00 30.30 ? 128 PHE X C   1 
ATOM   1027 O O   . PHE A 1 128 ? -14.646 -13.148 4.460   1.00 30.93 ? 128 PHE X O   1 
ATOM   1028 C CB  . PHE A 1 128 ? -12.696 -14.097 2.346   1.00 29.03 ? 128 PHE X CB  1 
ATOM   1029 C CG  . PHE A 1 128 ? -11.775 -13.552 1.286   1.00 28.95 ? 128 PHE X CG  1 
ATOM   1030 C CD1 . PHE A 1 128 ? -12.023 -12.316 0.701   1.00 29.34 ? 128 PHE X CD1 1 
ATOM   1031 C CD2 . PHE A 1 128 ? -10.642 -14.264 0.895   1.00 29.60 ? 128 PHE X CD2 1 
ATOM   1032 C CE1 . PHE A 1 128 ? -11.174 -11.806 -0.271  1.00 30.08 ? 128 PHE X CE1 1 
ATOM   1033 C CE2 . PHE A 1 128 ? -9.781  -13.756 -0.082  1.00 29.42 ? 128 PHE X CE2 1 
ATOM   1034 C CZ  . PHE A 1 128 ? -10.045 -12.525 -0.661  1.00 30.23 ? 128 PHE X CZ  1 
ATOM   1035 N N   . GLU A 1 129 ? -13.449 -14.584 5.707   1.00 31.02 ? 129 GLU X N   1 
ATOM   1036 C CA  . GLU A 1 129 ? -14.432 -14.627 6.787   1.00 32.27 ? 129 GLU X CA  1 
ATOM   1037 C C   . GLU A 1 129 ? -14.634 -13.231 7.402   1.00 31.43 ? 129 GLU X C   1 
ATOM   1038 O O   . GLU A 1 129 ? -15.743 -12.885 7.826   1.00 31.83 ? 129 GLU X O   1 
ATOM   1039 C CB  . GLU A 1 129 ? -13.986 -15.619 7.865   1.00 32.43 ? 129 GLU X CB  1 
ATOM   1040 C CG  . GLU A 1 129 ? -15.001 -15.862 8.980   1.00 35.04 ? 129 GLU X CG  1 
ATOM   1041 C CD  . GLU A 1 129 ? -14.551 -16.944 9.956   1.00 35.18 ? 129 GLU X CD  1 
ATOM   1042 O OE1 . GLU A 1 129 ? -13.428 -16.833 10.504  1.00 40.03 ? 129 GLU X OE1 1 
ATOM   1043 O OE2 . GLU A 1 129 ? -15.335 -17.898 10.187  1.00 40.18 ? 129 GLU X OE2 1 
ATOM   1044 N N   . ASP A 1 130 ? -13.567 -12.433 7.431   1.00 29.97 ? 130 ASP X N   1 
ATOM   1045 C CA  . ASP A 1 130 ? -13.591 -11.118 8.067   1.00 28.87 ? 130 ASP X CA  1 
ATOM   1046 C C   . ASP A 1 130 ? -13.913 -9.976  7.100   1.00 27.50 ? 130 ASP X C   1 
ATOM   1047 O O   . ASP A 1 130 ? -14.182 -8.859  7.548   1.00 27.16 ? 130 ASP X O   1 
ATOM   1048 C CB  . ASP A 1 130 ? -12.235 -10.821 8.717   1.00 29.27 ? 130 ASP X CB  1 
ATOM   1049 C CG  . ASP A 1 130 ? -11.939 -11.706 9.916   1.00 31.36 ? 130 ASP X CG  1 
ATOM   1050 O OD1 . ASP A 1 130 ? -10.754 -11.734 10.330  1.00 31.76 ? 130 ASP X OD1 1 
ATOM   1051 O OD2 . ASP A 1 130 ? -12.870 -12.370 10.442  1.00 32.15 ? 130 ASP X OD2 1 
ATOM   1052 N N   . TRP A 1 131 ? -13.866 -10.259 5.793   1.00 26.01 ? 131 TRP X N   1 
ATOM   1053 C CA  . TRP A 1 131 ? -13.879 -9.209  4.748   1.00 24.70 ? 131 TRP X CA  1 
ATOM   1054 C C   . TRP A 1 131 ? -14.887 -9.466  3.624   1.00 24.67 ? 131 TRP X C   1 
ATOM   1055 O O   . TRP A 1 131 ? -14.880 -10.544 3.009   1.00 25.74 ? 131 TRP X O   1 
ATOM   1056 C CB  . TRP A 1 131 ? -12.467 -9.057  4.144   1.00 23.51 ? 131 TRP X CB  1 
ATOM   1057 C CG  . TRP A 1 131 ? -11.426 -8.686  5.152   1.00 22.40 ? 131 TRP X CG  1 
ATOM   1058 C CD1 . TRP A 1 131 ? -10.621 -9.540  5.869   1.00 21.31 ? 131 TRP X CD1 1 
ATOM   1059 C CD2 . TRP A 1 131 ? -11.062 -7.362  5.558   1.00 20.78 ? 131 TRP X CD2 1 
ATOM   1060 N NE1 . TRP A 1 131 ? -9.795  -8.827  6.696   1.00 21.13 ? 131 TRP X NE1 1 
ATOM   1061 C CE2 . TRP A 1 131 ? -10.042 -7.489  6.532   1.00 20.72 ? 131 TRP X CE2 1 
ATOM   1062 C CE3 . TRP A 1 131 ? -11.494 -6.080  5.195   1.00 19.57 ? 131 TRP X CE3 1 
ATOM   1063 C CZ2 . TRP A 1 131 ? -9.457  -6.380  7.153   1.00 21.40 ? 131 TRP X CZ2 1 
ATOM   1064 C CZ3 . TRP A 1 131 ? -10.910 -4.976  5.812   1.00 20.74 ? 131 TRP X CZ3 1 
ATOM   1065 C CH2 . TRP A 1 131 ? -9.900  -5.136  6.782   1.00 21.62 ? 131 TRP X CH2 1 
ATOM   1066 N N   . GLU A 1 132 ? -15.740 -8.476  3.351   1.00 23.26 ? 132 GLU X N   1 
ATOM   1067 C CA  . GLU A 1 132 ? -16.686 -8.532  2.228   1.00 22.93 ? 132 GLU X CA  1 
ATOM   1068 C C   . GLU A 1 132 ? -16.014 -8.041  0.944   1.00 21.15 ? 132 GLU X C   1 
ATOM   1069 O O   . GLU A 1 132 ? -15.291 -7.046  0.959   1.00 19.65 ? 132 GLU X O   1 
ATOM   1070 C CB  . GLU A 1 132 ? -17.937 -7.689  2.534   1.00 23.41 ? 132 GLU X CB  1 
ATOM   1071 C CG  . GLU A 1 132 ? -18.915 -7.539  1.357   1.00 25.96 ? 132 GLU X CG  1 
ATOM   1072 C CD  . GLU A 1 132 ? -20.308 -7.069  1.753   1.00 26.04 ? 132 GLU X CD  1 
ATOM   1073 O OE1 . GLU A 1 132 ? -20.487 -6.479  2.848   1.00 31.19 ? 132 GLU X OE1 1 
ATOM   1074 O OE2 . GLU A 1 132 ? -21.234 -7.282  0.950   1.00 33.07 ? 132 GLU X OE2 1 
ATOM   1075 N N   . VAL A 1 133 ? -16.269 -8.726  -0.172  1.00 18.98 ? 133 VAL X N   1 
ATOM   1076 C CA  . VAL A 1 133 ? -15.715 -8.299  -1.442  1.00 17.94 ? 133 VAL X CA  1 
ATOM   1077 C C   . VAL A 1 133 ? -16.652 -7.238  -2.023  1.00 17.09 ? 133 VAL X C   1 
ATOM   1078 O O   . VAL A 1 133 ? -17.687 -7.577  -2.631  1.00 17.46 ? 133 VAL X O   1 
ATOM   1079 C CB  . VAL A 1 133 ? -15.542 -9.466  -2.435  1.00 17.16 ? 133 VAL X CB  1 
ATOM   1080 C CG1 . VAL A 1 133 ? -14.998 -8.973  -3.777  1.00 17.10 ? 133 VAL X CG1 1 
ATOM   1081 C CG2 . VAL A 1 133 ? -14.636 -10.570 -1.813  1.00 17.97 ? 133 VAL X CG2 1 
ATOM   1082 N N   . ALA A 1 134 ? -16.290 -5.967  -1.851  1.00 16.33 ? 134 ALA X N   1 
ATOM   1083 C CA  . ALA A 1 134 ? -17.072 -4.885  -2.443  1.00 16.36 ? 134 ALA X CA  1 
ATOM   1084 C C   . ALA A 1 134 ? -16.995 -4.874  -3.981  1.00 16.76 ? 134 ALA X C   1 
ATOM   1085 O O   . ALA A 1 134 ? -17.977 -4.577  -4.673  1.00 16.48 ? 134 ALA X O   1 
ATOM   1086 C CB  . ALA A 1 134 ? -16.644 -3.545  -1.869  1.00 16.59 ? 134 ALA X CB  1 
ATOM   1087 N N   . SER A 1 135 ? -15.820 -5.227  -4.512  1.00 15.73 ? 135 SER X N   1 
ATOM   1088 C CA  . SER A 1 135 ? -15.607 -5.357  -5.947  1.00 15.97 ? 135 SER X CA  1 
ATOM   1089 C C   . SER A 1 135 ? -14.354 -6.190  -6.205  1.00 15.64 ? 135 SER X C   1 
ATOM   1090 O O   . SER A 1 135 ? -13.462 -6.262  -5.358  1.00 14.96 ? 135 SER X O   1 
ATOM   1091 C CB  . SER A 1 135 ? -15.447 -3.989  -6.592  1.00 16.49 ? 135 SER X CB  1 
ATOM   1092 O OG  . SER A 1 135 ? -14.346 -3.287  -6.053  1.00 17.23 ? 135 SER X OG  1 
ATOM   1093 N N   . SER A 1 136 ? -14.322 -6.815  -7.376  1.00 16.18 ? 136 SER X N   1 
ATOM   1094 C CA  . SER A 1 136 ? -13.213 -7.643  -7.814  1.00 16.39 ? 136 SER X CA  1 
ATOM   1095 C C   . SER A 1 136 ? -13.186 -7.478  -9.321  1.00 16.99 ? 136 SER X C   1 
ATOM   1096 O O   . SER A 1 136 ? -14.143 -7.870  -10.013 1.00 17.33 ? 136 SER X O   1 
ATOM   1097 C CB  . SER A 1 136 ? -13.443 -9.103  -7.424  1.00 16.54 ? 136 SER X CB  1 
ATOM   1098 O OG  . SER A 1 136 ? -12.412 -9.942  -7.935  1.00 16.65 ? 136 SER X OG  1 
ATOM   1099 N N   . VAL A 1 137 ? -12.095 -6.905  -9.820  1.00 16.84 ? 137 VAL X N   1 
ATOM   1100 C CA  . VAL A 1 137 ? -11.973 -6.509  -11.227 1.00 18.21 ? 137 VAL X CA  1 
ATOM   1101 C C   . VAL A 1 137 ? -10.653 -7.014  -11.783 1.00 19.21 ? 137 VAL X C   1 
ATOM   1102 O O   . VAL A 1 137 ? -9.590  -6.681  -11.254 1.00 20.13 ? 137 VAL X O   1 
ATOM   1103 C CB  . VAL A 1 137 ? -12.024 -4.973  -11.397 1.00 18.34 ? 137 VAL X CB  1 
ATOM   1104 C CG1 . VAL A 1 137 ? -11.857 -4.576  -12.853 1.00 20.58 ? 137 VAL X CG1 1 
ATOM   1105 C CG2 . VAL A 1 137 ? -13.338 -4.412  -10.865 1.00 18.54 ? 137 VAL X CG2 1 
ATOM   1106 N N   . GLU A 1 138 ? -10.732 -7.836  -12.821 1.00 20.39 ? 138 GLU X N   1 
ATOM   1107 C CA  . GLU A 1 138 ? -9.532  -8.336  -13.496 1.00 21.79 ? 138 GLU X CA  1 
ATOM   1108 C C   . GLU A 1 138 ? -8.790  -7.234  -14.221 1.00 22.27 ? 138 GLU X C   1 
ATOM   1109 O O   . GLU A 1 138 ? -9.390  -6.450  -14.960 1.00 22.03 ? 138 GLU X O   1 
ATOM   1110 C CB  . GLU A 1 138 ? -9.905  -9.406  -14.496 1.00 22.86 ? 138 GLU X CB  1 
ATOM   1111 C CG  . GLU A 1 138 ? -10.162 -10.760 -13.923 1.00 25.84 ? 138 GLU X CG  1 
ATOM   1112 C CD  . GLU A 1 138 ? -10.410 -11.777 -15.028 1.00 31.39 ? 138 GLU X CD  1 
ATOM   1113 O OE1 . GLU A 1 138 ? -11.094 -12.784 -14.763 1.00 34.25 ? 138 GLU X OE1 1 
ATOM   1114 O OE2 . GLU A 1 138 ? -9.918  -11.562 -16.164 1.00 33.12 ? 138 GLU X OE2 1 
ATOM   1115 N N   . GLY A 1 139 ? -7.473  -7.185  -14.026 1.00 22.14 ? 139 GLY X N   1 
ATOM   1116 C CA  . GLY A 1 139 ? -6.624  -6.252  -14.750 1.00 23.34 ? 139 GLY X CA  1 
ATOM   1117 C C   . GLY A 1 139 ? -6.396  -6.749  -16.169 1.00 24.39 ? 139 GLY X C   1 
ATOM   1118 O O   . GLY A 1 139 ? -6.493  -7.947  -16.438 1.00 23.21 ? 139 GLY X O   1 
ATOM   1119 N N   . LYS A 1 140 ? -6.092  -5.824  -17.075 1.00 26.55 ? 140 LYS X N   1 
ATOM   1120 C CA  . LYS A 1 140 ? -5.863  -6.187  -18.470 1.00 29.12 ? 140 LYS X CA  1 
ATOM   1121 C C   . LYS A 1 140 ? -4.442  -6.655  -18.733 1.00 29.67 ? 140 LYS X C   1 
ATOM   1122 O O   . LYS A 1 140 ? -3.465  -6.006  -18.334 1.00 29.72 ? 140 LYS X O   1 
ATOM   1123 C CB  . LYS A 1 140 ? -6.290  -5.056  -19.411 1.00 29.97 ? 140 LYS X CB  1 
ATOM   1124 C CG  . LYS A 1 140 ? -7.799  -5.026  -19.603 1.00 33.11 ? 140 LYS X CG  1 
ATOM   1125 C CD  . LYS A 1 140 ? -8.231  -5.995  -20.707 1.00 37.10 ? 140 LYS X CD  1 
ATOM   1126 C CE  . LYS A 1 140 ? -9.361  -6.927  -20.249 1.00 39.43 ? 140 LYS X CE  1 
ATOM   1127 N NZ  . LYS A 1 140 ? -10.660 -6.226  -19.989 1.00 41.94 ? 140 LYS X NZ  1 
ATOM   1128 N N   . LEU A 1 141 ? -4.351  -7.817  -19.366 1.00 31.05 ? 141 LEU X N   1 
ATOM   1129 C CA  . LEU A 1 141 ? -3.087  -8.480  -19.639 1.00 32.18 ? 141 LEU X CA  1 
ATOM   1130 C C   . LEU A 1 141 ? -2.641  -8.052  -21.029 1.00 33.46 ? 141 LEU X C   1 
ATOM   1131 O O   . LEU A 1 141 ? -3.379  -8.221  -22.006 1.00 33.75 ? 141 LEU X O   1 
ATOM   1132 C CB  . LEU A 1 141 ? -3.288  -9.997  -19.557 1.00 32.53 ? 141 LEU X CB  1 
ATOM   1133 C CG  . LEU A 1 141 ? -2.122  -10.975 -19.398 1.00 32.45 ? 141 LEU X CG  1 
ATOM   1134 C CD1 . LEU A 1 141 ? -1.507  -10.875 -18.019 1.00 33.18 ? 141 LEU X CD1 1 
ATOM   1135 C CD2 . LEU A 1 141 ? -2.566  -12.413 -19.685 1.00 32.11 ? 141 LEU X CD2 1 
ATOM   1136 N N   . ASP A 1 142 ? -1.448  -7.465  -21.117 1.00 34.50 ? 142 ASP X N   1 
ATOM   1137 C CA  . ASP A 1 142 ? -0.910  -7.006  -22.398 1.00 35.56 ? 142 ASP X CA  1 
ATOM   1138 C C   . ASP A 1 142 ? 0.613   -7.054  -22.436 1.00 35.85 ? 142 ASP X C   1 
ATOM   1139 O O   . ASP A 1 142 ? 1.237   -7.777  -21.648 1.00 36.55 ? 142 ASP X O   1 
ATOM   1140 C CB  . ASP A 1 142 ? -1.451  -5.610  -22.772 1.00 35.09 ? 142 ASP X CB  1 
ATOM   1141 C CG  . ASP A 1 142 ? -1.022  -4.516  -21.801 1.00 36.13 ? 142 ASP X CG  1 
ATOM   1142 O OD1 . ASP A 1 142 ? -1.689  -3.464  -21.782 1.00 35.12 ? 142 ASP X OD1 1 
ATOM   1143 O OD2 . ASP A 1 142 ? -0.023  -4.691  -21.069 1.00 36.46 ? 142 ASP X OD2 1 
ATOM   1144 N N   . GLU A 1 143 ? 1.195   -6.289  -23.356 1.00 36.93 ? 143 GLU X N   1 
ATOM   1145 C CA  . GLU A 1 143 ? 2.646   -6.264  -23.584 1.00 37.13 ? 143 GLU X CA  1 
ATOM   1146 C C   . GLU A 1 143 ? 3.406   -5.599  -22.437 1.00 36.25 ? 143 GLU X C   1 
ATOM   1147 O O   . GLU A 1 143 ? 4.504   -6.030  -22.084 1.00 36.76 ? 143 GLU X O   1 
ATOM   1148 C CB  . GLU A 1 143 ? 2.992   -5.551  -24.903 1.00 37.69 ? 143 GLU X CB  1 
ATOM   1149 C CG  . GLU A 1 143 ? 1.845   -5.413  -25.910 1.00 40.23 ? 143 GLU X CG  1 
ATOM   1150 C CD  . GLU A 1 143 ? 1.010   -4.149  -25.696 1.00 43.49 ? 143 GLU X CD  1 
ATOM   1151 O OE1 . GLU A 1 143 ? 1.565   -3.126  -25.224 1.00 44.46 ? 143 GLU X OE1 1 
ATOM   1152 O OE2 . GLU A 1 143 ? -0.205  -4.180  -26.009 1.00 44.37 ? 143 GLU X OE2 1 
ATOM   1153 N N   . LYS A 1 144 ? 2.818   -4.545  -21.874 1.00 35.12 ? 144 LYS X N   1 
ATOM   1154 C CA  . LYS A 1 144 ? 3.424   -3.801  -20.765 1.00 33.75 ? 144 LYS X CA  1 
ATOM   1155 C C   . LYS A 1 144 ? 2.968   -4.290  -19.386 1.00 32.15 ? 144 LYS X C   1 
ATOM   1156 O O   . LYS A 1 144 ? 3.584   -3.968  -18.375 1.00 31.36 ? 144 LYS X O   1 
ATOM   1157 C CB  . LYS A 1 144 ? 3.138   -2.309  -20.921 1.00 34.11 ? 144 LYS X CB  1 
ATOM   1158 C CG  . LYS A 1 144 ? 3.883   -1.660  -22.087 1.00 35.52 ? 144 LYS X CG  1 
ATOM   1159 C CD  . LYS A 1 144 ? 3.942   -0.149  -21.926 1.00 38.35 ? 144 LYS X CD  1 
ATOM   1160 C CE  . LYS A 1 144 ? 4.896   0.500   -22.933 1.00 39.12 ? 144 LYS X CE  1 
ATOM   1161 N NZ  . LYS A 1 144 ? 4.469   0.255   -24.343 1.00 40.06 ? 144 LYS X NZ  1 
ATOM   1162 N N   . ASN A 1 145 ? 1.883   -5.062  -19.364 1.00 30.51 ? 145 ASN X N   1 
ATOM   1163 C CA  . ASN A 1 145 ? 1.338   -5.648  -18.143 1.00 29.37 ? 145 ASN X CA  1 
ATOM   1164 C C   . ASN A 1 145 ? 1.089   -7.104  -18.418 1.00 28.77 ? 145 ASN X C   1 
ATOM   1165 O O   . ASN A 1 145 ? 0.031   -7.465  -18.941 1.00 29.59 ? 145 ASN X O   1 
ATOM   1166 C CB  . ASN A 1 145 ? 0.013   -5.000  -17.771 1.00 28.98 ? 145 ASN X CB  1 
ATOM   1167 C CG  . ASN A 1 145 ? 0.148   -3.538  -17.506 1.00 28.46 ? 145 ASN X CG  1 
ATOM   1168 O OD1 . ASN A 1 145 ? 0.342   -3.122  -16.367 1.00 25.53 ? 145 ASN X OD1 1 
ATOM   1169 N ND2 . ASN A 1 145 ? 0.059   -2.742  -18.552 1.00 28.62 ? 145 ASN X ND2 1 
ATOM   1170 N N   . THR A 1 146 ? 2.068   -7.930  -18.092 1.00 27.57 ? 146 THR X N   1 
ATOM   1171 C CA  . THR A 1 146 ? 2.099   -9.295  -18.603 1.00 26.90 ? 146 THR X CA  1 
ATOM   1172 C C   . THR A 1 146 ? 1.869   -10.340 -17.501 1.00 25.52 ? 146 THR X C   1 
ATOM   1173 O O   . THR A 1 146 ? 1.925   -11.551 -17.749 1.00 24.69 ? 146 THR X O   1 
ATOM   1174 C CB  . THR A 1 146 ? 3.405   -9.552  -19.420 1.00 27.39 ? 146 THR X CB  1 
ATOM   1175 O OG1 . THR A 1 146 ? 4.517   -8.992  -18.727 1.00 27.74 ? 146 THR X OG1 1 
ATOM   1176 C CG2 . THR A 1 146 ? 3.345   -8.887  -20.777 1.00 29.56 ? 146 THR X CG2 1 
ATOM   1177 N N   . ILE A 1 147 ? 1.558   -9.854  -16.292 1.00 23.59 ? 147 ILE X N   1 
ATOM   1178 C CA  . ILE A 1 147 ? 1.299   -10.688 -15.127 1.00 21.83 ? 147 ILE X CA  1 
ATOM   1179 C C   . ILE A 1 147 ? -0.198  -10.600 -14.805 1.00 19.32 ? 147 ILE X C   1 
ATOM   1180 O O   . ILE A 1 147 ? -0.681  -9.499  -14.638 1.00 18.79 ? 147 ILE X O   1 
ATOM   1181 C CB  . ILE A 1 147 ? 2.030   -10.088 -13.896 1.00 22.35 ? 147 ILE X CB  1 
ATOM   1182 C CG1 . ILE A 1 147 ? 3.464   -9.679  -14.278 1.00 23.88 ? 147 ILE X CG1 1 
ATOM   1183 C CG2 . ILE A 1 147 ? 1.990   -11.068 -12.750 1.00 23.66 ? 147 ILE X CG2 1 
ATOM   1184 C CD1 . ILE A 1 147 ? 4.110   -8.663  -13.353 1.00 24.99 ? 147 ILE X CD1 1 
ATOM   1185 N N   . PRO A 1 148 ? -0.932  -11.732 -14.725 1.00 18.14 ? 148 PRO X N   1 
ATOM   1186 C CA  . PRO A 1 148 ? -2.347  -11.535 -14.382 1.00 16.57 ? 148 PRO X CA  1 
ATOM   1187 C C   . PRO A 1 148 ? -2.518  -10.935 -12.992 1.00 15.75 ? 148 PRO X C   1 
ATOM   1188 O O   . PRO A 1 148 ? -1.723  -11.205 -12.089 1.00 13.95 ? 148 PRO X O   1 
ATOM   1189 C CB  . PRO A 1 148 ? -2.940  -12.944 -14.446 1.00 17.61 ? 148 PRO X CB  1 
ATOM   1190 C CG  . PRO A 1 148 ? -2.000  -13.723 -15.240 1.00 18.90 ? 148 PRO X CG  1 
ATOM   1191 C CD  . PRO A 1 148 ? -0.645  -13.163 -14.923 1.00 18.19 ? 148 PRO X CD  1 
ATOM   1192 N N   . HIS A 1 149 ? -3.511  -10.064 -12.843 1.00 14.19 ? 149 HIS X N   1 
ATOM   1193 C CA  . HIS A 1 149 ? -3.689  -9.331  -11.594 1.00 14.22 ? 149 HIS X CA  1 
ATOM   1194 C C   . HIS A 1 149 ? -5.158  -8.954  -11.432 1.00 14.15 ? 149 HIS X C   1 
ATOM   1195 O O   . HIS A 1 149 ? -5.856  -8.761  -12.430 1.00 14.29 ? 149 HIS X O   1 
ATOM   1196 C CB  . HIS A 1 149 ? -2.815  -8.075  -11.567 1.00 14.06 ? 149 HIS X CB  1 
ATOM   1197 C CG  . HIS A 1 149 ? -2.950  -7.205  -12.778 1.00 15.63 ? 149 HIS X CG  1 
ATOM   1198 N ND1 . HIS A 1 149 ? -2.407  -7.542  -13.998 1.00 17.28 ? 149 HIS X ND1 1 
ATOM   1199 C CD2 . HIS A 1 149 ? -3.547  -5.998  -12.956 1.00 18.63 ? 149 HIS X CD2 1 
ATOM   1200 C CE1 . HIS A 1 149 ? -2.667  -6.591  -14.880 1.00 18.33 ? 149 HIS X CE1 1 
ATOM   1201 N NE2 . HIS A 1 149 ? -3.346  -5.637  -14.270 1.00 19.20 ? 149 HIS X NE2 1 
ATOM   1202 N N   . THR A 1 150 ? -5.607  -8.869  -10.187 1.00 14.35 ? 150 THR X N   1 
ATOM   1203 C CA  . THR A 1 150 ? -7.010  -8.581  -9.874  1.00 15.03 ? 150 THR X CA  1 
ATOM   1204 C C   . THR A 1 150 ? -7.087  -7.497  -8.811  1.00 14.56 ? 150 THR X C   1 
ATOM   1205 O O   . THR A 1 150 ? -6.407  -7.580  -7.780  1.00 14.15 ? 150 THR X O   1 
ATOM   1206 C CB  . THR A 1 150 ? -7.697  -9.855  -9.360  1.00 15.27 ? 150 THR X CB  1 
ATOM   1207 O OG1 . THR A 1 150 ? -7.524  -10.903 -10.328 1.00 17.47 ? 150 THR X OG1 1 
ATOM   1208 C CG2 . THR A 1 150 ? -9.189  -9.624  -9.137  1.00 17.38 ? 150 THR X CG2 1 
ATOM   1209 N N   . PHE A 1 151 ? -7.906  -6.473  -9.072  1.00 13.86 ? 151 PHE X N   1 
ATOM   1210 C CA  . PHE A 1 151 ? -8.093  -5.388  -8.122  1.00 14.01 ? 151 PHE X CA  1 
ATOM   1211 C C   . PHE A 1 151 ? -9.266  -5.745  -7.215  1.00 14.65 ? 151 PHE X C   1 
ATOM   1212 O O   . PHE A 1 151 ? -10.419 -5.849  -7.685  1.00 14.79 ? 151 PHE X O   1 
ATOM   1213 C CB  . PHE A 1 151 ? -8.347  -4.066  -8.866  1.00 13.96 ? 151 PHE X CB  1 
ATOM   1214 C CG  . PHE A 1 151 ? -7.242  -3.689  -9.813  1.00 13.17 ? 151 PHE X CG  1 
ATOM   1215 C CD1 . PHE A 1 151 ? -6.029  -3.193  -9.325  1.00 14.34 ? 151 PHE X CD1 1 
ATOM   1216 C CD2 . PHE A 1 151 ? -7.405  -3.844  -11.191 1.00 15.60 ? 151 PHE X CD2 1 
ATOM   1217 C CE1 . PHE A 1 151 ? -4.992  -2.838  -10.203 1.00 15.01 ? 151 PHE X CE1 1 
ATOM   1218 C CE2 . PHE A 1 151 ? -6.376  -3.498  -12.073 1.00 17.18 ? 151 PHE X CE2 1 
ATOM   1219 C CZ  . PHE A 1 151 ? -5.163  -2.992  -11.575 1.00 16.31 ? 151 PHE X CZ  1 
ATOM   1220 N N   . LEU A 1 152 ? -8.967  -5.956  -5.931  1.00 14.20 ? 152 LEU X N   1 
ATOM   1221 C CA  . LEU A 1 152 ? -9.979  -6.241  -4.915  1.00 15.50 ? 152 LEU X CA  1 
ATOM   1222 C C   . LEU A 1 152 ? -10.235 -5.028  -4.039  1.00 16.03 ? 152 LEU X C   1 
ATOM   1223 O O   . LEU A 1 152 ? -9.301  -4.340  -3.615  1.00 16.89 ? 152 LEU X O   1 
ATOM   1224 C CB  . LEU A 1 152 ? -9.547  -7.382  -3.999  1.00 16.30 ? 152 LEU X CB  1 
ATOM   1225 C CG  . LEU A 1 152 ? -9.232  -8.751  -4.563  1.00 17.43 ? 152 LEU X CG  1 
ATOM   1226 C CD1 . LEU A 1 152 ? -8.868  -9.687  -3.390  1.00 16.24 ? 152 LEU X CD1 1 
ATOM   1227 C CD2 . LEU A 1 152 ? -10.401 -9.287  -5.399  1.00 18.15 ? 152 LEU X CD2 1 
ATOM   1228 N N   . HIS A 1 153 ? -11.509 -4.767  -3.753  1.00 15.52 ? 153 HIS X N   1 
ATOM   1229 C CA  . HIS A 1 153 ? -11.846 -3.833  -2.682  1.00 15.53 ? 153 HIS X CA  1 
ATOM   1230 C C   . HIS A 1 153 ? -12.577 -4.633  -1.620  1.00 15.54 ? 153 HIS X C   1 
ATOM   1231 O O   . HIS A 1 153 ? -13.667 -5.145  -1.869  1.00 15.03 ? 153 HIS X O   1 
ATOM   1232 C CB  . HIS A 1 153 ? -12.704 -2.672  -3.197  1.00 15.93 ? 153 HIS X CB  1 
ATOM   1233 C CG  . HIS A 1 153 ? -13.014 -1.648  -2.150  1.00 16.74 ? 153 HIS X CG  1 
ATOM   1234 N ND1 . HIS A 1 153 ? -14.153 -0.863  -2.188  1.00 16.82 ? 153 HIS X ND1 1 
ATOM   1235 C CD2 . HIS A 1 153 ? -12.333 -1.272  -1.042  1.00 17.28 ? 153 HIS X CD2 1 
ATOM   1236 C CE1 . HIS A 1 153 ? -14.152 -0.046  -1.150  1.00 18.19 ? 153 HIS X CE1 1 
ATOM   1237 N NE2 . HIS A 1 153 ? -13.065 -0.279  -0.435  1.00 17.98 ? 153 HIS X NE2 1 
ATOM   1238 N N   . LEU A 1 154 ? -11.954 -4.742  -0.449  1.00 14.68 ? 154 LEU X N   1 
ATOM   1239 C CA  . LEU A 1 154 ? -12.469 -5.507  0.690   1.00 14.93 ? 154 LEU X CA  1 
ATOM   1240 C C   . LEU A 1 154 ? -12.894 -4.575  1.811   1.00 16.23 ? 154 LEU X C   1 
ATOM   1241 O O   . LEU A 1 154 ? -12.168 -3.637  2.137   1.00 15.12 ? 154 LEU X O   1 
ATOM   1242 C CB  . LEU A 1 154 ? -11.372 -6.453  1.212   1.00 15.27 ? 154 LEU X CB  1 
ATOM   1243 C CG  . LEU A 1 154 ? -10.787 -7.436  0.196   1.00 15.79 ? 154 LEU X CG  1 
ATOM   1244 C CD1 . LEU A 1 154 ? -9.879  -8.399  0.968   1.00 18.26 ? 154 LEU X CD1 1 
ATOM   1245 C CD2 . LEU A 1 154 ? -11.852 -8.199  -0.579  1.00 18.35 ? 154 LEU X CD2 1 
ATOM   1246 N N   . ILE A 1 155 ? -14.084 -4.818  2.374   1.00 17.14 ? 155 ILE X N   1 
ATOM   1247 C CA  . ILE A 1 155 ? -14.609 -3.996  3.481   1.00 18.88 ? 155 ILE X CA  1 
ATOM   1248 C C   . ILE A 1 155 ? -14.789 -4.881  4.704   1.00 19.74 ? 155 ILE X C   1 
ATOM   1249 O O   . ILE A 1 155 ? -15.291 -5.993  4.593   1.00 19.79 ? 155 ILE X O   1 
ATOM   1250 C CB  . ILE A 1 155 ? -15.952 -3.272  3.108   1.00 18.45 ? 155 ILE X CB  1 
ATOM   1251 C CG1 . ILE A 1 155 ? -15.754 -2.363  1.894   1.00 18.18 ? 155 ILE X CG1 1 
ATOM   1252 C CG2 . ILE A 1 155 ? -16.442 -2.400  4.282   1.00 19.85 ? 155 ILE X CG2 1 
ATOM   1253 C CD1 . ILE A 1 155 ? -17.043 -1.674  1.420   1.00 20.14 ? 155 ILE X CD1 1 
ATOM   1254 N N   . ARG A 1 156 ? -14.327 -4.402  5.859   1.00 21.63 ? 156 ARG X N   1 
ATOM   1255 C CA  . ARG A 1 156 ? -14.387 -5.190  7.081   1.00 24.17 ? 156 ARG X CA  1 
ATOM   1256 C C   . ARG A 1 156 ? -15.857 -5.476  7.389   1.00 25.22 ? 156 ARG X C   1 
ATOM   1257 O O   . ARG A 1 156 ? -16.672 -4.555  7.396   1.00 25.85 ? 156 ARG X O   1 
ATOM   1258 C CB  . ARG A 1 156 ? -13.717 -4.434  8.230   1.00 23.89 ? 156 ARG X CB  1 
ATOM   1259 C CG  . ARG A 1 156 ? -13.559 -5.246  9.518   1.00 25.73 ? 156 ARG X CG  1 
ATOM   1260 C CD  . ARG A 1 156 ? -12.998 -4.380  10.653  1.00 25.10 ? 156 ARG X CD  1 
ATOM   1261 N NE  . ARG A 1 156 ? -11.669 -3.849  10.333  1.00 26.24 ? 156 ARG X NE  1 
ATOM   1262 C CZ  . ARG A 1 156 ? -10.541 -4.558  10.345  1.00 26.00 ? 156 ARG X CZ  1 
ATOM   1263 N NH1 . ARG A 1 156 ? -10.544 -5.846  10.680  1.00 27.03 ? 156 ARG X NH1 1 
ATOM   1264 N NH2 . ARG A 1 156 ? -9.398  -3.964  10.023  1.00 24.39 ? 156 ARG X NH2 1 
ATOM   1265 N N   . LYS A 1 157 ? -16.186 -6.748  7.592   1.00 26.72 ? 157 LYS X N   1 
ATOM   1266 C CA  . LYS A 1 157 ? -17.553 -7.136  7.970   1.00 28.71 ? 157 LYS X CA  1 
ATOM   1267 C C   . LYS A 1 157 ? -17.870 -6.652  9.379   1.00 29.64 ? 157 LYS X C   1 
ATOM   1268 O O   . LYS A 1 157 ? -18.958 -6.121  9.610   1.00 30.88 ? 157 LYS X O   1 
ATOM   1269 C CB  . LYS A 1 157 ? -17.758 -8.648  7.883   1.00 28.72 ? 157 LYS X CB  1 
ATOM   1270 C CG  . LYS A 1 157 ? -17.658 -9.223  6.491   1.00 29.93 ? 157 LYS X CG  1 
ATOM   1271 C CD  . LYS A 1 157 ? -18.049 -10.691 6.484   1.00 31.59 ? 157 LYS X CD  1 
ATOM   1272 C CE  . LYS A 1 157 ? -17.582 -11.375 5.212   1.00 32.96 ? 157 LYS X CE  1 
ATOM   1273 N NZ  . LYS A 1 157 ? -17.765 -12.862 5.262   1.00 32.59 ? 157 LYS X NZ  1 
ATOM   1274 O OXT . LYS A 1 157 ? -17.063 -6.777  10.308  1.00 30.84 ? 157 LYS X OXT 1 
HETATM 1275 P PA  . NDP B 2 .   ? 8.499   -0.181  6.223   1.00 17.67 ? 207 NDP X PA  1 
HETATM 1276 O O1A . NDP B 2 .   ? 7.293   -0.639  6.906   1.00 17.45 ? 207 NDP X O1A 1 
HETATM 1277 O O2A . NDP B 2 .   ? 8.372   0.537   4.966   1.00 16.35 ? 207 NDP X O2A 1 
HETATM 1278 O O5B . NDP B 2 .   ? 9.418   0.725   7.203   1.00 17.47 ? 207 NDP X O5B 1 
HETATM 1279 C C5B . NDP B 2 .   ? 9.700   0.290   8.511   1.00 17.66 ? 207 NDP X C5B 1 
HETATM 1280 C C4B . NDP B 2 .   ? 10.136  1.553   9.232   1.00 19.40 ? 207 NDP X C4B 1 
HETATM 1281 O O4B . NDP B 2 .   ? 9.002   2.389   9.465   1.00 18.53 ? 207 NDP X O4B 1 
HETATM 1282 C C3B . NDP B 2 .   ? 10.751  1.296   10.594  1.00 17.42 ? 207 NDP X C3B 1 
HETATM 1283 O O3B . NDP B 2 .   ? 12.101  0.820   10.559  1.00 17.56 ? 207 NDP X O3B 1 
HETATM 1284 C C2B . NDP B 2 .   ? 10.560  2.658   11.251  1.00 18.54 ? 207 NDP X C2B 1 
HETATM 1285 O O2B . NDP B 2 .   ? 11.449  3.602   10.708  1.00 18.00 ? 207 NDP X O2B 1 
HETATM 1286 C C1B . NDP B 2 .   ? 9.188   3.050   10.699  1.00 19.09 ? 207 NDP X C1B 1 
HETATM 1287 N N9A . NDP B 2 .   ? 8.134   2.632   11.623  1.00 20.19 ? 207 NDP X N9A 1 
HETATM 1288 C C8A . NDP B 2 .   ? 7.247   1.589   11.462  1.00 19.89 ? 207 NDP X C8A 1 
HETATM 1289 N N7A . NDP B 2 .   ? 6.432   1.557   12.543  1.00 20.27 ? 207 NDP X N7A 1 
HETATM 1290 C C5A . NDP B 2 .   ? 6.793   2.566   13.390  1.00 20.83 ? 207 NDP X C5A 1 
HETATM 1291 C C6A . NDP B 2 .   ? 6.311   3.002   14.624  1.00 21.50 ? 207 NDP X C6A 1 
HETATM 1292 N N6A . NDP B 2 .   ? 5.292   2.408   15.255  1.00 21.23 ? 207 NDP X N6A 1 
HETATM 1293 N N1A . NDP B 2 .   ? 6.917   4.086   15.234  1.00 21.57 ? 207 NDP X N1A 1 
HETATM 1294 C C2A . NDP B 2 .   ? 7.965   4.744   14.624  1.00 20.86 ? 207 NDP X C2A 1 
HETATM 1295 N N3A . NDP B 2 .   ? 8.448   4.315   13.415  1.00 21.81 ? 207 NDP X N3A 1 
HETATM 1296 C C4A . NDP B 2 .   ? 7.863   3.243   12.807  1.00 20.63 ? 207 NDP X C4A 1 
HETATM 1297 O O3  . NDP B 2 .   ? 9.557   -1.356  5.977   1.00 15.74 ? 207 NDP X O3  1 
HETATM 1298 P PN  . NDP B 2 .   ? 9.466   -2.952  5.788   1.00 20.41 ? 207 NDP X PN  1 
HETATM 1299 O O1N . NDP B 2 .   ? 10.855  -3.497  5.649   1.00 16.34 ? 207 NDP X O1N 1 
HETATM 1300 O O2N . NDP B 2 .   ? 8.480   -3.509  6.709   1.00 18.96 ? 207 NDP X O2N 1 
HETATM 1301 O O5D . NDP B 2 .   ? 8.825   -3.026  4.307   1.00 19.79 ? 207 NDP X O5D 1 
HETATM 1302 C C5D . NDP B 2 .   ? 9.492   -2.638  3.116   1.00 14.82 ? 207 NDP X C5D 1 
HETATM 1303 C C4D . NDP B 2 .   ? 9.115   -3.499  1.903   1.00 20.05 ? 207 NDP X C4D 1 
HETATM 1304 O O4D . NDP B 2 .   ? 7.745   -3.358  1.532   1.00 17.99 ? 207 NDP X O4D 1 
HETATM 1305 C C3D . NDP B 2 .   ? 9.912   -3.089  0.657   1.00 18.22 ? 207 NDP X C3D 1 
HETATM 1306 O O3D . NDP B 2 .   ? 10.365  -4.243  -0.035  1.00 18.34 ? 207 NDP X O3D 1 
HETATM 1307 C C2D . NDP B 2 .   ? 8.933   -2.388  -0.270  1.00 19.47 ? 207 NDP X C2D 1 
HETATM 1308 O O2D . NDP B 2 .   ? 9.274   -2.591  -1.629  1.00 18.47 ? 207 NDP X O2D 1 
HETATM 1309 C C1D . NDP B 2 .   ? 7.672   -3.143  0.113   1.00 16.89 ? 207 NDP X C1D 1 
HETATM 1310 N N1N . NDP B 2 .   ? 6.391   -2.502  -0.240  1.00 16.85 ? 207 NDP X N1N 1 
HETATM 1311 C C2N . NDP B 2 .   ? 5.555   -3.188  -1.068  1.00 18.19 ? 207 NDP X C2N 1 
HETATM 1312 C C3N . NDP B 2 .   ? 4.323   -2.647  -1.392  1.00 16.63 ? 207 NDP X C3N 1 
HETATM 1313 C C7N . NDP B 2 .   ? 3.380   -3.441  -2.235  1.00 16.78 ? 207 NDP X C7N 1 
HETATM 1314 O O7N . NDP B 2 .   ? 2.086   -2.991  -2.278  1.00 16.86 ? 207 NDP X O7N 1 
HETATM 1315 N N7N . NDP B 2 .   ? 3.784   -4.531  -2.900  1.00 17.85 ? 207 NDP X N7N 1 
HETATM 1316 C C4N . NDP B 2 .   ? 3.921   -1.400  -0.890  1.00 18.31 ? 207 NDP X C4N 1 
HETATM 1317 C C5N . NDP B 2 .   ? 4.798   -0.715  -0.044  1.00 19.02 ? 207 NDP X C5N 1 
HETATM 1318 C C6N . NDP B 2 .   ? 6.015   -1.292  0.279   1.00 18.01 ? 207 NDP X C6N 1 
HETATM 1319 P P2B . NDP B 2 .   ? 12.855  4.014   11.460  1.00 18.56 ? 207 NDP X P2B 1 
HETATM 1320 O O1X . NDP B 2 .   ? 13.681  2.749   11.469  1.00 18.98 ? 207 NDP X O1X 1 
HETATM 1321 O O2X . NDP B 2 .   ? 13.417  5.105   10.605  1.00 17.87 ? 207 NDP X O2X 1 
HETATM 1322 O O3X . NDP B 2 .   ? 12.502  4.424   12.846  1.00 17.36 ? 207 NDP X O3X 1 
HETATM 1323 C C20 . 53R C 3 .   ? 3.494   4.742   -6.904  1.00 30.15 ? 158 53R X C20 1 
HETATM 1324 C C21 . 53R C 3 .   ? 3.027   4.904   -8.209  1.00 31.51 ? 158 53R X C21 1 
HETATM 1325 C C22 . 53R C 3 .   ? 3.775   5.655   -9.119  1.00 30.71 ? 158 53R X C22 1 
HETATM 1326 C C23 . 53R C 3 .   ? 4.983   6.237   -8.720  1.00 31.60 ? 158 53R X C23 1 
HETATM 1327 C C24 . 53R C 3 .   ? 5.454   6.081   -7.411  1.00 31.47 ? 158 53R X C24 1 
HETATM 1328 C C25 . 53R C 3 .   ? 4.700   5.333   -6.489  1.00 28.66 ? 158 53R X C25 1 
HETATM 1329 C C18 . 53R C 3 .   ? 5.148   5.131   -5.174  1.00 28.94 ? 158 53R X C18 1 
HETATM 1330 C C19 . 53R C 3 .   ? 5.227   3.808   -4.749  1.00 27.19 ? 158 53R X C19 1 
HETATM 1331 C C17 . 53R C 3 .   ? 5.531   6.151   -4.280  1.00 27.49 ? 158 53R X C17 1 
HETATM 1332 C C16 . 53R C 3 .   ? 5.987   5.832   -2.979  1.00 27.27 ? 158 53R X C16 1 
HETATM 1333 O O17 . 53R C 3 .   ? 6.335   6.827   -2.079  1.00 29.08 ? 158 53R X O17 1 
HETATM 1334 C C2  . 53R C 3 .   ? 7.727   7.168   -2.040  1.00 30.77 ? 158 53R X C2  1 
HETATM 1335 C C15 . 53R C 3 .   ? 6.039   4.486   -2.576  1.00 27.26 ? 158 53R X C15 1 
HETATM 1336 C C14 . 53R C 3 .   ? 5.652   3.467   -3.473  1.00 26.51 ? 158 53R X C14 1 
HETATM 1337 C C12 . 53R C 3 .   ? 5.688   1.928   -3.209  1.00 22.34 ? 158 53R X C12 1 
HETATM 1338 C C13 . 53R C 3 .   ? 6.519   1.476   -2.029  1.00 25.54 ? 158 53R X C13 1 
HETATM 1339 C C11 . 53R C 3 .   ? 4.316   1.344   -3.234  1.00 20.49 ? 158 53R X C11 1 
HETATM 1340 C C10 . 53R C 3 .   ? 3.230   0.827   -3.442  1.00 19.44 ? 158 53R X C10 1 
HETATM 1341 C C6  . 53R C 3 .   ? 2.010   0.192   -3.857  1.00 17.48 ? 158 53R X C6  1 
HETATM 1342 C C5  . 53R C 3 .   ? 1.856   -0.215  -5.185  1.00 17.88 ? 158 53R X C5  1 
HETATM 1343 C C8  . 53R C 3 .   ? 2.961   -0.025  -6.239  1.00 18.78 ? 158 53R X C8  1 
HETATM 1344 N N4  . 53R C 3 .   ? 0.715   -0.814  -5.575  1.00 16.67 ? 158 53R X N4  1 
HETATM 1345 C C3  . 53R C 3 .   ? -0.284  -0.975  -4.694  1.00 17.41 ? 158 53R X C3  1 
HETATM 1346 N N7  . 53R C 3 .   ? -1.397  -1.544  -5.123  1.00 17.46 ? 158 53R X N7  1 
HETATM 1347 N N2  . 53R C 3 .   ? -0.178  -0.588  -3.408  1.00 16.77 ? 158 53R X N2  1 
HETATM 1348 C C1  . 53R C 3 .   ? 0.959   0.002   -2.961  1.00 17.14 ? 158 53R X C1  1 
HETATM 1349 N N9  . 53R C 3 .   ? 1.063   0.361   -1.687  1.00 16.53 ? 158 53R X N9  1 
HETATM 1350 O O   . HOH D 4 .   ? -9.681  -0.945  -11.562 1.00 39.82 ? 159 HOH X O   1 
HETATM 1351 O O   . HOH D 4 .   ? -5.849  -15.317 8.951   1.00 40.16 ? 160 HOH X O   1 
HETATM 1352 O O   . HOH D 4 .   ? -6.699  -13.228 10.095  1.00 39.92 ? 161 HOH X O   1 
HETATM 1353 O O   . HOH D 4 .   ? -11.263 -1.519  -9.574  1.00 38.52 ? 162 HOH X O   1 
HETATM 1354 O O   . HOH D 4 .   ? -3.978  -14.919 4.091   1.00 27.67 ? 163 HOH X O   1 
HETATM 1355 O O   . HOH D 4 .   ? 3.273   -9.790  7.462   1.00 15.86 ? 164 HOH X O   1 
HETATM 1356 O O   . HOH D 4 .   ? -7.904  -2.601  -5.368  1.00 17.66 ? 165 HOH X O   1 
HETATM 1357 O O   . HOH D 4 .   ? -4.454  -1.979  -4.864  1.00 17.41 ? 166 HOH X O   1 
HETATM 1358 O O   . HOH D 4 .   ? -18.526 -9.097  -4.782  1.00 15.95 ? 167 HOH X O   1 
HETATM 1359 O O   . HOH D 4 .   ? -5.367  -10.230 -15.257 1.00 17.18 ? 168 HOH X O   1 
HETATM 1360 O O   . HOH D 4 .   ? 3.491   -12.386 7.639   1.00 19.58 ? 169 HOH X O   1 
HETATM 1361 O O   . HOH D 4 .   ? 9.708   -15.760 -0.828  1.00 17.89 ? 170 HOH X O   1 
HETATM 1362 O O   . HOH D 4 .   ? 9.795   16.014  6.273   1.00 33.79 ? 171 HOH X O   1 
HETATM 1363 O O   . HOH D 4 .   ? 5.751   -15.918 -3.475  1.00 15.73 ? 172 HOH X O   1 
HETATM 1364 O O   . HOH D 4 .   ? -12.344 3.659   0.785   1.00 21.16 ? 173 HOH X O   1 
HETATM 1365 O O   . HOH D 4 .   ? 2.825   -3.126  -8.700  1.00 22.19 ? 174 HOH X O   1 
HETATM 1366 O O   . HOH D 4 .   ? -12.054 -3.611  -7.418  1.00 18.25 ? 175 HOH X O   1 
HETATM 1367 O O   . HOH D 4 .   ? -15.531 -0.983  -4.667  1.00 19.78 ? 176 HOH X O   1 
HETATM 1368 O O   . HOH D 4 .   ? 7.570   8.964   -6.310  1.00 32.42 ? 177 HOH X O   1 
HETATM 1369 O O   . HOH D 4 .   ? -3.121  -4.638  13.265  1.00 25.14 ? 178 HOH X O   1 
HETATM 1370 O O   . HOH D 4 .   ? 17.463  0.425   7.983   1.00 21.07 ? 179 HOH X O   1 
HETATM 1371 O O   . HOH D 4 .   ? -10.343 -1.664  -6.116  1.00 21.10 ? 180 HOH X O   1 
HETATM 1372 O O   . HOH D 4 .   ? -8.700  -11.402 8.554   1.00 24.96 ? 181 HOH X O   1 
HETATM 1373 O O   . HOH D 4 .   ? 2.422   -12.392 -20.077 1.00 31.63 ? 182 HOH X O   1 
HETATM 1374 O O   . HOH D 4 .   ? 4.329   -6.404  -16.715 1.00 33.71 ? 183 HOH X O   1 
HETATM 1375 O O   . HOH D 4 .   ? -4.092  14.190  5.657   1.00 27.46 ? 184 HOH X O   1 
HETATM 1376 O O   . HOH D 4 .   ? -13.198 -8.407  -14.230 1.00 25.23 ? 185 HOH X O   1 
HETATM 1377 O O   . HOH D 4 .   ? 10.845  -13.830 -8.083  1.00 23.48 ? 186 HOH X O   1 
HETATM 1378 O O   . HOH D 4 .   ? 7.178   -16.750 -1.139  1.00 19.34 ? 187 HOH X O   1 
HETATM 1379 O O   . HOH D 4 .   ? 3.755   3.879   17.374  1.00 33.43 ? 188 HOH X O   1 
HETATM 1380 O O   . HOH D 4 .   ? 9.441   -0.143  -3.118  1.00 24.82 ? 189 HOH X O   1 
HETATM 1381 O O   . HOH D 4 .   ? -17.716 -11.249 -0.034  1.00 27.78 ? 190 HOH X O   1 
HETATM 1382 O O   . HOH D 4 .   ? -6.882  -11.668 -13.240 1.00 22.85 ? 191 HOH X O   1 
HETATM 1383 O O   . HOH D 4 .   ? 14.281  0.688   -4.555  1.00 29.79 ? 192 HOH X O   1 
HETATM 1384 O O   . HOH D 4 .   ? -7.539  -9.111  8.815   1.00 29.85 ? 193 HOH X O   1 
HETATM 1385 O O   . HOH D 4 .   ? -9.043  13.201  1.574   1.00 29.10 ? 194 HOH X O   1 
HETATM 1386 O O   . HOH D 4 .   ? 9.636   -0.493  -5.977  1.00 29.74 ? 195 HOH X O   1 
HETATM 1387 O O   . HOH D 4 .   ? 16.280  10.211  16.176  1.00 30.06 ? 196 HOH X O   1 
HETATM 1388 O O   . HOH D 4 .   ? -19.334 -4.212  3.122   1.00 38.51 ? 197 HOH X O   1 
HETATM 1389 O O   . HOH D 4 .   ? -15.952 -12.755 1.711   1.00 30.13 ? 198 HOH X O   1 
HETATM 1390 O O   . HOH D 4 .   ? -12.368 -11.134 -10.303 1.00 27.20 ? 199 HOH X O   1 
HETATM 1391 O O   . HOH D 4 .   ? 14.545  1.327   1.895   1.00 28.43 ? 200 HOH X O   1 
HETATM 1392 O O   . HOH D 4 .   ? -5.740  -12.509 -16.985 1.00 25.91 ? 201 HOH X O   1 
HETATM 1393 O O   . HOH D 4 .   ? 16.486  18.570  6.049   1.00 40.03 ? 202 HOH X O   1 
HETATM 1394 O O   . HOH D 4 .   ? 8.949   18.600  5.302   1.00 25.80 ? 203 HOH X O   1 
HETATM 1395 O O   . HOH D 4 .   ? 3.230   15.774  0.953   1.00 30.44 ? 204 HOH X O   1 
HETATM 1396 O O   . HOH D 4 .   ? -6.538  -12.850 -1.498  1.00 34.49 ? 205 HOH X O   1 
HETATM 1397 O O   . HOH D 4 .   ? 16.606  -1.740  9.734   1.00 32.23 ? 206 HOH X O   1 
HETATM 1398 O O   . HOH D 4 .   ? -8.257  -7.642  10.858  1.00 30.57 ? 208 HOH X O   1 
HETATM 1399 O O   . HOH D 4 .   ? 17.266  0.638   5.325   1.00 27.11 ? 209 HOH X O   1 
HETATM 1400 O O   . HOH D 4 .   ? -2.374  -12.012 10.330  1.00 31.81 ? 210 HOH X O   1 
HETATM 1401 O O   . HOH D 4 .   ? 12.057  2.419   14.762  1.00 28.49 ? 211 HOH X O   1 
HETATM 1402 O O   . HOH D 4 .   ? -11.821 -6.534  -16.218 1.00 21.17 ? 212 HOH X O   1 
HETATM 1403 O O   . HOH D 4 .   ? -6.236  13.002  2.797   1.00 30.67 ? 213 HOH X O   1 
HETATM 1404 O O   . HOH D 4 .   ? -5.403  0.604   -13.957 1.00 35.53 ? 214 HOH X O   1 
HETATM 1405 O O   . HOH D 4 .   ? -16.389 -4.503  12.121  1.00 46.47 ? 215 HOH X O   1 
HETATM 1406 O O   . HOH D 4 .   ? 5.139   -5.096  12.916  1.00 40.82 ? 216 HOH X O   1 
HETATM 1407 O O   . HOH D 4 .   ? 14.486  -4.610  5.781   1.00 24.79 ? 217 HOH X O   1 
HETATM 1408 O O   . HOH D 4 .   ? -3.546  7.234   -12.773 1.00 36.37 ? 218 HOH X O   1 
HETATM 1409 O O   . HOH D 4 .   ? 6.559   17.100  9.099   1.00 38.01 ? 219 HOH X O   1 
HETATM 1410 O O   . HOH D 4 .   ? -17.631 0.001   -2.209  1.00 28.27 ? 220 HOH X O   1 
HETATM 1411 O O   . HOH D 4 .   ? -0.601  -7.850  13.019  1.00 35.43 ? 221 HOH X O   1 
HETATM 1412 O O   . HOH D 4 .   ? 14.478  -6.678  -6.260  1.00 36.04 ? 222 HOH X O   1 
HETATM 1413 O O   . HOH D 4 .   ? 16.178  2.447   3.632   1.00 33.39 ? 223 HOH X O   1 
HETATM 1414 O O   . HOH D 4 .   ? 9.210   7.132   17.250  1.00 30.03 ? 224 HOH X O   1 
HETATM 1415 O O   . HOH D 4 .   ? 12.190  -11.325 -6.525  1.00 30.16 ? 225 HOH X O   1 
HETATM 1416 O O   . HOH D 4 .   ? -6.774  8.449   9.597   1.00 41.92 ? 226 HOH X O   1 
HETATM 1417 O O   . HOH D 4 .   ? 8.032   -6.404  10.164  1.00 31.27 ? 227 HOH X O   1 
HETATM 1418 O O   . HOH D 4 .   ? -10.199 7.513   -4.119  1.00 28.36 ? 228 HOH X O   1 
HETATM 1419 O O   . HOH D 4 .   ? 11.692  14.172  12.197  1.00 35.03 ? 229 HOH X O   1 
HETATM 1420 O O   . HOH D 4 .   ? 16.439  16.003  16.531  1.00 34.12 ? 230 HOH X O   1 
HETATM 1421 O O   . HOH D 4 .   ? 0.533   -0.092  -19.548 1.00 35.48 ? 231 HOH X O   1 
HETATM 1422 O O   . HOH D 4 .   ? -2.825  16.859  9.990   1.00 41.59 ? 232 HOH X O   1 
HETATM 1423 O O   . HOH D 4 .   ? -3.996  15.794  0.045   1.00 33.32 ? 233 HOH X O   1 
HETATM 1424 O O   . HOH D 4 .   ? -8.380  -9.459  -18.108 1.00 33.36 ? 234 HOH X O   1 
HETATM 1425 O O   . HOH D 4 .   ? -5.905  -15.276 -6.327  1.00 35.82 ? 235 HOH X O   1 
HETATM 1426 O O   . HOH D 4 .   ? -4.530  9.999   17.566  1.00 41.92 ? 236 HOH X O   1 
HETATM 1427 O O   . HOH D 4 .   ? 5.026   -2.620  -10.240 1.00 33.69 ? 237 HOH X O   1 
HETATM 1428 O O   . HOH D 4 .   ? -14.922 -8.640  10.204  1.00 29.04 ? 238 HOH X O   1 
HETATM 1429 O O   . HOH D 4 .   ? 11.134  9.538   17.637  1.00 39.88 ? 239 HOH X O   1 
HETATM 1430 O O   . HOH D 4 .   ? 17.739  -0.421  -0.190  1.00 34.68 ? 240 HOH X O   1 
HETATM 1431 O O   . HOH D 4 .   ? -12.132 -12.138 -6.475  1.00 36.33 ? 241 HOH X O   1 
HETATM 1432 O O   . HOH D 4 .   ? -20.149 -1.178  3.110   1.00 40.07 ? 242 HOH X O   1 
HETATM 1433 O O   . HOH D 4 .   ? 5.800   -2.667  -18.151 1.00 35.36 ? 243 HOH X O   1 
HETATM 1434 O O   . HOH D 4 .   ? 4.936   12.768  15.645  1.00 34.95 ? 244 HOH X O   1 
HETATM 1435 O O   . HOH D 4 .   ? 1.912   -4.209  15.741  1.00 54.39 ? 245 HOH X O   1 
HETATM 1436 O O   . HOH D 4 .   ? 2.440   -0.600  16.765  1.00 38.46 ? 246 HOH X O   1 
HETATM 1437 O O   . HOH D 4 .   ? 2.401   1.854   -19.690 1.00 49.29 ? 247 HOH X O   1 
HETATM 1438 O O   . HOH D 4 .   ? 16.286  1.617   -0.640  1.00 29.36 ? 248 HOH X O   1 
HETATM 1439 O O   . HOH D 4 .   ? -11.614 5.395   -2.358  1.00 31.97 ? 249 HOH X O   1 
HETATM 1440 O O   . HOH D 4 .   ? -9.911  -16.760 3.480   1.00 34.59 ? 250 HOH X O   1 
HETATM 1441 O O   . HOH D 4 .   ? 5.017   16.643  -2.097  1.00 36.18 ? 251 HOH X O   1 
HETATM 1442 O O   . HOH D 4 .   ? -13.848 -11.176 -12.433 1.00 26.81 ? 252 HOH X O   1 
HETATM 1443 O O   . HOH D 4 .   ? -6.704  -9.082  -20.182 1.00 33.36 ? 253 HOH X O   1 
HETATM 1444 O O   . HOH D 4 .   ? -6.283  -14.316 1.954   1.00 35.88 ? 254 HOH X O   1 
HETATM 1445 O O   . HOH D 4 .   ? 9.228   -5.825  8.049   1.00 40.60 ? 255 HOH X O   1 
HETATM 1446 O O   . HOH D 4 .   ? 11.826  -3.558  8.880   1.00 45.13 ? 256 HOH X O   1 
HETATM 1447 O O   . HOH D 4 .   ? 5.846   -18.028 1.043   1.00 19.19 ? 257 HOH X O   1 
HETATM 1448 O O   . HOH D 4 .   ? 16.917  17.972  14.796  1.00 21.45 ? 258 HOH X O   1 
HETATM 1449 O O   . HOH D 4 .   ? 9.855   0.520   13.938  1.00 36.05 ? 259 HOH X O   1 
HETATM 1450 O O   . HOH D 4 .   ? 5.922   -0.184  -19.300 1.00 48.70 ? 260 HOH X O   1 
HETATM 1451 O O   . HOH D 4 .   ? 12.591  -8.753  -7.399  1.00 28.55 ? 261 HOH X O   1 
HETATM 1452 O O   . HOH D 4 .   ? -16.450 2.064   -3.466  1.00 29.96 ? 262 HOH X O   1 
HETATM 1453 O O   . HOH D 4 .   ? 6.412   -20.834 0.674   1.00 33.44 ? 263 HOH X O   1 
HETATM 1454 O O   . HOH D 4 .   ? -3.738  -14.947 1.383   1.00 51.98 ? 264 HOH X O   1 
HETATM 1455 O O   . HOH D 4 .   ? 9.467   -10.762 5.862   1.00 30.76 ? 265 HOH X O   1 
HETATM 1456 O O   . HOH D 4 .   ? 6.471   4.584   17.908  1.00 31.20 ? 266 HOH X O   1 
HETATM 1457 O O   . HOH D 4 .   ? -14.020 2.811   -3.731  1.00 35.19 ? 267 HOH X O   1 
HETATM 1458 O O   . HOH D 4 .   ? -15.306 1.385   3.089   1.00 45.15 ? 268 HOH X O   1 
HETATM 1459 O O   . HOH D 4 .   ? -9.801  -12.580 -10.544 1.00 28.95 ? 269 HOH X O   1 
HETATM 1460 O O   . HOH D 4 .   ? 16.959  -6.997  -5.770  1.00 42.12 ? 270 HOH X O   1 
HETATM 1461 O O   . HOH D 4 .   ? -11.141 14.210  7.940   1.00 39.82 ? 271 HOH X O   1 
HETATM 1462 O O   . HOH D 4 .   ? -3.335  1.658   17.036  1.00 54.62 ? 272 HOH X O   1 
HETATM 1463 O O   . HOH D 4 .   ? -6.951  2.866   -12.705 1.00 42.32 ? 273 HOH X O   1 
HETATM 1464 O O   . HOH D 4 .   ? -6.618  -2.864  -16.659 1.00 35.91 ? 274 HOH X O   1 
HETATM 1465 O O   . HOH D 4 .   ? -20.076 -10.129 -0.489  1.00 91.03 ? 275 HOH X O   1 
HETATM 1466 O O   . HOH D 4 .   ? -7.583  -12.712 -6.647  1.00 38.84 ? 276 HOH X O   1 
HETATM 1467 O O   . HOH D 4 .   ? 10.031  -17.808 -4.140  1.00 43.39 ? 277 HOH X O   1 
HETATM 1468 O O   . HOH D 4 .   ? 13.291  -9.673  5.460   1.00 33.53 ? 278 HOH X O   1 
HETATM 1469 O O   . HOH D 4 .   ? -4.987  7.334   -14.967 1.00 45.04 ? 279 HOH X O   1 
HETATM 1470 O O   . HOH D 4 .   ? 2.488   3.445   -14.637 1.00 54.02 ? 280 HOH X O   1 
HETATM 1471 O O   . HOH D 4 .   ? -13.097 -0.790  10.968  1.00 45.53 ? 281 HOH X O   1 
HETATM 1472 O O   . HOH D 4 .   ? 17.615  3.886   -0.900  1.00 44.81 ? 282 HOH X O   1 
HETATM 1473 O O   . HOH D 4 .   ? -1.033  13.665  12.753  1.00 38.79 ? 283 HOH X O   1 
HETATM 1474 O O   . HOH D 4 .   ? 9.101   -17.804 -7.572  1.00 33.99 ? 284 HOH X O   1 
HETATM 1475 O O   . HOH D 4 .   ? 9.446   -2.856  -9.806  1.00 47.74 ? 285 HOH X O   1 
HETATM 1476 O O   . HOH D 4 .   ? 6.632   18.842  6.979   1.00 40.03 ? 286 HOH X O   1 
HETATM 1477 O O   . HOH D 4 .   ? 18.883  -9.380  0.605   1.00 34.06 ? 287 HOH X O   1 
HETATM 1478 O O   . HOH D 4 .   ? 12.287  0.109   -5.963  1.00 44.82 ? 288 HOH X O   1 
HETATM 1479 O O   . HOH D 4 .   ? 0.986   5.061   19.085  1.00 52.41 ? 289 HOH X O   1 
HETATM 1480 O O   . HOH D 4 .   ? 12.820  -4.191  3.597   1.00 22.16 ? 290 HOH X O   1 
HETATM 1481 O O   . HOH D 4 .   ? -5.262  -16.436 6.652   1.00 38.11 ? 291 HOH X O   1 
HETATM 1482 O O   . HOH D 4 .   ? -18.878 -4.280  5.836   1.00 40.63 ? 292 HOH X O   1 
HETATM 1483 O O   . HOH D 4 .   ? -5.275  -10.305 9.319   1.00 35.69 ? 293 HOH X O   1 
HETATM 1484 O O   . HOH D 4 .   ? 3.224   15.422  10.049  1.00 45.57 ? 294 HOH X O   1 
HETATM 1485 O O   . HOH D 4 .   ? 6.688   -0.482  -10.647 1.00 42.00 ? 295 HOH X O   1 
HETATM 1486 O O   . HOH D 4 .   ? -0.693  13.864  15.436  1.00 43.05 ? 296 HOH X O   1 
HETATM 1487 O O   . HOH D 4 .   ? 12.311  -6.565  -5.848  1.00 39.04 ? 297 HOH X O   1 
HETATM 1488 O O   . HOH D 4 .   ? -0.371  -8.516  -25.418 1.00 55.30 ? 298 HOH X O   1 
HETATM 1489 O O   . HOH D 4 .   ? 18.315  5.039   -3.389  1.00 35.71 ? 299 HOH X O   1 
HETATM 1490 O O   . HOH D 4 .   ? -3.283  -2.273  -19.909 1.00 40.17 ? 300 HOH X O   1 
HETATM 1491 O O   . HOH D 4 .   ? -7.840  0.809   -11.260 1.00 38.49 ? 301 HOH X O   1 
HETATM 1492 O O   . HOH D 4 .   ? 2.724   17.803  -5.706  1.00 40.89 ? 302 HOH X O   1 
HETATM 1493 O O   . HOH D 4 .   ? -11.644 8.923   -1.348  1.00 44.22 ? 303 HOH X O   1 
HETATM 1494 O O   . HOH D 4 .   ? 5.530   2.219   -15.120 1.00 53.15 ? 304 HOH X O   1 
HETATM 1495 O O   . HOH D 4 .   ? -9.129  -3.377  -15.018 1.00 38.85 ? 305 HOH X O   1 
HETATM 1496 O O   . HOH D 4 .   ? 7.143   -20.090 -4.304  1.00 41.74 ? 306 HOH X O   1 
HETATM 1497 O O   . HOH D 4 .   ? -19.405 -11.098 -3.129  1.00 37.59 ? 307 HOH X O   1 
HETATM 1498 O O   . HOH D 4 .   ? 0.794   -9.538  11.582  1.00 42.92 ? 308 HOH X O   1 
HETATM 1499 O O   . HOH D 4 .   ? 0.113   -12.415 11.503  1.00 42.26 ? 309 HOH X O   1 
HETATM 1500 O O   . HOH D 4 .   ? -0.703  -1.190  16.077  1.00 42.04 ? 310 HOH X O   1 
HETATM 1501 O O   . HOH D 4 .   ? 14.440  -10.390 -9.249  1.00 72.61 ? 311 HOH X O   1 
HETATM 1502 O O   . HOH D 4 .   ? 14.596  -12.458 -7.155  1.00 30.49 ? 312 HOH X O   1 
HETATM 1503 O O   . HOH D 4 .   ? -7.155  -13.992 -14.653 1.00 41.81 ? 313 HOH X O   1 
HETATM 1504 O O   . HOH D 4 .   ? 14.557  -13.985 -9.299  1.00 33.35 ? 314 HOH X O   1 
HETATM 1505 O O   . HOH D 4 .   ? 16.898  -9.827  -8.192  1.00 57.28 ? 315 HOH X O   1 
HETATM 1506 O O   . HOH D 4 .   ? -21.926 -10.775 -2.339  1.00 45.90 ? 316 HOH X O   1 
HETATM 1507 O O   . HOH D 4 .   ? 12.464  -5.533  1.171   1.00 19.58 ? 317 HOH X O   1 
HETATM 1508 O O   . HOH D 4 .   ? 5.321   -10.084 -16.920 0.50 34.21 ? 318 HOH X O   1 
# 
